data_6YQS
# 
_entry.id   6YQS 
# 
_audit_conform.dict_name       mmcif_pdbx.dic 
_audit_conform.dict_version    5.392 
_audit_conform.dict_location   http://mmcif.pdb.org/dictionaries/ascii/mmcif_pdbx.dic 
# 
loop_
_database_2.database_id 
_database_2.database_code 
_database_2.pdbx_database_accession 
_database_2.pdbx_DOI 
PDB   6YQS         pdb_00006yqs 10.2210/pdb6yqs/pdb 
WWPDB D_1292108127 ?            ?                   
# 
loop_
_pdbx_audit_revision_history.ordinal 
_pdbx_audit_revision_history.data_content_type 
_pdbx_audit_revision_history.major_revision 
_pdbx_audit_revision_history.minor_revision 
_pdbx_audit_revision_history.revision_date 
1 'Structure model' 1 0 2021-03-24 
2 'Structure model' 1 1 2024-05-15 
# 
_pdbx_audit_revision_details.ordinal             1 
_pdbx_audit_revision_details.revision_ordinal    1 
_pdbx_audit_revision_details.data_content_type   'Structure model' 
_pdbx_audit_revision_details.provider            repository 
_pdbx_audit_revision_details.type                'Initial release' 
_pdbx_audit_revision_details.description         ? 
_pdbx_audit_revision_details.details             ? 
# 
loop_
_pdbx_audit_revision_group.ordinal 
_pdbx_audit_revision_group.revision_ordinal 
_pdbx_audit_revision_group.data_content_type 
_pdbx_audit_revision_group.group 
1 2 'Structure model' 'Data collection'      
2 2 'Structure model' 'Database references'  
3 2 'Structure model' 'Derived calculations' 
# 
loop_
_pdbx_audit_revision_category.ordinal 
_pdbx_audit_revision_category.revision_ordinal 
_pdbx_audit_revision_category.data_content_type 
_pdbx_audit_revision_category.category 
1 2 'Structure model' atom_type      
2 2 'Structure model' chem_comp_atom 
3 2 'Structure model' chem_comp_bond 
4 2 'Structure model' database_2     
# 
loop_
_pdbx_audit_revision_item.ordinal 
_pdbx_audit_revision_item.revision_ordinal 
_pdbx_audit_revision_item.data_content_type 
_pdbx_audit_revision_item.item 
1 2 'Structure model' '_atom_type.pdbx_N_electrons'         
2 2 'Structure model' '_atom_type.pdbx_scat_Z'              
3 2 'Structure model' '_database_2.pdbx_DOI'                
4 2 'Structure model' '_database_2.pdbx_database_accession' 
# 
_pdbx_database_status.status_code                     REL 
_pdbx_database_status.status_code_sf                  REL 
_pdbx_database_status.status_code_mr                  ? 
_pdbx_database_status.entry_id                        6YQS 
_pdbx_database_status.recvd_initial_deposition_date   2020-04-18 
_pdbx_database_status.SG_entry                        N 
_pdbx_database_status.deposit_site                    PDBE 
_pdbx_database_status.process_site                    PDBE 
_pdbx_database_status.status_code_cs                  ? 
_pdbx_database_status.status_code_nmr_data            ? 
_pdbx_database_status.methods_development_category    ? 
_pdbx_database_status.pdb_format_compatible           N 
# 
_audit_author.name               'Chung, C.' 
_audit_author.pdbx_ordinal       1 
_audit_author.identifier_ORCID   0000-0002-2480-3110 
# 
_citation.abstract                  ? 
_citation.abstract_id_CAS           ? 
_citation.book_id_ISBN              ? 
_citation.book_publisher            ? 
_citation.book_publisher_city       ? 
_citation.book_title                ? 
_citation.coordinate_linkage        ? 
_citation.country                   US 
_citation.database_id_Medline       ? 
_citation.details                   ? 
_citation.id                        primary 
_citation.journal_abbrev            J.Med.Chem. 
_citation.journal_id_ASTM           JMCMAR 
_citation.journal_id_CSD            0151 
_citation.journal_id_ISSN           0022-2623 
_citation.journal_full              ? 
_citation.journal_issue             ? 
_citation.journal_volume            63 
_citation.language                  ? 
_citation.page_first                5816 
_citation.page_last                 5840 
_citation.title                     
;Application of Atypical Acetyl-lysine Methyl Mimetics in the Development of Selective Inhibitors of the Bromodomain-Containing Protein 7 (BRD7)/Bromodomain-Containing Protein 9 (BRD9) Bromodomains.
;
_citation.year                      2020 
_citation.database_id_CSD           ? 
_citation.pdbx_database_id_DOI      10.1021/acs.jmedchem.0c00075 
_citation.pdbx_database_id_PubMed   32410449 
_citation.unpublished_flag          ? 
# 
loop_
_citation_author.citation_id 
_citation_author.name 
_citation_author.ordinal 
_citation_author.identifier_ORCID 
primary 'Clegg, M.A.'       1  ?                   
primary 'Bamborough, P.'    2  0000-0001-9479-2894 
primary 'Chung, C.W.'       3  0000-0002-2480-3110 
primary 'Craggs, P.D.'      4  ?                   
primary 'Gordon, L.'        5  ?                   
primary 'Grandi, P.'        6  ?                   
primary 'Leveridge, M.'     7  ?                   
primary 'Lindon, M.'        8  ?                   
primary 'Liwicki, G.M.'     9  0000-0003-3508-8711 
primary 'Michon, A.M.'      10 ?                   
primary 'Molnar, J.'        11 ?                   
primary 'Rioja, I.'         12 ?                   
primary 'Soden, P.E.'       13 ?                   
primary 'Theodoulou, N.H.'  14 ?                   
primary 'Werner, T.'        15 ?                   
primary 'Tomkinson, N.C.O.' 16 0000-0002-5509-0133 
primary 'Prinjha, R.K.'     17 ?                   
primary 'Humphreys, P.G.'   18 0000-0002-8614-7155 
# 
loop_
_entity.id 
_entity.type 
_entity.src_method 
_entity.pdbx_description 
_entity.formula_weight 
_entity.pdbx_number_of_molecules 
_entity.pdbx_ec 
_entity.pdbx_mutation 
_entity.pdbx_fragment 
_entity.details 
1 polymer     man 'Bromodomain-containing protein 9'                                              12228.203 1   ? ? ? 
'2,4-dimethyl-5-((2-(4-methylpiperazin-1-yl)benzyl)amino)pyridazin-3(2H)-one' 
2 non-polymer syn '2,4-dimethyl-5-[[2-(4-methylpiperazin-1-yl)phenyl]methylamino]pyridazin-3-one' 327.424   1   ? ? ? ? 
3 water       nat water                                                                           18.015    204 ? ? ? ? 
# 
_entity_name_com.entity_id   1 
_entity_name_com.name        'Rhabdomyosarcoma antigen MU-RMS-40.8' 
# 
_entity_poly.entity_id                      1 
_entity_poly.type                           'polypeptide(L)' 
_entity_poly.nstd_linkage                   no 
_entity_poly.nstd_monomer                   no 
_entity_poly.pdbx_seq_one_letter_code       
;GAENESTPIQQLLEHFLRQLQRKDPHGFFAFPVTDAIAPGYSMIIKHPMDFGTMKDKIVANEYKSVTEFKADFKLMCDNA
MTYNRPDTVYYKLAKKILHAGFKMMS
;
_entity_poly.pdbx_seq_one_letter_code_can   
;GAENESTPIQQLLEHFLRQLQRKDPHGFFAFPVTDAIAPGYSMIIKHPMDFGTMKDKIVANEYKSVTEFKADFKLMCDNA
MTYNRPDTVYYKLAKKILHAGFKMMS
;
_entity_poly.pdbx_strand_id                 AAA 
_entity_poly.pdbx_target_identifier         ? 
# 
loop_
_pdbx_entity_nonpoly.entity_id 
_pdbx_entity_nonpoly.name 
_pdbx_entity_nonpoly.comp_id 
2 '2,4-dimethyl-5-[[2-(4-methylpiperazin-1-yl)phenyl]methylamino]pyridazin-3-one' P8Z 
3 water                                                                           HOH 
# 
loop_
_entity_poly_seq.entity_id 
_entity_poly_seq.num 
_entity_poly_seq.mon_id 
_entity_poly_seq.hetero 
1 1   GLY n 
1 2   ALA n 
1 3   GLU n 
1 4   ASN n 
1 5   GLU n 
1 6   SER n 
1 7   THR n 
1 8   PRO n 
1 9   ILE n 
1 10  GLN n 
1 11  GLN n 
1 12  LEU n 
1 13  LEU n 
1 14  GLU n 
1 15  HIS n 
1 16  PHE n 
1 17  LEU n 
1 18  ARG n 
1 19  GLN n 
1 20  LEU n 
1 21  GLN n 
1 22  ARG n 
1 23  LYS n 
1 24  ASP n 
1 25  PRO n 
1 26  HIS n 
1 27  GLY n 
1 28  PHE n 
1 29  PHE n 
1 30  ALA n 
1 31  PHE n 
1 32  PRO n 
1 33  VAL n 
1 34  THR n 
1 35  ASP n 
1 36  ALA n 
1 37  ILE n 
1 38  ALA n 
1 39  PRO n 
1 40  GLY n 
1 41  TYR n 
1 42  SER n 
1 43  MET n 
1 44  ILE n 
1 45  ILE n 
1 46  LYS n 
1 47  HIS n 
1 48  PRO n 
1 49  MET n 
1 50  ASP n 
1 51  PHE n 
1 52  GLY n 
1 53  THR n 
1 54  MET n 
1 55  LYS n 
1 56  ASP n 
1 57  LYS n 
1 58  ILE n 
1 59  VAL n 
1 60  ALA n 
1 61  ASN n 
1 62  GLU n 
1 63  TYR n 
1 64  LYS n 
1 65  SER n 
1 66  VAL n 
1 67  THR n 
1 68  GLU n 
1 69  PHE n 
1 70  LYS n 
1 71  ALA n 
1 72  ASP n 
1 73  PHE n 
1 74  LYS n 
1 75  LEU n 
1 76  MET n 
1 77  CYS n 
1 78  ASP n 
1 79  ASN n 
1 80  ALA n 
1 81  MET n 
1 82  THR n 
1 83  TYR n 
1 84  ASN n 
1 85  ARG n 
1 86  PRO n 
1 87  ASP n 
1 88  THR n 
1 89  VAL n 
1 90  TYR n 
1 91  TYR n 
1 92  LYS n 
1 93  LEU n 
1 94  ALA n 
1 95  LYS n 
1 96  LYS n 
1 97  ILE n 
1 98  LEU n 
1 99  HIS n 
1 100 ALA n 
1 101 GLY n 
1 102 PHE n 
1 103 LYS n 
1 104 MET n 
1 105 MET n 
1 106 SER n 
# 
_entity_src_gen.entity_id                          1 
_entity_src_gen.pdbx_src_id                        1 
_entity_src_gen.pdbx_alt_source_flag               sample 
_entity_src_gen.pdbx_seq_type                      'Biological sequence' 
_entity_src_gen.pdbx_beg_seq_num                   1 
_entity_src_gen.pdbx_end_seq_num                   106 
_entity_src_gen.gene_src_common_name               Human 
_entity_src_gen.gene_src_genus                     ? 
_entity_src_gen.pdbx_gene_src_gene                 'BRD9, UNQ3040/PRO9856' 
_entity_src_gen.gene_src_species                   ? 
_entity_src_gen.gene_src_strain                    ? 
_entity_src_gen.gene_src_tissue                    ? 
_entity_src_gen.gene_src_tissue_fraction           ? 
_entity_src_gen.gene_src_details                   ? 
_entity_src_gen.pdbx_gene_src_fragment             ? 
_entity_src_gen.pdbx_gene_src_scientific_name      'Homo sapiens' 
_entity_src_gen.pdbx_gene_src_ncbi_taxonomy_id     9606 
_entity_src_gen.pdbx_gene_src_variant              ? 
_entity_src_gen.pdbx_gene_src_cell_line            ? 
_entity_src_gen.pdbx_gene_src_atcc                 ? 
_entity_src_gen.pdbx_gene_src_organ                ? 
_entity_src_gen.pdbx_gene_src_organelle            ? 
_entity_src_gen.pdbx_gene_src_cell                 ? 
_entity_src_gen.pdbx_gene_src_cellular_location    ? 
_entity_src_gen.host_org_common_name               ? 
_entity_src_gen.pdbx_host_org_scientific_name      'Escherichia coli' 
_entity_src_gen.pdbx_host_org_ncbi_taxonomy_id     562 
_entity_src_gen.host_org_genus                     ? 
_entity_src_gen.pdbx_host_org_gene                 ? 
_entity_src_gen.pdbx_host_org_organ                ? 
_entity_src_gen.host_org_species                   ? 
_entity_src_gen.pdbx_host_org_tissue               ? 
_entity_src_gen.pdbx_host_org_tissue_fraction      ? 
_entity_src_gen.pdbx_host_org_strain               ? 
_entity_src_gen.pdbx_host_org_variant              ? 
_entity_src_gen.pdbx_host_org_cell_line            ? 
_entity_src_gen.pdbx_host_org_atcc                 ? 
_entity_src_gen.pdbx_host_org_culture_collection   ? 
_entity_src_gen.pdbx_host_org_cell                 ? 
_entity_src_gen.pdbx_host_org_organelle            ? 
_entity_src_gen.pdbx_host_org_cellular_location    ? 
_entity_src_gen.pdbx_host_org_vector_type          ? 
_entity_src_gen.pdbx_host_org_vector               ? 
_entity_src_gen.host_org_details                   ? 
_entity_src_gen.expression_system_id               ? 
_entity_src_gen.plasmid_name                       ? 
_entity_src_gen.plasmid_details                    ? 
_entity_src_gen.pdbx_description                   ? 
# 
loop_
_chem_comp.id 
_chem_comp.type 
_chem_comp.mon_nstd_flag 
_chem_comp.name 
_chem_comp.pdbx_synonyms 
_chem_comp.formula 
_chem_comp.formula_weight 
ALA 'L-peptide linking' y ALANINE                                                                         ? 'C3 H7 N O2'     
89.093  
ARG 'L-peptide linking' y ARGININE                                                                        ? 'C6 H15 N4 O2 1' 
175.209 
ASN 'L-peptide linking' y ASPARAGINE                                                                      ? 'C4 H8 N2 O3'    
132.118 
ASP 'L-peptide linking' y 'ASPARTIC ACID'                                                                 ? 'C4 H7 N O4'     
133.103 
CYS 'L-peptide linking' y CYSTEINE                                                                        ? 'C3 H7 N O2 S'   
121.158 
GLN 'L-peptide linking' y GLUTAMINE                                                                       ? 'C5 H10 N2 O3'   
146.144 
GLU 'L-peptide linking' y 'GLUTAMIC ACID'                                                                 ? 'C5 H9 N O4'     
147.129 
GLY 'peptide linking'   y GLYCINE                                                                         ? 'C2 H5 N O2'     
75.067  
HIS 'L-peptide linking' y HISTIDINE                                                                       ? 'C6 H10 N3 O2 1' 
156.162 
HOH non-polymer         . WATER                                                                           ? 'H2 O'           
18.015  
ILE 'L-peptide linking' y ISOLEUCINE                                                                      ? 'C6 H13 N O2'    
131.173 
LEU 'L-peptide linking' y LEUCINE                                                                         ? 'C6 H13 N O2'    
131.173 
LYS 'L-peptide linking' y LYSINE                                                                          ? 'C6 H15 N2 O2 1' 
147.195 
MET 'L-peptide linking' y METHIONINE                                                                      ? 'C5 H11 N O2 S'  
149.211 
P8Z non-polymer         . '2,4-dimethyl-5-[[2-(4-methylpiperazin-1-yl)phenyl]methylamino]pyridazin-3-one' 
dimethyl-methylpiperazinyl-benzyl-aminopyridazinone 'C18 H25 N5 O'   327.424 
PHE 'L-peptide linking' y PHENYLALANINE                                                                   ? 'C9 H11 N O2'    
165.189 
PRO 'L-peptide linking' y PROLINE                                                                         ? 'C5 H9 N O2'     
115.130 
SER 'L-peptide linking' y SERINE                                                                          ? 'C3 H7 N O3'     
105.093 
THR 'L-peptide linking' y THREONINE                                                                       ? 'C4 H9 N O3'     
119.119 
TYR 'L-peptide linking' y TYROSINE                                                                        ? 'C9 H11 N O3'    
181.189 
VAL 'L-peptide linking' y VALINE                                                                          ? 'C5 H11 N O2'    
117.146 
# 
loop_
_pdbx_poly_seq_scheme.asym_id 
_pdbx_poly_seq_scheme.entity_id 
_pdbx_poly_seq_scheme.seq_id 
_pdbx_poly_seq_scheme.mon_id 
_pdbx_poly_seq_scheme.ndb_seq_num 
_pdbx_poly_seq_scheme.pdb_seq_num 
_pdbx_poly_seq_scheme.auth_seq_num 
_pdbx_poly_seq_scheme.pdb_mon_id 
_pdbx_poly_seq_scheme.auth_mon_id 
_pdbx_poly_seq_scheme.pdb_strand_id 
_pdbx_poly_seq_scheme.pdb_ins_code 
_pdbx_poly_seq_scheme.hetero 
A 1 1   GLY 1   17  ?   ?   ?   AAA . n 
A 1 2   ALA 2   18  ?   ?   ?   AAA . n 
A 1 3   GLU 3   19  ?   ?   ?   AAA . n 
A 1 4   ASN 4   20  ?   ?   ?   AAA . n 
A 1 5   GLU 5   21  ?   ?   ?   AAA . n 
A 1 6   SER 6   22  22  SER SER AAA . n 
A 1 7   THR 7   23  23  THR THR AAA . n 
A 1 8   PRO 8   24  24  PRO PRO AAA . n 
A 1 9   ILE 9   25  25  ILE ILE AAA . n 
A 1 10  GLN 10  26  26  GLN GLN AAA . n 
A 1 11  GLN 11  27  27  GLN GLN AAA . n 
A 1 12  LEU 12  28  28  LEU LEU AAA . n 
A 1 13  LEU 13  29  29  LEU LEU AAA . n 
A 1 14  GLU 14  30  30  GLU GLU AAA . n 
A 1 15  HIS 15  31  31  HIS HIS AAA . n 
A 1 16  PHE 16  32  32  PHE PHE AAA . n 
A 1 17  LEU 17  33  33  LEU LEU AAA . n 
A 1 18  ARG 18  34  34  ARG ARG AAA . n 
A 1 19  GLN 19  35  35  GLN GLN AAA . n 
A 1 20  LEU 20  36  36  LEU LEU AAA . n 
A 1 21  GLN 21  37  37  GLN GLN AAA . n 
A 1 22  ARG 22  38  38  ARG ARG AAA . n 
A 1 23  LYS 23  39  39  LYS LYS AAA . n 
A 1 24  ASP 24  40  40  ASP ASP AAA . n 
A 1 25  PRO 25  41  41  PRO PRO AAA . n 
A 1 26  HIS 26  42  42  HIS HIS AAA . n 
A 1 27  GLY 27  43  43  GLY GLY AAA . n 
A 1 28  PHE 28  44  44  PHE PHE AAA . n 
A 1 29  PHE 29  45  45  PHE PHE AAA . n 
A 1 30  ALA 30  46  46  ALA ALA AAA . n 
A 1 31  PHE 31  47  47  PHE PHE AAA . n 
A 1 32  PRO 32  48  48  PRO PRO AAA . n 
A 1 33  VAL 33  49  49  VAL VAL AAA . n 
A 1 34  THR 34  50  50  THR THR AAA . n 
A 1 35  ASP 35  51  51  ASP ASP AAA . n 
A 1 36  ALA 36  52  52  ALA ALA AAA . n 
A 1 37  ILE 37  53  53  ILE ILE AAA . n 
A 1 38  ALA 38  54  54  ALA ALA AAA . n 
A 1 39  PRO 39  55  55  PRO PRO AAA . n 
A 1 40  GLY 40  56  56  GLY GLY AAA . n 
A 1 41  TYR 41  57  57  TYR TYR AAA . n 
A 1 42  SER 42  58  58  SER SER AAA . n 
A 1 43  MET 43  59  59  MET MET AAA . n 
A 1 44  ILE 44  60  60  ILE ILE AAA . n 
A 1 45  ILE 45  61  61  ILE ILE AAA . n 
A 1 46  LYS 46  62  62  LYS LYS AAA . n 
A 1 47  HIS 47  63  63  HIS HIS AAA . n 
A 1 48  PRO 48  64  64  PRO PRO AAA . n 
A 1 49  MET 49  65  65  MET MET AAA . n 
A 1 50  ASP 50  66  66  ASP ASP AAA . n 
A 1 51  PHE 51  67  67  PHE PHE AAA . n 
A 1 52  GLY 52  68  68  GLY GLY AAA . n 
A 1 53  THR 53  69  69  THR THR AAA . n 
A 1 54  MET 54  70  70  MET MET AAA . n 
A 1 55  LYS 55  71  71  LYS LYS AAA . n 
A 1 56  ASP 56  72  72  ASP ASP AAA . n 
A 1 57  LYS 57  73  73  LYS LYS AAA . n 
A 1 58  ILE 58  74  74  ILE ILE AAA . n 
A 1 59  VAL 59  75  75  VAL VAL AAA . n 
A 1 60  ALA 60  76  76  ALA ALA AAA . n 
A 1 61  ASN 61  77  77  ASN ASN AAA . n 
A 1 62  GLU 62  78  78  GLU GLU AAA . n 
A 1 63  TYR 63  79  79  TYR TYR AAA . n 
A 1 64  LYS 64  80  80  LYS LYS AAA . n 
A 1 65  SER 65  81  81  SER SER AAA . n 
A 1 66  VAL 66  82  82  VAL VAL AAA . n 
A 1 67  THR 67  83  83  THR THR AAA . n 
A 1 68  GLU 68  84  84  GLU GLU AAA . n 
A 1 69  PHE 69  85  85  PHE PHE AAA . n 
A 1 70  LYS 70  86  86  LYS LYS AAA . n 
A 1 71  ALA 71  87  87  ALA ALA AAA . n 
A 1 72  ASP 72  88  88  ASP ASP AAA . n 
A 1 73  PHE 73  89  89  PHE PHE AAA . n 
A 1 74  LYS 74  90  90  LYS LYS AAA . n 
A 1 75  LEU 75  91  91  LEU LEU AAA . n 
A 1 76  MET 76  92  92  MET MET AAA . n 
A 1 77  CYS 77  93  93  CYS CYS AAA . n 
A 1 78  ASP 78  94  94  ASP ASP AAA . n 
A 1 79  ASN 79  95  95  ASN ASN AAA . n 
A 1 80  ALA 80  96  96  ALA ALA AAA . n 
A 1 81  MET 81  97  97  MET MET AAA . n 
A 1 82  THR 82  98  98  THR THR AAA . n 
A 1 83  TYR 83  99  99  TYR TYR AAA . n 
A 1 84  ASN 84  100 100 ASN ASN AAA . n 
A 1 85  ARG 85  101 101 ARG ARG AAA . n 
A 1 86  PRO 86  102 102 PRO PRO AAA . n 
A 1 87  ASP 87  103 103 ASP ASP AAA . n 
A 1 88  THR 88  104 104 THR THR AAA . n 
A 1 89  VAL 89  105 105 VAL VAL AAA . n 
A 1 90  TYR 90  106 106 TYR TYR AAA . n 
A 1 91  TYR 91  107 107 TYR TYR AAA . n 
A 1 92  LYS 92  108 108 LYS LYS AAA . n 
A 1 93  LEU 93  109 109 LEU LEU AAA . n 
A 1 94  ALA 94  110 110 ALA ALA AAA . n 
A 1 95  LYS 95  111 111 LYS LYS AAA . n 
A 1 96  LYS 96  112 112 LYS LYS AAA . n 
A 1 97  ILE 97  113 113 ILE ILE AAA . n 
A 1 98  LEU 98  114 114 LEU LEU AAA . n 
A 1 99  HIS 99  115 115 HIS HIS AAA . n 
A 1 100 ALA 100 116 116 ALA ALA AAA . n 
A 1 101 GLY 101 117 117 GLY GLY AAA . n 
A 1 102 PHE 102 118 118 PHE PHE AAA . n 
A 1 103 LYS 103 119 119 LYS LYS AAA . n 
A 1 104 MET 104 120 120 MET MET AAA . n 
A 1 105 MET 105 121 121 MET MET AAA . n 
A 1 106 SER 106 122 122 SER SER AAA . n 
# 
loop_
_pdbx_nonpoly_scheme.asym_id 
_pdbx_nonpoly_scheme.entity_id 
_pdbx_nonpoly_scheme.mon_id 
_pdbx_nonpoly_scheme.ndb_seq_num 
_pdbx_nonpoly_scheme.pdb_seq_num 
_pdbx_nonpoly_scheme.auth_seq_num 
_pdbx_nonpoly_scheme.pdb_mon_id 
_pdbx_nonpoly_scheme.auth_mon_id 
_pdbx_nonpoly_scheme.pdb_strand_id 
_pdbx_nonpoly_scheme.pdb_ins_code 
B 2 P8Z 1   201 1   P8Z LIG AAA . 
C 3 HOH 1   301 99  HOH HOH AAA . 
C 3 HOH 2   302 67  HOH HOH AAA . 
C 3 HOH 3   303 206 HOH HOH AAA . 
C 3 HOH 4   304 171 HOH HOH AAA . 
C 3 HOH 5   305 202 HOH HOH AAA . 
C 3 HOH 6   306 133 HOH HOH AAA . 
C 3 HOH 7   307 28  HOH HOH AAA . 
C 3 HOH 8   308 147 HOH HOH AAA . 
C 3 HOH 9   309 77  HOH HOH AAA . 
C 3 HOH 10  310 116 HOH HOH AAA . 
C 3 HOH 11  311 162 HOH HOH AAA . 
C 3 HOH 12  312 194 HOH HOH AAA . 
C 3 HOH 13  313 112 HOH HOH AAA . 
C 3 HOH 14  314 129 HOH HOH AAA . 
C 3 HOH 15  315 185 HOH HOH AAA . 
C 3 HOH 16  316 195 HOH HOH AAA . 
C 3 HOH 17  317 70  HOH HOH AAA . 
C 3 HOH 18  318 6   HOH HOH AAA . 
C 3 HOH 19  319 113 HOH HOH AAA . 
C 3 HOH 20  320 37  HOH HOH AAA . 
C 3 HOH 21  321 76  HOH HOH AAA . 
C 3 HOH 22  322 20  HOH HOH AAA . 
C 3 HOH 23  323 52  HOH HOH AAA . 
C 3 HOH 24  324 146 HOH HOH AAA . 
C 3 HOH 25  325 191 HOH HOH AAA . 
C 3 HOH 26  326 59  HOH HOH AAA . 
C 3 HOH 27  327 122 HOH HOH AAA . 
C 3 HOH 28  328 31  HOH HOH AAA . 
C 3 HOH 29  329 186 HOH HOH AAA . 
C 3 HOH 30  330 3   HOH HOH AAA . 
C 3 HOH 31  331 45  HOH HOH AAA . 
C 3 HOH 32  332 188 HOH HOH AAA . 
C 3 HOH 33  333 33  HOH HOH AAA . 
C 3 HOH 34  334 160 HOH HOH AAA . 
C 3 HOH 35  335 4   HOH HOH AAA . 
C 3 HOH 36  336 128 HOH HOH AAA . 
C 3 HOH 37  337 16  HOH HOH AAA . 
C 3 HOH 38  338 139 HOH HOH AAA . 
C 3 HOH 39  339 29  HOH HOH AAA . 
C 3 HOH 40  340 115 HOH HOH AAA . 
C 3 HOH 41  341 107 HOH HOH AAA . 
C 3 HOH 42  342 154 HOH HOH AAA . 
C 3 HOH 43  343 15  HOH HOH AAA . 
C 3 HOH 44  344 18  HOH HOH AAA . 
C 3 HOH 45  345 193 HOH HOH AAA . 
C 3 HOH 46  346 9   HOH HOH AAA . 
C 3 HOH 47  347 69  HOH HOH AAA . 
C 3 HOH 48  348 72  HOH HOH AAA . 
C 3 HOH 49  349 155 HOH HOH AAA . 
C 3 HOH 50  350 47  HOH HOH AAA . 
C 3 HOH 51  351 11  HOH HOH AAA . 
C 3 HOH 52  352 42  HOH HOH AAA . 
C 3 HOH 53  353 5   HOH HOH AAA . 
C 3 HOH 54  354 25  HOH HOH AAA . 
C 3 HOH 55  355 83  HOH HOH AAA . 
C 3 HOH 56  356 161 HOH HOH AAA . 
C 3 HOH 57  357 8   HOH HOH AAA . 
C 3 HOH 58  358 19  HOH HOH AAA . 
C 3 HOH 59  359 12  HOH HOH AAA . 
C 3 HOH 60  360 75  HOH HOH AAA . 
C 3 HOH 61  361 55  HOH HOH AAA . 
C 3 HOH 62  362 56  HOH HOH AAA . 
C 3 HOH 63  363 80  HOH HOH AAA . 
C 3 HOH 64  364 111 HOH HOH AAA . 
C 3 HOH 65  365 74  HOH HOH AAA . 
C 3 HOH 66  366 7   HOH HOH AAA . 
C 3 HOH 67  367 22  HOH HOH AAA . 
C 3 HOH 68  368 117 HOH HOH AAA . 
C 3 HOH 69  369 54  HOH HOH AAA . 
C 3 HOH 70  370 66  HOH HOH AAA . 
C 3 HOH 71  371 203 HOH HOH AAA . 
C 3 HOH 72  372 105 HOH HOH AAA . 
C 3 HOH 73  373 63  HOH HOH AAA . 
C 3 HOH 74  374 10  HOH HOH AAA . 
C 3 HOH 75  375 158 HOH HOH AAA . 
C 3 HOH 76  376 57  HOH HOH AAA . 
C 3 HOH 77  377 110 HOH HOH AAA . 
C 3 HOH 78  378 73  HOH HOH AAA . 
C 3 HOH 79  379 178 HOH HOH AAA . 
C 3 HOH 80  380 21  HOH HOH AAA . 
C 3 HOH 81  381 71  HOH HOH AAA . 
C 3 HOH 82  382 1   HOH HOH AAA . 
C 3 HOH 83  383 24  HOH HOH AAA . 
C 3 HOH 84  384 64  HOH HOH AAA . 
C 3 HOH 85  385 79  HOH HOH AAA . 
C 3 HOH 86  386 205 HOH HOH AAA . 
C 3 HOH 87  387 2   HOH HOH AAA . 
C 3 HOH 88  388 106 HOH HOH AAA . 
C 3 HOH 89  389 13  HOH HOH AAA . 
C 3 HOH 90  390 134 HOH HOH AAA . 
C 3 HOH 91  391 200 HOH HOH AAA . 
C 3 HOH 92  392 159 HOH HOH AAA . 
C 3 HOH 93  393 98  HOH HOH AAA . 
C 3 HOH 94  394 62  HOH HOH AAA . 
C 3 HOH 95  395 53  HOH HOH AAA . 
C 3 HOH 96  396 81  HOH HOH AAA . 
C 3 HOH 97  397 174 HOH HOH AAA . 
C 3 HOH 98  398 101 HOH HOH AAA . 
C 3 HOH 99  399 165 HOH HOH AAA . 
C 3 HOH 100 400 184 HOH HOH AAA . 
C 3 HOH 101 401 51  HOH HOH AAA . 
C 3 HOH 102 402 87  HOH HOH AAA . 
C 3 HOH 103 403 48  HOH HOH AAA . 
C 3 HOH 104 404 26  HOH HOH AAA . 
C 3 HOH 105 405 179 HOH HOH AAA . 
C 3 HOH 106 406 38  HOH HOH AAA . 
C 3 HOH 107 407 197 HOH HOH AAA . 
C 3 HOH 108 408 17  HOH HOH AAA . 
C 3 HOH 109 409 34  HOH HOH AAA . 
C 3 HOH 110 410 41  HOH HOH AAA . 
C 3 HOH 111 411 166 HOH HOH AAA . 
C 3 HOH 112 412 192 HOH HOH AAA . 
C 3 HOH 113 413 90  HOH HOH AAA . 
C 3 HOH 114 414 169 HOH HOH AAA . 
C 3 HOH 115 415 149 HOH HOH AAA . 
C 3 HOH 116 416 190 HOH HOH AAA . 
C 3 HOH 117 417 131 HOH HOH AAA . 
C 3 HOH 118 418 150 HOH HOH AAA . 
C 3 HOH 119 419 187 HOH HOH AAA . 
C 3 HOH 120 420 151 HOH HOH AAA . 
C 3 HOH 121 421 140 HOH HOH AAA . 
C 3 HOH 122 422 163 HOH HOH AAA . 
C 3 HOH 123 423 183 HOH HOH AAA . 
C 3 HOH 124 424 124 HOH HOH AAA . 
C 3 HOH 125 425 136 HOH HOH AAA . 
C 3 HOH 126 426 170 HOH HOH AAA . 
C 3 HOH 127 427 142 HOH HOH AAA . 
C 3 HOH 128 428 189 HOH HOH AAA . 
C 3 HOH 129 429 141 HOH HOH AAA . 
C 3 HOH 130 430 49  HOH HOH AAA . 
C 3 HOH 131 431 198 HOH HOH AAA . 
C 3 HOH 132 432 58  HOH HOH AAA . 
C 3 HOH 133 433 104 HOH HOH AAA . 
C 3 HOH 134 434 138 HOH HOH AAA . 
C 3 HOH 135 435 88  HOH HOH AAA . 
C 3 HOH 136 436 39  HOH HOH AAA . 
C 3 HOH 137 437 135 HOH HOH AAA . 
C 3 HOH 138 438 180 HOH HOH AAA . 
C 3 HOH 139 439 82  HOH HOH AAA . 
C 3 HOH 140 440 35  HOH HOH AAA . 
C 3 HOH 141 441 100 HOH HOH AAA . 
C 3 HOH 142 442 46  HOH HOH AAA . 
C 3 HOH 143 443 23  HOH HOH AAA . 
C 3 HOH 144 444 207 HOH HOH AAA . 
C 3 HOH 145 445 102 HOH HOH AAA . 
C 3 HOH 146 446 30  HOH HOH AAA . 
C 3 HOH 147 447 204 HOH HOH AAA . 
C 3 HOH 148 448 130 HOH HOH AAA . 
C 3 HOH 149 449 89  HOH HOH AAA . 
C 3 HOH 150 450 103 HOH HOH AAA . 
C 3 HOH 151 451 93  HOH HOH AAA . 
C 3 HOH 152 452 156 HOH HOH AAA . 
C 3 HOH 153 453 97  HOH HOH AAA . 
C 3 HOH 154 454 127 HOH HOH AAA . 
C 3 HOH 155 455 43  HOH HOH AAA . 
C 3 HOH 156 456 182 HOH HOH AAA . 
C 3 HOH 157 457 123 HOH HOH AAA . 
C 3 HOH 158 458 201 HOH HOH AAA . 
C 3 HOH 159 459 60  HOH HOH AAA . 
C 3 HOH 160 460 168 HOH HOH AAA . 
C 3 HOH 161 461 40  HOH HOH AAA . 
C 3 HOH 162 462 68  HOH HOH AAA . 
C 3 HOH 163 463 144 HOH HOH AAA . 
C 3 HOH 164 464 153 HOH HOH AAA . 
C 3 HOH 165 465 114 HOH HOH AAA . 
C 3 HOH 166 466 92  HOH HOH AAA . 
C 3 HOH 167 467 85  HOH HOH AAA . 
C 3 HOH 168 468 196 HOH HOH AAA . 
C 3 HOH 169 469 172 HOH HOH AAA . 
C 3 HOH 170 470 126 HOH HOH AAA . 
C 3 HOH 171 471 78  HOH HOH AAA . 
C 3 HOH 172 472 65  HOH HOH AAA . 
C 3 HOH 173 473 44  HOH HOH AAA . 
C 3 HOH 174 474 14  HOH HOH AAA . 
C 3 HOH 175 475 27  HOH HOH AAA . 
C 3 HOH 176 476 50  HOH HOH AAA . 
C 3 HOH 177 477 32  HOH HOH AAA . 
C 3 HOH 178 478 120 HOH HOH AAA . 
C 3 HOH 179 479 152 HOH HOH AAA . 
C 3 HOH 180 480 164 HOH HOH AAA . 
C 3 HOH 181 481 36  HOH HOH AAA . 
C 3 HOH 182 482 125 HOH HOH AAA . 
C 3 HOH 183 483 94  HOH HOH AAA . 
C 3 HOH 184 484 96  HOH HOH AAA . 
C 3 HOH 185 485 84  HOH HOH AAA . 
C 3 HOH 186 486 119 HOH HOH AAA . 
C 3 HOH 187 487 208 HOH HOH AAA . 
C 3 HOH 188 488 95  HOH HOH AAA . 
C 3 HOH 189 489 157 HOH HOH AAA . 
C 3 HOH 190 490 148 HOH HOH AAA . 
C 3 HOH 191 491 176 HOH HOH AAA . 
C 3 HOH 192 492 209 HOH HOH AAA . 
C 3 HOH 193 493 137 HOH HOH AAA . 
C 3 HOH 194 494 132 HOH HOH AAA . 
C 3 HOH 195 495 118 HOH HOH AAA . 
C 3 HOH 196 496 143 HOH HOH AAA . 
C 3 HOH 197 497 121 HOH HOH AAA . 
C 3 HOH 198 498 181 HOH HOH AAA . 
C 3 HOH 199 499 199 HOH HOH AAA . 
C 3 HOH 200 500 108 HOH HOH AAA . 
C 3 HOH 201 501 61  HOH HOH AAA . 
C 3 HOH 202 502 86  HOH HOH AAA . 
C 3 HOH 203 503 109 HOH HOH AAA . 
C 3 HOH 204 504 167 HOH HOH AAA . 
# 
loop_
_software.citation_id 
_software.classification 
_software.compiler_name 
_software.compiler_version 
_software.contact_author 
_software.contact_author_email 
_software.date 
_software.description 
_software.dependencies 
_software.hardware 
_software.language 
_software.location 
_software.mods 
_software.name 
_software.os 
_software.os_version 
_software.type 
_software.version 
_software.pdbx_ordinal 
? refinement       ? ? ? ? ? ? ? ? ? ? ? REFMAC ? ? ? 5.8.0257 1 
? 'data reduction' ? ? ? ? ? ? ? ? ? ? ? MOSFLM ? ? ? .        2 
? 'data scaling'   ? ? ? ? ? ? ? ? ? ? ? SCALA  ? ? ? .        3 
# 
_cell.angle_alpha                  70.260 
_cell.angle_alpha_esd              ? 
_cell.angle_beta                   76.310 
_cell.angle_beta_esd               ? 
_cell.angle_gamma                  72.900 
_cell.angle_gamma_esd              ? 
_cell.entry_id                     6YQS 
_cell.details                      ? 
_cell.formula_units_Z              ? 
_cell.length_a                     24.589 
_cell.length_a_esd                 ? 
_cell.length_b                     33.867 
_cell.length_b_esd                 ? 
_cell.length_c                     39.523 
_cell.length_c_esd                 ? 
_cell.volume                       ? 
_cell.volume_esd                   ? 
_cell.Z_PDB                        1 
_cell.reciprocal_angle_alpha       ? 
_cell.reciprocal_angle_beta        ? 
_cell.reciprocal_angle_gamma       ? 
_cell.reciprocal_angle_alpha_esd   ? 
_cell.reciprocal_angle_beta_esd    ? 
_cell.reciprocal_angle_gamma_esd   ? 
_cell.reciprocal_length_a          ? 
_cell.reciprocal_length_b          ? 
_cell.reciprocal_length_c          ? 
_cell.reciprocal_length_a_esd      ? 
_cell.reciprocal_length_b_esd      ? 
_cell.reciprocal_length_c_esd      ? 
_cell.pdbx_unique_axis             ? 
# 
_symmetry.entry_id                         6YQS 
_symmetry.cell_setting                     ? 
_symmetry.Int_Tables_number                1 
_symmetry.space_group_name_Hall            ? 
_symmetry.space_group_name_H-M             'P 1' 
_symmetry.pdbx_full_space_group_name_H-M   ? 
# 
_exptl.absorpt_coefficient_mu     ? 
_exptl.absorpt_correction_T_max   ? 
_exptl.absorpt_correction_T_min   ? 
_exptl.absorpt_correction_type    ? 
_exptl.absorpt_process_details    ? 
_exptl.entry_id                   6YQS 
_exptl.crystals_number            1 
_exptl.details                    ? 
_exptl.method                     'X-RAY DIFFRACTION' 
_exptl.method_details             ? 
# 
_exptl_crystal.colour                      ? 
_exptl_crystal.density_diffrn              ? 
_exptl_crystal.density_Matthews            2.39 
_exptl_crystal.density_method              ? 
_exptl_crystal.density_percent_sol         48.60 
_exptl_crystal.description                 ? 
_exptl_crystal.F_000                       ? 
_exptl_crystal.id                          1 
_exptl_crystal.preparation                 ? 
_exptl_crystal.size_max                    ? 
_exptl_crystal.size_mid                    ? 
_exptl_crystal.size_min                    ? 
_exptl_crystal.size_rad                    ? 
_exptl_crystal.colour_lustre               ? 
_exptl_crystal.colour_modifier             ? 
_exptl_crystal.colour_primary              ? 
_exptl_crystal.density_meas                ? 
_exptl_crystal.density_meas_esd            ? 
_exptl_crystal.density_meas_gt             ? 
_exptl_crystal.density_meas_lt             ? 
_exptl_crystal.density_meas_temp           ? 
_exptl_crystal.density_meas_temp_esd       ? 
_exptl_crystal.density_meas_temp_gt        ? 
_exptl_crystal.density_meas_temp_lt        ? 
_exptl_crystal.pdbx_crystal_image_url      ? 
_exptl_crystal.pdbx_crystal_image_format   ? 
_exptl_crystal.pdbx_mosaicity              ? 
_exptl_crystal.pdbx_mosaicity_esd          ? 
# 
_exptl_crystal_grow.apparatus       ? 
_exptl_crystal_grow.atmosphere      ? 
_exptl_crystal_grow.crystal_id      1 
_exptl_crystal_grow.details         ? 
_exptl_crystal_grow.method          'VAPOR DIFFUSION, SITTING DROP' 
_exptl_crystal_grow.method_ref      ? 
_exptl_crystal_grow.pH              ? 
_exptl_crystal_grow.pressure        ? 
_exptl_crystal_grow.pressure_esd    ? 
_exptl_crystal_grow.seeding         ? 
_exptl_crystal_grow.seeding_ref     ? 
_exptl_crystal_grow.temp            277 
_exptl_crystal_grow.temp_details    ? 
_exptl_crystal_grow.temp_esd        ? 
_exptl_crystal_grow.time            ? 
_exptl_crystal_grow.pdbx_details    
'0.03M NaF, 0.03M NaI, 0.03M NaBr, 0.10M  morpheus buffer 3 (1M pH 8.5), 37.5%  morpheus MPD_P1K_3350' 
_exptl_crystal_grow.pdbx_pH_range   ? 
# 
_diffrn.ambient_environment              ? 
_diffrn.ambient_temp                     100 
_diffrn.ambient_temp_details             ? 
_diffrn.ambient_temp_esd                 ? 
_diffrn.crystal_id                       1 
_diffrn.crystal_support                  ? 
_diffrn.crystal_treatment                ? 
_diffrn.details                          ? 
_diffrn.id                               1 
_diffrn.ambient_pressure                 ? 
_diffrn.ambient_pressure_esd             ? 
_diffrn.ambient_pressure_gt              ? 
_diffrn.ambient_pressure_lt              ? 
_diffrn.ambient_temp_gt                  ? 
_diffrn.ambient_temp_lt                  ? 
_diffrn.pdbx_serial_crystal_experiment   N 
# 
_diffrn_detector.details                      ? 
_diffrn_detector.detector                     CCD 
_diffrn_detector.diffrn_id                    1 
_diffrn_detector.type                         'RIGAKU SATURN A200' 
_diffrn_detector.area_resol_mean              ? 
_diffrn_detector.dtime                        ? 
_diffrn_detector.pdbx_frames_total            ? 
_diffrn_detector.pdbx_collection_time_total   ? 
_diffrn_detector.pdbx_collection_date         2012-11-12 
_diffrn_detector.pdbx_frequency               ? 
# 
_diffrn_radiation.collimation                      ? 
_diffrn_radiation.diffrn_id                        1 
_diffrn_radiation.filter_edge                      ? 
_diffrn_radiation.inhomogeneity                    ? 
_diffrn_radiation.monochromator                    ? 
_diffrn_radiation.polarisn_norm                    ? 
_diffrn_radiation.polarisn_ratio                   ? 
_diffrn_radiation.probe                            ? 
_diffrn_radiation.type                             ? 
_diffrn_radiation.xray_symbol                      ? 
_diffrn_radiation.wavelength_id                    1 
_diffrn_radiation.pdbx_monochromatic_or_laue_m_l   M 
_diffrn_radiation.pdbx_wavelength_list             ? 
_diffrn_radiation.pdbx_wavelength                  ? 
_diffrn_radiation.pdbx_diffrn_protocol             'SINGLE WAVELENGTH' 
_diffrn_radiation.pdbx_analyzer                    ? 
_diffrn_radiation.pdbx_scattering_type             x-ray 
# 
_diffrn_radiation_wavelength.id           1 
_diffrn_radiation_wavelength.wavelength   1.541 
_diffrn_radiation_wavelength.wt           1.0 
# 
_diffrn_source.current                     ? 
_diffrn_source.details                     ? 
_diffrn_source.diffrn_id                   1 
_diffrn_source.power                       ? 
_diffrn_source.size                        ? 
_diffrn_source.source                      'ROTATING ANODE' 
_diffrn_source.target                      ? 
_diffrn_source.type                        'RIGAKU FR-E+ SUPERBRIGHT' 
_diffrn_source.voltage                     ? 
_diffrn_source.take-off_angle              ? 
_diffrn_source.pdbx_wavelength_list        1.541 
_diffrn_source.pdbx_wavelength             ? 
_diffrn_source.pdbx_synchrotron_beamline   ? 
_diffrn_source.pdbx_synchrotron_site       ? 
# 
_reflns.B_iso_Wilson_estimate            ? 
_reflns.entry_id                         6YQS 
_reflns.data_reduction_details           ? 
_reflns.data_reduction_method            ? 
_reflns.d_resolution_high                1.68 
_reflns.d_resolution_low                 36.77 
_reflns.details                          ? 
_reflns.limit_h_max                      ? 
_reflns.limit_h_min                      ? 
_reflns.limit_k_max                      ? 
_reflns.limit_k_min                      ? 
_reflns.limit_l_max                      ? 
_reflns.limit_l_min                      ? 
_reflns.number_all                       ? 
_reflns.number_obs                       11735 
_reflns.observed_criterion               ? 
_reflns.observed_criterion_F_max         ? 
_reflns.observed_criterion_F_min         ? 
_reflns.observed_criterion_I_max         ? 
_reflns.observed_criterion_I_min         ? 
_reflns.observed_criterion_sigma_F       ? 
_reflns.observed_criterion_sigma_I       ? 
_reflns.percent_possible_obs             91.3 
_reflns.R_free_details                   ? 
_reflns.Rmerge_F_all                     ? 
_reflns.Rmerge_F_obs                     ? 
_reflns.Friedel_coverage                 ? 
_reflns.number_gt                        ? 
_reflns.threshold_expression             ? 
_reflns.pdbx_redundancy                  2.2 
_reflns.pdbx_Rmerge_I_obs                0.017 
_reflns.pdbx_Rmerge_I_all                ? 
_reflns.pdbx_Rsym_value                  ? 
_reflns.pdbx_netI_over_av_sigmaI         ? 
_reflns.pdbx_netI_over_sigmaI            40.2 
_reflns.pdbx_res_netI_over_av_sigmaI_2   ? 
_reflns.pdbx_res_netI_over_sigmaI_2      ? 
_reflns.pdbx_chi_squared                 ? 
_reflns.pdbx_scaling_rejects             ? 
_reflns.pdbx_d_res_high_opt              ? 
_reflns.pdbx_d_res_low_opt               ? 
_reflns.pdbx_d_res_opt_method            ? 
_reflns.phase_calculation_details        ? 
_reflns.pdbx_Rrim_I_all                  ? 
_reflns.pdbx_Rpim_I_all                  ? 
_reflns.pdbx_d_opt                       ? 
_reflns.pdbx_number_measured_all         ? 
_reflns.pdbx_diffrn_id                   1 
_reflns.pdbx_ordinal                     1 
_reflns.pdbx_CC_half                     ? 
_reflns.pdbx_CC_star                     ? 
_reflns.pdbx_R_split                     ? 
# 
_reflns_shell.d_res_high                  1.68 
_reflns_shell.d_res_low                   1.77 
_reflns_shell.meanI_over_sigI_all         ? 
_reflns_shell.meanI_over_sigI_obs         20.6 
_reflns_shell.number_measured_all         ? 
_reflns_shell.number_measured_obs         ? 
_reflns_shell.number_possible             ? 
_reflns_shell.number_unique_all           ? 
_reflns_shell.number_unique_obs           1602 
_reflns_shell.percent_possible_all        84.3 
_reflns_shell.percent_possible_obs        ? 
_reflns_shell.Rmerge_F_all                ? 
_reflns_shell.Rmerge_F_obs                ? 
_reflns_shell.Rmerge_I_all                ? 
_reflns_shell.Rmerge_I_obs                0.032 
_reflns_shell.meanI_over_sigI_gt          ? 
_reflns_shell.meanI_over_uI_all           ? 
_reflns_shell.meanI_over_uI_gt            ? 
_reflns_shell.number_measured_gt          ? 
_reflns_shell.number_unique_gt            ? 
_reflns_shell.percent_possible_gt         ? 
_reflns_shell.Rmerge_F_gt                 ? 
_reflns_shell.Rmerge_I_gt                 ? 
_reflns_shell.pdbx_redundancy             1.9 
_reflns_shell.pdbx_Rsym_value             ? 
_reflns_shell.pdbx_chi_squared            ? 
_reflns_shell.pdbx_netI_over_sigmaI_all   ? 
_reflns_shell.pdbx_netI_over_sigmaI_obs   ? 
_reflns_shell.pdbx_Rrim_I_all             ? 
_reflns_shell.pdbx_Rpim_I_all             ? 
_reflns_shell.pdbx_rejects                ? 
_reflns_shell.pdbx_ordinal                1 
_reflns_shell.pdbx_diffrn_id              1 
_reflns_shell.pdbx_CC_half                ? 
_reflns_shell.pdbx_CC_star                ? 
_reflns_shell.pdbx_R_split                ? 
# 
_refine.aniso_B[1][1]                            -0.461 
_refine.aniso_B[1][2]                            -0.352 
_refine.aniso_B[1][3]                            0.294 
_refine.aniso_B[2][2]                            0.258 
_refine.aniso_B[2][3]                            -0.557 
_refine.aniso_B[3][3]                            -0.218 
_refine.B_iso_max                                ? 
_refine.B_iso_mean                               19.389 
_refine.B_iso_min                                ? 
_refine.correlation_coeff_Fo_to_Fc               0.961 
_refine.correlation_coeff_Fo_to_Fc_free          0.932 
_refine.details                                  'Hydrogens have been added in their riding positions' 
_refine.diff_density_max                         ? 
_refine.diff_density_max_esd                     ? 
_refine.diff_density_min                         ? 
_refine.diff_density_min_esd                     ? 
_refine.diff_density_rms                         ? 
_refine.diff_density_rms_esd                     ? 
_refine.entry_id                                 6YQS 
_refine.pdbx_refine_id                           'X-RAY DIFFRACTION' 
_refine.ls_abs_structure_details                 ? 
_refine.ls_abs_structure_Flack                   ? 
_refine.ls_abs_structure_Flack_esd               ? 
_refine.ls_abs_structure_Rogers                  ? 
_refine.ls_abs_structure_Rogers_esd              ? 
_refine.ls_d_res_high                            1.683 
_refine.ls_d_res_low                             28.015 
_refine.ls_extinction_coef                       ? 
_refine.ls_extinction_coef_esd                   ? 
_refine.ls_extinction_expression                 ? 
_refine.ls_extinction_method                     ? 
_refine.ls_goodness_of_fit_all                   ? 
_refine.ls_goodness_of_fit_all_esd               ? 
_refine.ls_goodness_of_fit_obs                   ? 
_refine.ls_goodness_of_fit_obs_esd               ? 
_refine.ls_hydrogen_treatment                    ? 
_refine.ls_matrix_type                           ? 
_refine.ls_number_constraints                    ? 
_refine.ls_number_parameters                     ? 
_refine.ls_number_reflns_all                     ? 
_refine.ls_number_reflns_obs                     11682 
_refine.ls_number_reflns_R_free                  573 
_refine.ls_number_reflns_R_work                  ? 
_refine.ls_number_restraints                     ? 
_refine.ls_percent_reflns_obs                    90.882 
_refine.ls_percent_reflns_R_free                 4.905 
_refine.ls_R_factor_all                          0.158 
_refine.ls_R_factor_obs                          ? 
_refine.ls_R_factor_R_free                       0.2007 
_refine.ls_R_factor_R_free_error                 ? 
_refine.ls_R_factor_R_free_error_details         ? 
_refine.ls_R_factor_R_work                       0.1556 
_refine.ls_R_Fsqd_factor_obs                     ? 
_refine.ls_R_I_factor_obs                        ? 
_refine.ls_redundancy_reflns_all                 ? 
_refine.ls_redundancy_reflns_obs                 ? 
_refine.ls_restrained_S_all                      ? 
_refine.ls_restrained_S_obs                      ? 
_refine.ls_shift_over_esd_max                    ? 
_refine.ls_shift_over_esd_mean                   ? 
_refine.ls_structure_factor_coef                 ? 
_refine.ls_weighting_details                     ? 
_refine.ls_weighting_scheme                      ? 
_refine.ls_wR_factor_all                         ? 
_refine.ls_wR_factor_obs                         ? 
_refine.ls_wR_factor_R_free                      ? 
_refine.ls_wR_factor_R_work                      ? 
_refine.occupancy_max                            ? 
_refine.occupancy_min                            ? 
_refine.solvent_model_details                    ? 
_refine.solvent_model_param_bsol                 ? 
_refine.solvent_model_param_ksol                 ? 
_refine.pdbx_R_complete                          ? 
_refine.ls_R_factor_gt                           ? 
_refine.ls_goodness_of_fit_gt                    ? 
_refine.ls_goodness_of_fit_ref                   ? 
_refine.ls_shift_over_su_max                     ? 
_refine.ls_shift_over_su_max_lt                  ? 
_refine.ls_shift_over_su_mean                    ? 
_refine.ls_shift_over_su_mean_lt                 ? 
_refine.pdbx_ls_sigma_I                          ? 
_refine.pdbx_ls_sigma_F                          ? 
_refine.pdbx_ls_sigma_Fsqd                       ? 
_refine.pdbx_data_cutoff_high_absF               ? 
_refine.pdbx_data_cutoff_high_rms_absF           ? 
_refine.pdbx_data_cutoff_low_absF                ? 
_refine.pdbx_isotropic_thermal_model             ? 
_refine.pdbx_ls_cross_valid_method               'FREE R-VALUE' 
_refine.pdbx_method_to_determine_struct          'FOURIER SYNTHESIS' 
_refine.pdbx_starting_model                      ? 
_refine.pdbx_stereochemistry_target_values       ? 
_refine.pdbx_R_Free_selection_details            ? 
_refine.pdbx_stereochem_target_val_spec_case     ? 
_refine.pdbx_overall_ESU_R                       0.108 
_refine.pdbx_overall_ESU_R_Free                  0.110 
_refine.pdbx_solvent_vdw_probe_radii             1.200 
_refine.pdbx_solvent_ion_probe_radii             0.800 
_refine.pdbx_solvent_shrinkage_radii             0.800 
_refine.pdbx_real_space_R                        ? 
_refine.pdbx_density_correlation                 ? 
_refine.pdbx_pd_number_of_powder_patterns        ? 
_refine.pdbx_pd_number_of_points                 ? 
_refine.pdbx_pd_meas_number_of_points            ? 
_refine.pdbx_pd_proc_ls_prof_R_factor            ? 
_refine.pdbx_pd_proc_ls_prof_wR_factor           ? 
_refine.pdbx_pd_Marquardt_correlation_coeff      ? 
_refine.pdbx_pd_Fsqrd_R_factor                   ? 
_refine.pdbx_pd_ls_matrix_band_width             ? 
_refine.pdbx_overall_phase_error                 ? 
_refine.pdbx_overall_SU_R_free_Cruickshank_DPI   ? 
_refine.pdbx_overall_SU_R_free_Blow_DPI          ? 
_refine.pdbx_overall_SU_R_Blow_DPI               ? 
_refine.pdbx_TLS_residual_ADP_flag               ? 
_refine.pdbx_diffrn_id                           1 
_refine.overall_SU_B                             1.664 
_refine.overall_SU_ML                            0.058 
_refine.overall_SU_R_Cruickshank_DPI             ? 
_refine.overall_SU_R_free                        ? 
_refine.overall_FOM_free_R_set                   ? 
_refine.overall_FOM_work_R_set                   ? 
_refine.pdbx_average_fsc_overall                 ? 
_refine.pdbx_average_fsc_work                    ? 
_refine.pdbx_average_fsc_free                    ? 
# 
_refine_hist.pdbx_refine_id                   'X-RAY DIFFRACTION' 
_refine_hist.cycle_id                         LAST 
_refine_hist.pdbx_number_atoms_protein        821 
_refine_hist.pdbx_number_atoms_nucleic_acid   0 
_refine_hist.pdbx_number_atoms_ligand         24 
_refine_hist.number_atoms_solvent             204 
_refine_hist.number_atoms_total               1049 
_refine_hist.d_res_high                       1.683 
_refine_hist.d_res_low                        28.015 
# 
loop_
_refine_ls_restr.pdbx_refine_id 
_refine_ls_restr.criterion 
_refine_ls_restr.dev_ideal 
_refine_ls_restr.dev_ideal_target 
_refine_ls_restr.number 
_refine_ls_restr.rejects 
_refine_ls_restr.type 
_refine_ls_restr.weight 
_refine_ls_restr.pdbx_restraint_function 
'X-RAY DIFFRACTION' ? 0.006  0.013  881  ? r_bond_refined_d               ? ? 
'X-RAY DIFFRACTION' ? 0.001  0.017  837  ? r_bond_other_d                 ? ? 
'X-RAY DIFFRACTION' ? 1.221  1.652  1188 ? r_angle_refined_deg            ? ? 
'X-RAY DIFFRACTION' ? 1.302  1.622  1949 ? r_angle_other_deg              ? ? 
'X-RAY DIFFRACTION' ? 4.151  5.000  104  ? r_dihedral_angle_1_deg         ? ? 
'X-RAY DIFFRACTION' ? 35.643 22.750 40   ? r_dihedral_angle_2_deg         ? ? 
'X-RAY DIFFRACTION' ? 11.418 15.000 161  ? r_dihedral_angle_3_deg         ? ? 
'X-RAY DIFFRACTION' ? 10.317 15.000 3    ? r_dihedral_angle_4_deg         ? ? 
'X-RAY DIFFRACTION' ? 0.064  0.200  112  ? r_chiral_restr                 ? ? 
'X-RAY DIFFRACTION' ? 0.005  0.020  944  ? r_gen_planes_refined           ? ? 
'X-RAY DIFFRACTION' ? 0.001  0.020  184  ? r_gen_planes_other             ? ? 
'X-RAY DIFFRACTION' ? 0.199  0.200  193  ? r_nbd_refined                  ? ? 
'X-RAY DIFFRACTION' ? 0.179  0.200  729  ? r_symmetry_nbd_other           ? ? 
'X-RAY DIFFRACTION' ? 0.175  0.200  431  ? r_nbtor_refined                ? ? 
'X-RAY DIFFRACTION' ? 0.082  0.200  298  ? r_symmetry_nbtor_other         ? ? 
'X-RAY DIFFRACTION' ? 0.161  0.200  140  ? r_xyhbond_nbd_refined          ? ? 
'X-RAY DIFFRACTION' ? 0.148  0.200  14   ? r_symmetry_nbd_refined         ? ? 
'X-RAY DIFFRACTION' ? 0.170  0.200  30   ? r_nbd_other                    ? ? 
'X-RAY DIFFRACTION' ? 0.246  0.200  16   ? r_symmetry_xyhbond_nbd_refined ? ? 
'X-RAY DIFFRACTION' ? 1.591  2.251  407  ? r_mcbond_it                    ? ? 
'X-RAY DIFFRACTION' ? 1.585  2.241  406  ? r_mcbond_other                 ? ? 
'X-RAY DIFFRACTION' ? 2.508  5.046  508  ? r_mcangle_it                   ? ? 
'X-RAY DIFFRACTION' ? 2.506  5.063  509  ? r_mcangle_other                ? ? 
'X-RAY DIFFRACTION' ? 2.230  2.562  474  ? r_scbond_it                    ? ? 
'X-RAY DIFFRACTION' ? 2.228  2.561  475  ? r_scbond_other                 ? ? 
'X-RAY DIFFRACTION' ? 3.555  5.575  678  ? r_scangle_it                   ? ? 
'X-RAY DIFFRACTION' ? 3.553  5.574  679  ? r_scangle_other                ? ? 
'X-RAY DIFFRACTION' ? 6.422  23.542 1130 ? r_lrange_it                    ? ? 
'X-RAY DIFFRACTION' ? 6.419  23.541 1131 ? r_lrange_other                 ? ? 
# 
loop_
_refine_ls_shell.pdbx_refine_id 
_refine_ls_shell.d_res_high 
_refine_ls_shell.d_res_low 
_refine_ls_shell.number_reflns_all 
_refine_ls_shell.number_reflns_obs 
_refine_ls_shell.number_reflns_R_free 
_refine_ls_shell.number_reflns_R_work 
_refine_ls_shell.percent_reflns_obs 
_refine_ls_shell.percent_reflns_R_free 
_refine_ls_shell.R_factor_all 
_refine_ls_shell.R_factor_obs 
_refine_ls_shell.R_factor_R_free 
_refine_ls_shell.R_factor_R_free_error 
_refine_ls_shell.R_factor_R_work 
_refine_ls_shell.redundancy_reflns_all 
_refine_ls_shell.redundancy_reflns_obs 
_refine_ls_shell.wR_factor_all 
_refine_ls_shell.wR_factor_obs 
_refine_ls_shell.wR_factor_R_free 
_refine_ls_shell.wR_factor_R_work 
_refine_ls_shell.pdbx_R_complete 
_refine_ls_shell.pdbx_total_number_of_bins_used 
_refine_ls_shell.pdbx_phase_error 
_refine_ls_shell.pdbx_fsc_work 
_refine_ls_shell.pdbx_fsc_free 
'X-RAY DIFFRACTION' 1.683 1.727  944 . 36 730 81.1441 . 0.147 . 0.164 . 0.147 . . . . . 0.127 . 20 . 0.969 0.970 
'X-RAY DIFFRACTION' 1.727 1.774  946 . 35 782 86.3636 . 0.169 . 0.258 . 0.166 . . . . . 0.152 . 20 . 0.955 0.907 
'X-RAY DIFFRACTION' 1.774 1.825  885 . 40 740 88.1356 . 0.168 . 0.204 . 0.166 . . . . . 0.156 . 20 . 0.948 0.921 
'X-RAY DIFFRACTION' 1.825 1.881  914 . 40 781 89.8249 . 0.178 . 0.193 . 0.177 . . . . . 0.168 . 20 . 0.944 0.944 
'X-RAY DIFFRACTION' 1.881 1.943  789 . 34 669 89.1001 . 0.172 . 0.264 . 0.168 . . . . . 0.161 . 20 . 0.944 0.915 
'X-RAY DIFFRACTION' 1.943 2.011  826 . 37 701 89.3462 . 0.179 . 0.207 . 0.177 . . . . . 0.179 . 20 . 0.947 0.940 
'X-RAY DIFFRACTION' 2.011 2.086  798 . 40 688 91.2281 . 0.161 . 0.213 . 0.158 . . . . . 0.159 . 20 . 0.956 0.932 
'X-RAY DIFFRACTION' 2.086 2.171  754 . 39 643 90.4509 . 0.155 . 0.191 . 0.152 . . . . . 0.157 . 20 . 0.958 0.946 
'X-RAY DIFFRACTION' 2.171 2.267  734 . 29 645 91.8256 . 0.161 . 0.213 . 0.159 . . . . . 0.168 . 20 . 0.955 0.938 
'X-RAY DIFFRACTION' 2.267 2.377  691 . 29 597 90.5933 . 0.154 . 0.240 . 0.150 . . . . . 0.163 . 20 . 0.956 0.937 
'X-RAY DIFFRACTION' 2.377 2.504  669 . 34 587 92.8251 . 0.163 . 0.216 . 0.160 . . . . . 0.175 . 20 . 0.956 0.933 
'X-RAY DIFFRACTION' 2.504 2.655  620 . 36 544 93.5484 . 0.158 . 0.230 . 0.153 . . . . . 0.165 . 20 . 0.956 0.938 
'X-RAY DIFFRACTION' 2.655 2.836  602 . 26 539 93.8538 . 0.141 . 0.213 . 0.138 . . . . . 0.159 . 20 . 0.965 0.948 
'X-RAY DIFFRACTION' 2.836 3.061  550 . 18 501 94.3636 . 0.139 . 0.137 . 0.139 . . . . . 0.158 . 20 . 0.964 0.967 
'X-RAY DIFFRACTION' 3.061 3.349  494 . 24 450 95.9514 . 0.148 . 0.138 . 0.148 . . . . . 0.174 . 20 . 0.962 0.966 
'X-RAY DIFFRACTION' 3.349 3.738  461 . 26 417 96.0954 . 0.138 . 0.173 . 0.136 . . . . . 0.164 . 20 . 0.970 0.954 
'X-RAY DIFFRACTION' 3.738 4.303  410 . 26 376 98.0488 . 0.145 . 0.219 . 0.141 . . . . . 0.169 . 20 . 0.970 0.938 
'X-RAY DIFFRACTION' 4.303 5.239  340 . 10 319 96.7647 . 0.156 . 0.194 . 0.155 . . . . . 0.191 . 20 . 0.965 0.940 
'X-RAY DIFFRACTION' 5.239 7.283  267 . 10 250 97.3783 . 0.196 . 0.189 . 0.197 . . . . . 0.224 . 20 . 0.937 0.960 
'X-RAY DIFFRACTION' 7.283 28.015 158 . 4  150 97.4684 . 0.216 . 0.220 . 0.216 . . . . . 0.269 . 20 . 0.934 0.949 
# 
_struct.entry_id                     6YQS 
_struct.title                        'BRD9 with methylpiperazinyl-benzyl-amino-dimethylpyridazinone' 
_struct.pdbx_model_details           ? 
_struct.pdbx_formula_weight          ? 
_struct.pdbx_formula_weight_method   ? 
_struct.pdbx_model_type_details      ? 
_struct.pdbx_CASP_flag               N 
# 
_struct_keywords.entry_id        6YQS 
_struct_keywords.text            'BRD9, INHIBITOR, HISTONE, EPIGENETIC READER, BROMODOMAIN, TRANSCRIPTION' 
_struct_keywords.pdbx_keywords   TRANSCRIPTION 
# 
loop_
_struct_asym.id 
_struct_asym.pdbx_blank_PDB_chainid_flag 
_struct_asym.pdbx_modified 
_struct_asym.entity_id 
_struct_asym.details 
A N N 1 ? 
B N N 2 ? 
C N N 3 ? 
# 
_struct_ref.id                         1 
_struct_ref.db_name                    UNP 
_struct_ref.db_code                    BRD9_HUMAN 
_struct_ref.pdbx_db_accession          Q9H8M2 
_struct_ref.pdbx_db_isoform            ? 
_struct_ref.entity_id                  1 
_struct_ref.pdbx_seq_one_letter_code   
;AENESTPIQQLLEHFLRQLQRKDPHGFFAFPVTDAIAPGYSMIIKHPMDFGTMKDKIVANEYKSVTEFKADFKLMCDNAM
TYNRPDTVYYKLAKKILHAGFKMMS
;
_struct_ref.pdbx_align_begin           134 
# 
_struct_ref_seq.align_id                      1 
_struct_ref_seq.ref_id                        1 
_struct_ref_seq.pdbx_PDB_id_code              6YQS 
_struct_ref_seq.pdbx_strand_id                AAA 
_struct_ref_seq.seq_align_beg                 2 
_struct_ref_seq.pdbx_seq_align_beg_ins_code   ? 
_struct_ref_seq.seq_align_end                 106 
_struct_ref_seq.pdbx_seq_align_end_ins_code   ? 
_struct_ref_seq.pdbx_db_accession             Q9H8M2 
_struct_ref_seq.db_align_beg                  134 
_struct_ref_seq.pdbx_db_align_beg_ins_code    ? 
_struct_ref_seq.db_align_end                  238 
_struct_ref_seq.pdbx_db_align_end_ins_code    ? 
_struct_ref_seq.pdbx_auth_seq_align_beg       18 
_struct_ref_seq.pdbx_auth_seq_align_end       122 
# 
_struct_ref_seq_dif.align_id                     1 
_struct_ref_seq_dif.pdbx_pdb_id_code             6YQS 
_struct_ref_seq_dif.mon_id                       GLY 
_struct_ref_seq_dif.pdbx_pdb_strand_id           AAA 
_struct_ref_seq_dif.seq_num                      1 
_struct_ref_seq_dif.pdbx_pdb_ins_code            ? 
_struct_ref_seq_dif.pdbx_seq_db_name             UNP 
_struct_ref_seq_dif.pdbx_seq_db_accession_code   Q9H8M2 
_struct_ref_seq_dif.db_mon_id                    ? 
_struct_ref_seq_dif.pdbx_seq_db_seq_num          ? 
_struct_ref_seq_dif.details                      'expression tag' 
_struct_ref_seq_dif.pdbx_auth_seq_num            17 
_struct_ref_seq_dif.pdbx_ordinal                 1 
# 
_pdbx_struct_assembly.id                   1 
_pdbx_struct_assembly.details              author_and_software_defined_assembly 
_pdbx_struct_assembly.method_details       PISA 
_pdbx_struct_assembly.oligomeric_details   monomeric 
_pdbx_struct_assembly.oligomeric_count     1 
# 
loop_
_pdbx_struct_assembly_prop.biol_id 
_pdbx_struct_assembly_prop.type 
_pdbx_struct_assembly_prop.value 
_pdbx_struct_assembly_prop.details 
1 'ABSA (A^2)' 0    ? 
1 MORE         0    ? 
1 'SSA (A^2)'  6110 ? 
# 
_pdbx_struct_assembly_gen.assembly_id       1 
_pdbx_struct_assembly_gen.oper_expression   1 
_pdbx_struct_assembly_gen.asym_id_list      A,B,C 
# 
_pdbx_struct_assembly_auth_evidence.id                     1 
_pdbx_struct_assembly_auth_evidence.assembly_id            1 
_pdbx_struct_assembly_auth_evidence.experimental_support   'gel filtration' 
_pdbx_struct_assembly_auth_evidence.details                ? 
# 
_pdbx_struct_oper_list.id                   1 
_pdbx_struct_oper_list.type                 'identity operation' 
_pdbx_struct_oper_list.name                 1_555 
_pdbx_struct_oper_list.symmetry_operation   x,y,z 
_pdbx_struct_oper_list.matrix[1][1]         1.0000000000 
_pdbx_struct_oper_list.matrix[1][2]         0.0000000000 
_pdbx_struct_oper_list.matrix[1][3]         0.0000000000 
_pdbx_struct_oper_list.vector[1]            0.0000000000 
_pdbx_struct_oper_list.matrix[2][1]         0.0000000000 
_pdbx_struct_oper_list.matrix[2][2]         1.0000000000 
_pdbx_struct_oper_list.matrix[2][3]         0.0000000000 
_pdbx_struct_oper_list.vector[2]            0.0000000000 
_pdbx_struct_oper_list.matrix[3][1]         0.0000000000 
_pdbx_struct_oper_list.matrix[3][2]         0.0000000000 
_pdbx_struct_oper_list.matrix[3][3]         1.0000000000 
_pdbx_struct_oper_list.vector[3]            0.0000000000 
# 
loop_
_struct_conf.conf_type_id 
_struct_conf.id 
_struct_conf.pdbx_PDB_helix_id 
_struct_conf.beg_label_comp_id 
_struct_conf.beg_label_asym_id 
_struct_conf.beg_label_seq_id 
_struct_conf.pdbx_beg_PDB_ins_code 
_struct_conf.end_label_comp_id 
_struct_conf.end_label_asym_id 
_struct_conf.end_label_seq_id 
_struct_conf.pdbx_end_PDB_ins_code 
_struct_conf.beg_auth_comp_id 
_struct_conf.beg_auth_asym_id 
_struct_conf.beg_auth_seq_id 
_struct_conf.end_auth_comp_id 
_struct_conf.end_auth_asym_id 
_struct_conf.end_auth_seq_id 
_struct_conf.pdbx_PDB_helix_class 
_struct_conf.details 
_struct_conf.pdbx_PDB_helix_length 
HELX_P HELX_P1 AA1 THR A 7  ? LYS A 23  ? THR AAA 23  LYS AAA 39  1 ? 17 
HELX_P HELX_P2 AA2 GLY A 40 ? ILE A 45  ? GLY AAA 56  ILE AAA 61  1 ? 6  
HELX_P HELX_P3 AA3 ASP A 50 ? ALA A 60  ? ASP AAA 66  ALA AAA 76  1 ? 11 
HELX_P HELX_P4 AA4 SER A 65 ? ASN A 84  ? SER AAA 81  ASN AAA 100 1 ? 20 
HELX_P HELX_P5 AA5 THR A 88 ? MET A 105 ? THR AAA 104 MET AAA 121 1 ? 18 
# 
_struct_conf_type.id          HELX_P 
_struct_conf_type.criteria    ? 
_struct_conf_type.reference   ? 
# 
_pdbx_validate_symm_contact.id                1 
_pdbx_validate_symm_contact.PDB_model_num     1 
_pdbx_validate_symm_contact.auth_atom_id_1    O 
_pdbx_validate_symm_contact.auth_asym_id_1    AAA 
_pdbx_validate_symm_contact.auth_comp_id_1    HOH 
_pdbx_validate_symm_contact.auth_seq_id_1     303 
_pdbx_validate_symm_contact.PDB_ins_code_1    ? 
_pdbx_validate_symm_contact.label_alt_id_1    ? 
_pdbx_validate_symm_contact.site_symmetry_1   1_555 
_pdbx_validate_symm_contact.auth_atom_id_2    O 
_pdbx_validate_symm_contact.auth_asym_id_2    AAA 
_pdbx_validate_symm_contact.auth_comp_id_2    HOH 
_pdbx_validate_symm_contact.auth_seq_id_2     387 
_pdbx_validate_symm_contact.PDB_ins_code_2    ? 
_pdbx_validate_symm_contact.label_alt_id_2    ? 
_pdbx_validate_symm_contact.site_symmetry_2   1_455 
_pdbx_validate_symm_contact.dist              2.09 
# 
_pdbx_entry_details.entry_id                 6YQS 
_pdbx_entry_details.has_ligand_of_interest   Y 
_pdbx_entry_details.compound_details         ? 
_pdbx_entry_details.source_details           ? 
_pdbx_entry_details.nonpolymer_details       ? 
_pdbx_entry_details.sequence_details         ? 
# 
_pdbx_distant_solvent_atoms.id                                1 
_pdbx_distant_solvent_atoms.PDB_model_num                     1 
_pdbx_distant_solvent_atoms.auth_atom_id                      O 
_pdbx_distant_solvent_atoms.label_alt_id                      ? 
_pdbx_distant_solvent_atoms.auth_asym_id                      AAA 
_pdbx_distant_solvent_atoms.auth_comp_id                      HOH 
_pdbx_distant_solvent_atoms.auth_seq_id                       504 
_pdbx_distant_solvent_atoms.PDB_ins_code                      ? 
_pdbx_distant_solvent_atoms.neighbor_macromolecule_distance   5.90 
_pdbx_distant_solvent_atoms.neighbor_ligand_distance          . 
# 
loop_
_pdbx_unobs_or_zero_occ_residues.id 
_pdbx_unobs_or_zero_occ_residues.PDB_model_num 
_pdbx_unobs_or_zero_occ_residues.polymer_flag 
_pdbx_unobs_or_zero_occ_residues.occupancy_flag 
_pdbx_unobs_or_zero_occ_residues.auth_asym_id 
_pdbx_unobs_or_zero_occ_residues.auth_comp_id 
_pdbx_unobs_or_zero_occ_residues.auth_seq_id 
_pdbx_unobs_or_zero_occ_residues.PDB_ins_code 
_pdbx_unobs_or_zero_occ_residues.label_asym_id 
_pdbx_unobs_or_zero_occ_residues.label_comp_id 
_pdbx_unobs_or_zero_occ_residues.label_seq_id 
1 1 Y 1 AAA GLY 17 ? A GLY 1 
2 1 Y 1 AAA ALA 18 ? A ALA 2 
3 1 Y 1 AAA GLU 19 ? A GLU 3 
4 1 Y 1 AAA ASN 20 ? A ASN 4 
5 1 Y 1 AAA GLU 21 ? A GLU 5 
# 
loop_
_chem_comp_atom.comp_id 
_chem_comp_atom.atom_id 
_chem_comp_atom.type_symbol 
_chem_comp_atom.pdbx_aromatic_flag 
_chem_comp_atom.pdbx_stereo_config 
_chem_comp_atom.pdbx_ordinal 
ALA N    N N N 1   
ALA CA   C N S 2   
ALA C    C N N 3   
ALA O    O N N 4   
ALA CB   C N N 5   
ALA OXT  O N N 6   
ALA H    H N N 7   
ALA H2   H N N 8   
ALA HA   H N N 9   
ALA HB1  H N N 10  
ALA HB2  H N N 11  
ALA HB3  H N N 12  
ALA HXT  H N N 13  
ARG N    N N N 14  
ARG CA   C N S 15  
ARG C    C N N 16  
ARG O    O N N 17  
ARG CB   C N N 18  
ARG CG   C N N 19  
ARG CD   C N N 20  
ARG NE   N N N 21  
ARG CZ   C N N 22  
ARG NH1  N N N 23  
ARG NH2  N N N 24  
ARG OXT  O N N 25  
ARG H    H N N 26  
ARG H2   H N N 27  
ARG HA   H N N 28  
ARG HB2  H N N 29  
ARG HB3  H N N 30  
ARG HG2  H N N 31  
ARG HG3  H N N 32  
ARG HD2  H N N 33  
ARG HD3  H N N 34  
ARG HE   H N N 35  
ARG HH11 H N N 36  
ARG HH12 H N N 37  
ARG HH21 H N N 38  
ARG HH22 H N N 39  
ARG HXT  H N N 40  
ASN N    N N N 41  
ASN CA   C N S 42  
ASN C    C N N 43  
ASN O    O N N 44  
ASN CB   C N N 45  
ASN CG   C N N 46  
ASN OD1  O N N 47  
ASN ND2  N N N 48  
ASN OXT  O N N 49  
ASN H    H N N 50  
ASN H2   H N N 51  
ASN HA   H N N 52  
ASN HB2  H N N 53  
ASN HB3  H N N 54  
ASN HD21 H N N 55  
ASN HD22 H N N 56  
ASN HXT  H N N 57  
ASP N    N N N 58  
ASP CA   C N S 59  
ASP C    C N N 60  
ASP O    O N N 61  
ASP CB   C N N 62  
ASP CG   C N N 63  
ASP OD1  O N N 64  
ASP OD2  O N N 65  
ASP OXT  O N N 66  
ASP H    H N N 67  
ASP H2   H N N 68  
ASP HA   H N N 69  
ASP HB2  H N N 70  
ASP HB3  H N N 71  
ASP HD2  H N N 72  
ASP HXT  H N N 73  
CYS N    N N N 74  
CYS CA   C N R 75  
CYS C    C N N 76  
CYS O    O N N 77  
CYS CB   C N N 78  
CYS SG   S N N 79  
CYS OXT  O N N 80  
CYS H    H N N 81  
CYS H2   H N N 82  
CYS HA   H N N 83  
CYS HB2  H N N 84  
CYS HB3  H N N 85  
CYS HG   H N N 86  
CYS HXT  H N N 87  
GLN N    N N N 88  
GLN CA   C N S 89  
GLN C    C N N 90  
GLN O    O N N 91  
GLN CB   C N N 92  
GLN CG   C N N 93  
GLN CD   C N N 94  
GLN OE1  O N N 95  
GLN NE2  N N N 96  
GLN OXT  O N N 97  
GLN H    H N N 98  
GLN H2   H N N 99  
GLN HA   H N N 100 
GLN HB2  H N N 101 
GLN HB3  H N N 102 
GLN HG2  H N N 103 
GLN HG3  H N N 104 
GLN HE21 H N N 105 
GLN HE22 H N N 106 
GLN HXT  H N N 107 
GLU N    N N N 108 
GLU CA   C N S 109 
GLU C    C N N 110 
GLU O    O N N 111 
GLU CB   C N N 112 
GLU CG   C N N 113 
GLU CD   C N N 114 
GLU OE1  O N N 115 
GLU OE2  O N N 116 
GLU OXT  O N N 117 
GLU H    H N N 118 
GLU H2   H N N 119 
GLU HA   H N N 120 
GLU HB2  H N N 121 
GLU HB3  H N N 122 
GLU HG2  H N N 123 
GLU HG3  H N N 124 
GLU HE2  H N N 125 
GLU HXT  H N N 126 
GLY N    N N N 127 
GLY CA   C N N 128 
GLY C    C N N 129 
GLY O    O N N 130 
GLY OXT  O N N 131 
GLY H    H N N 132 
GLY H2   H N N 133 
GLY HA2  H N N 134 
GLY HA3  H N N 135 
GLY HXT  H N N 136 
HIS N    N N N 137 
HIS CA   C N S 138 
HIS C    C N N 139 
HIS O    O N N 140 
HIS CB   C N N 141 
HIS CG   C Y N 142 
HIS ND1  N Y N 143 
HIS CD2  C Y N 144 
HIS CE1  C Y N 145 
HIS NE2  N Y N 146 
HIS OXT  O N N 147 
HIS H    H N N 148 
HIS H2   H N N 149 
HIS HA   H N N 150 
HIS HB2  H N N 151 
HIS HB3  H N N 152 
HIS HD1  H N N 153 
HIS HD2  H N N 154 
HIS HE1  H N N 155 
HIS HE2  H N N 156 
HIS HXT  H N N 157 
HOH O    O N N 158 
HOH H1   H N N 159 
HOH H2   H N N 160 
ILE N    N N N 161 
ILE CA   C N S 162 
ILE C    C N N 163 
ILE O    O N N 164 
ILE CB   C N S 165 
ILE CG1  C N N 166 
ILE CG2  C N N 167 
ILE CD1  C N N 168 
ILE OXT  O N N 169 
ILE H    H N N 170 
ILE H2   H N N 171 
ILE HA   H N N 172 
ILE HB   H N N 173 
ILE HG12 H N N 174 
ILE HG13 H N N 175 
ILE HG21 H N N 176 
ILE HG22 H N N 177 
ILE HG23 H N N 178 
ILE HD11 H N N 179 
ILE HD12 H N N 180 
ILE HD13 H N N 181 
ILE HXT  H N N 182 
LEU N    N N N 183 
LEU CA   C N S 184 
LEU C    C N N 185 
LEU O    O N N 186 
LEU CB   C N N 187 
LEU CG   C N N 188 
LEU CD1  C N N 189 
LEU CD2  C N N 190 
LEU OXT  O N N 191 
LEU H    H N N 192 
LEU H2   H N N 193 
LEU HA   H N N 194 
LEU HB2  H N N 195 
LEU HB3  H N N 196 
LEU HG   H N N 197 
LEU HD11 H N N 198 
LEU HD12 H N N 199 
LEU HD13 H N N 200 
LEU HD21 H N N 201 
LEU HD22 H N N 202 
LEU HD23 H N N 203 
LEU HXT  H N N 204 
LYS N    N N N 205 
LYS CA   C N S 206 
LYS C    C N N 207 
LYS O    O N N 208 
LYS CB   C N N 209 
LYS CG   C N N 210 
LYS CD   C N N 211 
LYS CE   C N N 212 
LYS NZ   N N N 213 
LYS OXT  O N N 214 
LYS H    H N N 215 
LYS H2   H N N 216 
LYS HA   H N N 217 
LYS HB2  H N N 218 
LYS HB3  H N N 219 
LYS HG2  H N N 220 
LYS HG3  H N N 221 
LYS HD2  H N N 222 
LYS HD3  H N N 223 
LYS HE2  H N N 224 
LYS HE3  H N N 225 
LYS HZ1  H N N 226 
LYS HZ2  H N N 227 
LYS HZ3  H N N 228 
LYS HXT  H N N 229 
MET N    N N N 230 
MET CA   C N S 231 
MET C    C N N 232 
MET O    O N N 233 
MET CB   C N N 234 
MET CG   C N N 235 
MET SD   S N N 236 
MET CE   C N N 237 
MET OXT  O N N 238 
MET H    H N N 239 
MET H2   H N N 240 
MET HA   H N N 241 
MET HB2  H N N 242 
MET HB3  H N N 243 
MET HG2  H N N 244 
MET HG3  H N N 245 
MET HE1  H N N 246 
MET HE2  H N N 247 
MET HE3  H N N 248 
MET HXT  H N N 249 
P8Z N12  N N N 250 
P8Z C13  C N N 251 
P8Z C20  C Y N 252 
P8Z C22  C Y N 253 
P8Z C24  C Y N 254 
P8Z C26  C Y N 255 
P8Z C28  C Y N 256 
P8Z C01  C N N 257 
P8Z N05  N N N 258 
P8Z C06  C N N 259 
P8Z C09  C N N 260 
P8Z C16  C N N 261 
P8Z C19  C Y N 262 
P8Z C29  C N N 263 
P8Z N32  N N N 264 
P8Z C34  C N N 265 
P8Z C35  C N N 266 
P8Z N37  N N N 267 
P8Z N38  N N N 268 
P8Z C39  C N N 269 
P8Z C43  C N N 270 
P8Z O44  O N N 271 
P8Z C45  C N N 272 
P8Z C46  C N N 273 
P8Z H1   H N N 274 
P8Z H2   H N N 275 
P8Z H3   H N N 276 
P8Z H4   H N N 277 
P8Z H5   H N N 278 
P8Z H6   H N N 279 
P8Z H7   H N N 280 
P8Z H8   H N N 281 
P8Z H9   H N N 282 
P8Z H11  H N N 283 
P8Z H12  H N N 284 
P8Z H13  H N N 285 
P8Z H14  H N N 286 
P8Z H15  H N N 287 
P8Z H16  H N N 288 
P8Z H17  H N N 289 
P8Z H18  H N N 290 
P8Z H19  H N N 291 
P8Z H20  H N N 292 
P8Z H21  H N N 293 
P8Z H22  H N N 294 
P8Z H23  H N N 295 
P8Z H24  H N N 296 
P8Z H25  H N N 297 
P8Z H26  H N N 298 
PHE N    N N N 299 
PHE CA   C N S 300 
PHE C    C N N 301 
PHE O    O N N 302 
PHE CB   C N N 303 
PHE CG   C Y N 304 
PHE CD1  C Y N 305 
PHE CD2  C Y N 306 
PHE CE1  C Y N 307 
PHE CE2  C Y N 308 
PHE CZ   C Y N 309 
PHE OXT  O N N 310 
PHE H    H N N 311 
PHE H2   H N N 312 
PHE HA   H N N 313 
PHE HB2  H N N 314 
PHE HB3  H N N 315 
PHE HD1  H N N 316 
PHE HD2  H N N 317 
PHE HE1  H N N 318 
PHE HE2  H N N 319 
PHE HZ   H N N 320 
PHE HXT  H N N 321 
PRO N    N N N 322 
PRO CA   C N S 323 
PRO C    C N N 324 
PRO O    O N N 325 
PRO CB   C N N 326 
PRO CG   C N N 327 
PRO CD   C N N 328 
PRO OXT  O N N 329 
PRO H    H N N 330 
PRO HA   H N N 331 
PRO HB2  H N N 332 
PRO HB3  H N N 333 
PRO HG2  H N N 334 
PRO HG3  H N N 335 
PRO HD2  H N N 336 
PRO HD3  H N N 337 
PRO HXT  H N N 338 
SER N    N N N 339 
SER CA   C N S 340 
SER C    C N N 341 
SER O    O N N 342 
SER CB   C N N 343 
SER OG   O N N 344 
SER OXT  O N N 345 
SER H    H N N 346 
SER H2   H N N 347 
SER HA   H N N 348 
SER HB2  H N N 349 
SER HB3  H N N 350 
SER HG   H N N 351 
SER HXT  H N N 352 
THR N    N N N 353 
THR CA   C N S 354 
THR C    C N N 355 
THR O    O N N 356 
THR CB   C N R 357 
THR OG1  O N N 358 
THR CG2  C N N 359 
THR OXT  O N N 360 
THR H    H N N 361 
THR H2   H N N 362 
THR HA   H N N 363 
THR HB   H N N 364 
THR HG1  H N N 365 
THR HG21 H N N 366 
THR HG22 H N N 367 
THR HG23 H N N 368 
THR HXT  H N N 369 
TYR N    N N N 370 
TYR CA   C N S 371 
TYR C    C N N 372 
TYR O    O N N 373 
TYR CB   C N N 374 
TYR CG   C Y N 375 
TYR CD1  C Y N 376 
TYR CD2  C Y N 377 
TYR CE1  C Y N 378 
TYR CE2  C Y N 379 
TYR CZ   C Y N 380 
TYR OH   O N N 381 
TYR OXT  O N N 382 
TYR H    H N N 383 
TYR H2   H N N 384 
TYR HA   H N N 385 
TYR HB2  H N N 386 
TYR HB3  H N N 387 
TYR HD1  H N N 388 
TYR HD2  H N N 389 
TYR HE1  H N N 390 
TYR HE2  H N N 391 
TYR HH   H N N 392 
TYR HXT  H N N 393 
VAL N    N N N 394 
VAL CA   C N S 395 
VAL C    C N N 396 
VAL O    O N N 397 
VAL CB   C N N 398 
VAL CG1  C N N 399 
VAL CG2  C N N 400 
VAL OXT  O N N 401 
VAL H    H N N 402 
VAL H2   H N N 403 
VAL HA   H N N 404 
VAL HB   H N N 405 
VAL HG11 H N N 406 
VAL HG12 H N N 407 
VAL HG13 H N N 408 
VAL HG21 H N N 409 
VAL HG22 H N N 410 
VAL HG23 H N N 411 
VAL HXT  H N N 412 
# 
loop_
_chem_comp_bond.comp_id 
_chem_comp_bond.atom_id_1 
_chem_comp_bond.atom_id_2 
_chem_comp_bond.value_order 
_chem_comp_bond.pdbx_aromatic_flag 
_chem_comp_bond.pdbx_stereo_config 
_chem_comp_bond.pdbx_ordinal 
ALA N   CA   sing N N 1   
ALA N   H    sing N N 2   
ALA N   H2   sing N N 3   
ALA CA  C    sing N N 4   
ALA CA  CB   sing N N 5   
ALA CA  HA   sing N N 6   
ALA C   O    doub N N 7   
ALA C   OXT  sing N N 8   
ALA CB  HB1  sing N N 9   
ALA CB  HB2  sing N N 10  
ALA CB  HB3  sing N N 11  
ALA OXT HXT  sing N N 12  
ARG N   CA   sing N N 13  
ARG N   H    sing N N 14  
ARG N   H2   sing N N 15  
ARG CA  C    sing N N 16  
ARG CA  CB   sing N N 17  
ARG CA  HA   sing N N 18  
ARG C   O    doub N N 19  
ARG C   OXT  sing N N 20  
ARG CB  CG   sing N N 21  
ARG CB  HB2  sing N N 22  
ARG CB  HB3  sing N N 23  
ARG CG  CD   sing N N 24  
ARG CG  HG2  sing N N 25  
ARG CG  HG3  sing N N 26  
ARG CD  NE   sing N N 27  
ARG CD  HD2  sing N N 28  
ARG CD  HD3  sing N N 29  
ARG NE  CZ   sing N N 30  
ARG NE  HE   sing N N 31  
ARG CZ  NH1  sing N N 32  
ARG CZ  NH2  doub N N 33  
ARG NH1 HH11 sing N N 34  
ARG NH1 HH12 sing N N 35  
ARG NH2 HH21 sing N N 36  
ARG NH2 HH22 sing N N 37  
ARG OXT HXT  sing N N 38  
ASN N   CA   sing N N 39  
ASN N   H    sing N N 40  
ASN N   H2   sing N N 41  
ASN CA  C    sing N N 42  
ASN CA  CB   sing N N 43  
ASN CA  HA   sing N N 44  
ASN C   O    doub N N 45  
ASN C   OXT  sing N N 46  
ASN CB  CG   sing N N 47  
ASN CB  HB2  sing N N 48  
ASN CB  HB3  sing N N 49  
ASN CG  OD1  doub N N 50  
ASN CG  ND2  sing N N 51  
ASN ND2 HD21 sing N N 52  
ASN ND2 HD22 sing N N 53  
ASN OXT HXT  sing N N 54  
ASP N   CA   sing N N 55  
ASP N   H    sing N N 56  
ASP N   H2   sing N N 57  
ASP CA  C    sing N N 58  
ASP CA  CB   sing N N 59  
ASP CA  HA   sing N N 60  
ASP C   O    doub N N 61  
ASP C   OXT  sing N N 62  
ASP CB  CG   sing N N 63  
ASP CB  HB2  sing N N 64  
ASP CB  HB3  sing N N 65  
ASP CG  OD1  doub N N 66  
ASP CG  OD2  sing N N 67  
ASP OD2 HD2  sing N N 68  
ASP OXT HXT  sing N N 69  
CYS N   CA   sing N N 70  
CYS N   H    sing N N 71  
CYS N   H2   sing N N 72  
CYS CA  C    sing N N 73  
CYS CA  CB   sing N N 74  
CYS CA  HA   sing N N 75  
CYS C   O    doub N N 76  
CYS C   OXT  sing N N 77  
CYS CB  SG   sing N N 78  
CYS CB  HB2  sing N N 79  
CYS CB  HB3  sing N N 80  
CYS SG  HG   sing N N 81  
CYS OXT HXT  sing N N 82  
GLN N   CA   sing N N 83  
GLN N   H    sing N N 84  
GLN N   H2   sing N N 85  
GLN CA  C    sing N N 86  
GLN CA  CB   sing N N 87  
GLN CA  HA   sing N N 88  
GLN C   O    doub N N 89  
GLN C   OXT  sing N N 90  
GLN CB  CG   sing N N 91  
GLN CB  HB2  sing N N 92  
GLN CB  HB3  sing N N 93  
GLN CG  CD   sing N N 94  
GLN CG  HG2  sing N N 95  
GLN CG  HG3  sing N N 96  
GLN CD  OE1  doub N N 97  
GLN CD  NE2  sing N N 98  
GLN NE2 HE21 sing N N 99  
GLN NE2 HE22 sing N N 100 
GLN OXT HXT  sing N N 101 
GLU N   CA   sing N N 102 
GLU N   H    sing N N 103 
GLU N   H2   sing N N 104 
GLU CA  C    sing N N 105 
GLU CA  CB   sing N N 106 
GLU CA  HA   sing N N 107 
GLU C   O    doub N N 108 
GLU C   OXT  sing N N 109 
GLU CB  CG   sing N N 110 
GLU CB  HB2  sing N N 111 
GLU CB  HB3  sing N N 112 
GLU CG  CD   sing N N 113 
GLU CG  HG2  sing N N 114 
GLU CG  HG3  sing N N 115 
GLU CD  OE1  doub N N 116 
GLU CD  OE2  sing N N 117 
GLU OE2 HE2  sing N N 118 
GLU OXT HXT  sing N N 119 
GLY N   CA   sing N N 120 
GLY N   H    sing N N 121 
GLY N   H2   sing N N 122 
GLY CA  C    sing N N 123 
GLY CA  HA2  sing N N 124 
GLY CA  HA3  sing N N 125 
GLY C   O    doub N N 126 
GLY C   OXT  sing N N 127 
GLY OXT HXT  sing N N 128 
HIS N   CA   sing N N 129 
HIS N   H    sing N N 130 
HIS N   H2   sing N N 131 
HIS CA  C    sing N N 132 
HIS CA  CB   sing N N 133 
HIS CA  HA   sing N N 134 
HIS C   O    doub N N 135 
HIS C   OXT  sing N N 136 
HIS CB  CG   sing N N 137 
HIS CB  HB2  sing N N 138 
HIS CB  HB3  sing N N 139 
HIS CG  ND1  sing Y N 140 
HIS CG  CD2  doub Y N 141 
HIS ND1 CE1  doub Y N 142 
HIS ND1 HD1  sing N N 143 
HIS CD2 NE2  sing Y N 144 
HIS CD2 HD2  sing N N 145 
HIS CE1 NE2  sing Y N 146 
HIS CE1 HE1  sing N N 147 
HIS NE2 HE2  sing N N 148 
HIS OXT HXT  sing N N 149 
HOH O   H1   sing N N 150 
HOH O   H2   sing N N 151 
ILE N   CA   sing N N 152 
ILE N   H    sing N N 153 
ILE N   H2   sing N N 154 
ILE CA  C    sing N N 155 
ILE CA  CB   sing N N 156 
ILE CA  HA   sing N N 157 
ILE C   O    doub N N 158 
ILE C   OXT  sing N N 159 
ILE CB  CG1  sing N N 160 
ILE CB  CG2  sing N N 161 
ILE CB  HB   sing N N 162 
ILE CG1 CD1  sing N N 163 
ILE CG1 HG12 sing N N 164 
ILE CG1 HG13 sing N N 165 
ILE CG2 HG21 sing N N 166 
ILE CG2 HG22 sing N N 167 
ILE CG2 HG23 sing N N 168 
ILE CD1 HD11 sing N N 169 
ILE CD1 HD12 sing N N 170 
ILE CD1 HD13 sing N N 171 
ILE OXT HXT  sing N N 172 
LEU N   CA   sing N N 173 
LEU N   H    sing N N 174 
LEU N   H2   sing N N 175 
LEU CA  C    sing N N 176 
LEU CA  CB   sing N N 177 
LEU CA  HA   sing N N 178 
LEU C   O    doub N N 179 
LEU C   OXT  sing N N 180 
LEU CB  CG   sing N N 181 
LEU CB  HB2  sing N N 182 
LEU CB  HB3  sing N N 183 
LEU CG  CD1  sing N N 184 
LEU CG  CD2  sing N N 185 
LEU CG  HG   sing N N 186 
LEU CD1 HD11 sing N N 187 
LEU CD1 HD12 sing N N 188 
LEU CD1 HD13 sing N N 189 
LEU CD2 HD21 sing N N 190 
LEU CD2 HD22 sing N N 191 
LEU CD2 HD23 sing N N 192 
LEU OXT HXT  sing N N 193 
LYS N   CA   sing N N 194 
LYS N   H    sing N N 195 
LYS N   H2   sing N N 196 
LYS CA  C    sing N N 197 
LYS CA  CB   sing N N 198 
LYS CA  HA   sing N N 199 
LYS C   O    doub N N 200 
LYS C   OXT  sing N N 201 
LYS CB  CG   sing N N 202 
LYS CB  HB2  sing N N 203 
LYS CB  HB3  sing N N 204 
LYS CG  CD   sing N N 205 
LYS CG  HG2  sing N N 206 
LYS CG  HG3  sing N N 207 
LYS CD  CE   sing N N 208 
LYS CD  HD2  sing N N 209 
LYS CD  HD3  sing N N 210 
LYS CE  NZ   sing N N 211 
LYS CE  HE2  sing N N 212 
LYS CE  HE3  sing N N 213 
LYS NZ  HZ1  sing N N 214 
LYS NZ  HZ2  sing N N 215 
LYS NZ  HZ3  sing N N 216 
LYS OXT HXT  sing N N 217 
MET N   CA   sing N N 218 
MET N   H    sing N N 219 
MET N   H2   sing N N 220 
MET CA  C    sing N N 221 
MET CA  CB   sing N N 222 
MET CA  HA   sing N N 223 
MET C   O    doub N N 224 
MET C   OXT  sing N N 225 
MET CB  CG   sing N N 226 
MET CB  HB2  sing N N 227 
MET CB  HB3  sing N N 228 
MET CG  SD   sing N N 229 
MET CG  HG2  sing N N 230 
MET CG  HG3  sing N N 231 
MET SD  CE   sing N N 232 
MET CE  HE1  sing N N 233 
MET CE  HE2  sing N N 234 
MET CE  HE3  sing N N 235 
MET OXT HXT  sing N N 236 
P8Z C13 C16  sing N N 237 
P8Z C13 N12  sing N N 238 
P8Z C29 N32  sing N N 239 
P8Z C29 C28  sing N N 240 
P8Z C16 N05  sing N N 241 
P8Z N32 C34  sing N N 242 
P8Z C46 C45  sing N N 243 
P8Z C26 C28  doub Y N 244 
P8Z C26 C24  sing Y N 245 
P8Z C28 C19  sing Y N 246 
P8Z C24 C22  doub Y N 247 
P8Z C19 N12  sing N N 248 
P8Z C19 C20  doub Y N 249 
P8Z N12 C09  sing N N 250 
P8Z N05 C01  sing N N 251 
P8Z N05 C06  sing N N 252 
P8Z C22 C20  sing Y N 253 
P8Z C34 C45  doub N N 254 
P8Z C34 C35  sing N N 255 
P8Z C45 C43  sing N N 256 
P8Z C09 C06  sing N N 257 
P8Z C35 N37  doub N N 258 
P8Z C43 O44  doub N N 259 
P8Z C43 N38  sing N N 260 
P8Z N37 N38  sing N N 261 
P8Z N38 C39  sing N N 262 
P8Z C13 H1   sing N N 263 
P8Z C13 H2   sing N N 264 
P8Z C20 H3   sing N N 265 
P8Z C22 H4   sing N N 266 
P8Z C24 H5   sing N N 267 
P8Z C26 H6   sing N N 268 
P8Z C01 H7   sing N N 269 
P8Z C01 H8   sing N N 270 
P8Z C01 H9   sing N N 271 
P8Z C06 H11  sing N N 272 
P8Z C06 H12  sing N N 273 
P8Z C09 H13  sing N N 274 
P8Z C09 H14  sing N N 275 
P8Z C16 H15  sing N N 276 
P8Z C16 H16  sing N N 277 
P8Z C29 H17  sing N N 278 
P8Z C29 H18  sing N N 279 
P8Z N32 H19  sing N N 280 
P8Z C35 H20  sing N N 281 
P8Z C39 H21  sing N N 282 
P8Z C39 H22  sing N N 283 
P8Z C39 H23  sing N N 284 
P8Z C46 H24  sing N N 285 
P8Z C46 H25  sing N N 286 
P8Z C46 H26  sing N N 287 
PHE N   CA   sing N N 288 
PHE N   H    sing N N 289 
PHE N   H2   sing N N 290 
PHE CA  C    sing N N 291 
PHE CA  CB   sing N N 292 
PHE CA  HA   sing N N 293 
PHE C   O    doub N N 294 
PHE C   OXT  sing N N 295 
PHE CB  CG   sing N N 296 
PHE CB  HB2  sing N N 297 
PHE CB  HB3  sing N N 298 
PHE CG  CD1  doub Y N 299 
PHE CG  CD2  sing Y N 300 
PHE CD1 CE1  sing Y N 301 
PHE CD1 HD1  sing N N 302 
PHE CD2 CE2  doub Y N 303 
PHE CD2 HD2  sing N N 304 
PHE CE1 CZ   doub Y N 305 
PHE CE1 HE1  sing N N 306 
PHE CE2 CZ   sing Y N 307 
PHE CE2 HE2  sing N N 308 
PHE CZ  HZ   sing N N 309 
PHE OXT HXT  sing N N 310 
PRO N   CA   sing N N 311 
PRO N   CD   sing N N 312 
PRO N   H    sing N N 313 
PRO CA  C    sing N N 314 
PRO CA  CB   sing N N 315 
PRO CA  HA   sing N N 316 
PRO C   O    doub N N 317 
PRO C   OXT  sing N N 318 
PRO CB  CG   sing N N 319 
PRO CB  HB2  sing N N 320 
PRO CB  HB3  sing N N 321 
PRO CG  CD   sing N N 322 
PRO CG  HG2  sing N N 323 
PRO CG  HG3  sing N N 324 
PRO CD  HD2  sing N N 325 
PRO CD  HD3  sing N N 326 
PRO OXT HXT  sing N N 327 
SER N   CA   sing N N 328 
SER N   H    sing N N 329 
SER N   H2   sing N N 330 
SER CA  C    sing N N 331 
SER CA  CB   sing N N 332 
SER CA  HA   sing N N 333 
SER C   O    doub N N 334 
SER C   OXT  sing N N 335 
SER CB  OG   sing N N 336 
SER CB  HB2  sing N N 337 
SER CB  HB3  sing N N 338 
SER OG  HG   sing N N 339 
SER OXT HXT  sing N N 340 
THR N   CA   sing N N 341 
THR N   H    sing N N 342 
THR N   H2   sing N N 343 
THR CA  C    sing N N 344 
THR CA  CB   sing N N 345 
THR CA  HA   sing N N 346 
THR C   O    doub N N 347 
THR C   OXT  sing N N 348 
THR CB  OG1  sing N N 349 
THR CB  CG2  sing N N 350 
THR CB  HB   sing N N 351 
THR OG1 HG1  sing N N 352 
THR CG2 HG21 sing N N 353 
THR CG2 HG22 sing N N 354 
THR CG2 HG23 sing N N 355 
THR OXT HXT  sing N N 356 
TYR N   CA   sing N N 357 
TYR N   H    sing N N 358 
TYR N   H2   sing N N 359 
TYR CA  C    sing N N 360 
TYR CA  CB   sing N N 361 
TYR CA  HA   sing N N 362 
TYR C   O    doub N N 363 
TYR C   OXT  sing N N 364 
TYR CB  CG   sing N N 365 
TYR CB  HB2  sing N N 366 
TYR CB  HB3  sing N N 367 
TYR CG  CD1  doub Y N 368 
TYR CG  CD2  sing Y N 369 
TYR CD1 CE1  sing Y N 370 
TYR CD1 HD1  sing N N 371 
TYR CD2 CE2  doub Y N 372 
TYR CD2 HD2  sing N N 373 
TYR CE1 CZ   doub Y N 374 
TYR CE1 HE1  sing N N 375 
TYR CE2 CZ   sing Y N 376 
TYR CE2 HE2  sing N N 377 
TYR CZ  OH   sing N N 378 
TYR OH  HH   sing N N 379 
TYR OXT HXT  sing N N 380 
VAL N   CA   sing N N 381 
VAL N   H    sing N N 382 
VAL N   H2   sing N N 383 
VAL CA  C    sing N N 384 
VAL CA  CB   sing N N 385 
VAL CA  HA   sing N N 386 
VAL C   O    doub N N 387 
VAL C   OXT  sing N N 388 
VAL CB  CG1  sing N N 389 
VAL CB  CG2  sing N N 390 
VAL CB  HB   sing N N 391 
VAL CG1 HG11 sing N N 392 
VAL CG1 HG12 sing N N 393 
VAL CG1 HG13 sing N N 394 
VAL CG2 HG21 sing N N 395 
VAL CG2 HG22 sing N N 396 
VAL CG2 HG23 sing N N 397 
VAL OXT HXT  sing N N 398 
# 
_pdbx_entity_instance_feature.ordinal        1 
_pdbx_entity_instance_feature.comp_id        P8Z 
_pdbx_entity_instance_feature.asym_id        ? 
_pdbx_entity_instance_feature.seq_num        ? 
_pdbx_entity_instance_feature.auth_comp_id   P8Z 
_pdbx_entity_instance_feature.auth_asym_id   ? 
_pdbx_entity_instance_feature.auth_seq_num   ? 
_pdbx_entity_instance_feature.feature_type   'SUBJECT OF INVESTIGATION' 
_pdbx_entity_instance_feature.details        ? 
# 
_atom_sites.entry_id                    6YQS 
_atom_sites.Cartn_transf_matrix[1][1]   ? 
_atom_sites.Cartn_transf_matrix[1][2]   ? 
_atom_sites.Cartn_transf_matrix[1][3]   ? 
_atom_sites.Cartn_transf_matrix[2][1]   ? 
_atom_sites.Cartn_transf_matrix[2][2]   ? 
_atom_sites.Cartn_transf_matrix[2][3]   ? 
_atom_sites.Cartn_transf_matrix[3][1]   ? 
_atom_sites.Cartn_transf_matrix[3][2]   ? 
_atom_sites.Cartn_transf_matrix[3][3]   ? 
_atom_sites.Cartn_transf_vector[1]      ? 
_atom_sites.Cartn_transf_vector[2]      ? 
_atom_sites.Cartn_transf_vector[3]      ? 
_atom_sites.fract_transf_matrix[1][1]   -0.02582245 
_atom_sites.fract_transf_matrix[1][2]   -0.03427038 
_atom_sites.fract_transf_matrix[1][3]   -0.00352873 
_atom_sites.fract_transf_matrix[2][1]   -0.01881454 
_atom_sites.fract_transf_matrix[2][2]   0.02223785 
_atom_sites.fract_transf_matrix[2][3]   0.01388142 
_atom_sites.fract_transf_matrix[3][1]   0.00180586 
_atom_sites.fract_transf_matrix[3][2]   0.00656846 
_atom_sites.fract_transf_matrix[3][3]   -0.02633314 
_atom_sites.fract_transf_vector[1]      -0.305895 
_atom_sites.fract_transf_vector[2]      0.170556 
_atom_sites.fract_transf_vector[3]      0.091540 
_atom_sites.solution_primary            ? 
_atom_sites.solution_secondary          ? 
_atom_sites.solution_hydrogens          ? 
_atom_sites.special_details             ? 
# 
loop_
_atom_type.symbol 
_atom_type.pdbx_scat_Z 
_atom_type.pdbx_N_electrons 
_atom_type.scat_Cromer_Mann_a1 
_atom_type.scat_Cromer_Mann_b1 
_atom_type.scat_Cromer_Mann_a2 
_atom_type.scat_Cromer_Mann_b2 
_atom_type.scat_Cromer_Mann_a3 
_atom_type.scat_Cromer_Mann_b3 
_atom_type.scat_Cromer_Mann_a4 
_atom_type.scat_Cromer_Mann_b4 
_atom_type.scat_Cromer_Mann_c 
C 6  6  2.310  20.844 1.020 10.208 1.589 0.569  0.865 51.651 0.216   
H 1  1  0.493  10.511 0.323 26.126 0.140 3.142  0.041 57.800 0.003   
N 7  7  12.222 0.006  3.135 9.893  2.014 28.997 1.167 0.583  -11.538 
O 8  8  3.049  13.277 2.287 5.701  1.546 0.324  0.867 32.909 0.251   
S 16 16 6.905  1.468  5.203 22.215 1.438 0.254  1.586 56.172 0.867   
# 
loop_
_atom_site.group_PDB 
_atom_site.id 
_atom_site.type_symbol 
_atom_site.label_atom_id 
_atom_site.label_alt_id 
_atom_site.label_comp_id 
_atom_site.label_asym_id 
_atom_site.label_entity_id 
_atom_site.label_seq_id 
_atom_site.pdbx_PDB_ins_code 
_atom_site.Cartn_x 
_atom_site.Cartn_y 
_atom_site.Cartn_z 
_atom_site.occupancy 
_atom_site.B_iso_or_equiv 
_atom_site.pdbx_formal_charge 
_atom_site.auth_seq_id 
_atom_site.auth_comp_id 
_atom_site.auth_asym_id 
_atom_site.auth_atom_id 
_atom_site.pdbx_PDB_model_num 
ATOM   1    N N   . SER A 1 6   ? 2.066   -19.249 11.424  1.000 38.025 ? 22  SER AAA N   1 
ATOM   2    C CA  . SER A 1 6   ? 2.478   -17.836 11.155  1.000 36.577 ? 22  SER AAA CA  1 
ATOM   3    C C   . SER A 1 6   ? 3.823   -17.556 11.830  1.000 34.137 ? 22  SER AAA C   1 
ATOM   4    O O   . SER A 1 6   ? 3.921   -17.741 13.057  1.000 35.852 ? 22  SER AAA O   1 
ATOM   5    C CB  . SER A 1 6   ? 1.434   -16.849 11.618  1.000 39.716 ? 22  SER AAA CB  1 
ATOM   6    O OG  . SER A 1 6   ? 0.278   -16.908 10.796  1.000 46.077 ? 22  SER AAA OG  1 
ATOM   7    N N   . THR A 1 7   ? 4.817   -17.114 11.057  1.000 29.211 ? 23  THR AAA N   1 
ATOM   8    C CA  . THR A 1 7   ? 6.161   -16.742 11.567  1.000 26.389 ? 23  THR AAA CA  1 
ATOM   9    C C   . THR A 1 7   ? 6.056   -15.424 12.332  1.000 24.809 ? 23  THR AAA C   1 
ATOM   10   O O   . THR A 1 7   ? 5.062   -14.704 12.224  1.000 22.354 ? 23  THR AAA O   1 
ATOM   11   C CB  . THR A 1 7   ? 7.176   -16.656 10.423  1.000 29.162 ? 23  THR AAA CB  1 
ATOM   12   O OG1 . THR A 1 7   ? 6.744   -15.603 9.561   1.000 29.175 ? 23  THR AAA OG1 1 
ATOM   13   C CG2 . THR A 1 7   ? 7.314   -17.949 9.648   1.000 31.327 ? 23  THR AAA CG2 1 
ATOM   14   N N   . PRO A 1 8   ? 7.060   -15.077 13.163  1.000 22.947 ? 24  PRO AAA N   1 
ATOM   15   C CA  . PRO A 1 8   ? 7.112   -13.757 13.786  1.000 21.368 ? 24  PRO AAA CA  1 
ATOM   16   C C   . PRO A 1 8   ? 6.936   -12.615 12.774  1.000 19.166 ? 24  PRO AAA C   1 
ATOM   17   O O   . PRO A 1 8   ? 6.173   -11.713 13.061  1.000 20.736 ? 24  PRO AAA O   1 
ATOM   18   C CB  . PRO A 1 8   ? 8.503   -13.735 14.431  1.000 24.013 ? 24  PRO AAA CB  1 
ATOM   19   C CG  . PRO A 1 8   ? 8.724   -15.189 14.798  1.000 23.728 ? 24  PRO AAA CG  1 
ATOM   20   C CD  . PRO A 1 8   ? 8.131   -15.967 13.645  1.000 24.748 ? 24  PRO AAA CD  1 
ATOM   21   N N   . ILE A 1 9   ? 7.653   -12.657 11.648  1.000 18.509 ? 25  ILE AAA N   1 
ATOM   22   C CA  A ILE A 1 9   ? 7.567   -11.585 10.609  0.500 18.920 ? 25  ILE AAA CA  1 
ATOM   23   C CA  B ILE A 1 9   ? 7.570   -11.601 10.587  0.500 18.672 ? 25  ILE AAA CA  1 
ATOM   24   C C   . ILE A 1 9   ? 6.116   -11.514 10.100  1.000 17.921 ? 25  ILE AAA C   1 
ATOM   25   O O   . ILE A 1 9   ? 5.597   -10.384 9.955   1.000 16.093 ? 25  ILE AAA O   1 
ATOM   26   C CB  A ILE A 1 9   ? 8.617   -11.797 9.495   0.500 20.099 ? 25  ILE AAA CB  1 
ATOM   27   C CB  B ILE A 1 9   ? 8.565   -11.870 9.434   0.500 19.552 ? 25  ILE AAA CB  1 
ATOM   28   C CG1 A ILE A 1 9   ? 8.821   -10.537 8.647   0.500 22.271 ? 25  ILE AAA CG1 1 
ATOM   29   C CG1 B ILE A 1 9   ? 10.006  -11.575 9.857   0.500 20.713 ? 25  ILE AAA CG1 1 
ATOM   30   C CG2 A ILE A 1 9   ? 8.302   -13.012 8.635   0.500 20.360 ? 25  ILE AAA CG2 1 
ATOM   31   C CG2 B ILE A 1 9   ? 8.189   -11.089 8.177   0.500 20.217 ? 25  ILE AAA CG2 1 
ATOM   32   C CD1 A ILE A 1 9   ? 9.690   -9.497  9.307   0.500 23.874 ? 25  ILE AAA CD1 1 
ATOM   33   C CD1 B ILE A 1 9   ? 11.052  -12.225 8.982   0.500 21.108 ? 25  ILE AAA CD1 1 
ATOM   34   N N   . GLN A 1 10  ? 5.467   -12.654 9.868   1.000 17.831 ? 26  GLN AAA N   1 
ATOM   35   C CA  . GLN A 1 10  ? 4.057   -12.643 9.379   1.000 18.180 ? 26  GLN AAA CA  1 
ATOM   36   C C   . GLN A 1 10  ? 3.164   -11.951 10.421  1.000 18.957 ? 26  GLN AAA C   1 
ATOM   37   O O   . GLN A 1 10  ? 2.350   -11.081 10.045  1.000 17.725 ? 26  GLN AAA O   1 
ATOM   38   C CB  . GLN A 1 10  ? 3.578   -14.057 9.052   1.000 18.370 ? 26  GLN AAA CB  1 
ATOM   39   C CG  . GLN A 1 10  ? 4.143   -14.586 7.744   1.000 19.550 ? 26  GLN AAA CG  1 
ATOM   40   C CD  . GLN A 1 10  ? 3.801   -16.037 7.528   1.000 23.885 ? 26  GLN AAA CD  1 
ATOM   41   O OE1 . GLN A 1 10  ? 4.196   -16.905 8.308   1.000 25.343 ? 26  GLN AAA OE1 1 
ATOM   42   N NE2 . GLN A 1 10  ? 3.071   -16.305 6.457   1.000 20.279 ? 26  GLN AAA NE2 1 
ATOM   43   N N   . GLN A 1 11  ? 3.309   -12.286 11.701  1.000 18.126 ? 27  GLN AAA N   1 
ATOM   44   C CA  . GLN A 1 11  ? 2.462   -11.681 12.761  1.000 17.440 ? 27  GLN AAA CA  1 
ATOM   45   C C   . GLN A 1 11  ? 2.709   -10.167 12.822  1.000 16.017 ? 27  GLN AAA C   1 
ATOM   46   O O   . GLN A 1 11  ? 1.735   -9.396  12.951  1.000 17.847 ? 27  GLN AAA O   1 
ATOM   47   C CB  . GLN A 1 11  ? 2.722   -12.350 14.112  1.000 19.081 ? 27  GLN AAA CB  1 
ATOM   48   C CG  . GLN A 1 11  ? 2.304   -13.810 14.136  1.000 20.359 ? 27  GLN AAA CG  1 
ATOM   49   C CD  . GLN A 1 11  ? 2.622   -14.444 15.471  1.000 24.622 ? 27  GLN AAA CD  1 
ATOM   50   O OE1 . GLN A 1 11  ? 1.934   -14.213 16.460  1.000 28.638 ? 27  GLN AAA OE1 1 
ATOM   51   N NE2 . GLN A 1 11  ? 3.676   -15.241 15.507  1.000 28.336 ? 27  GLN AAA NE2 1 
ATOM   52   N N   . LEU A 1 12  ? 3.962   -9.725  12.759  1.000 15.832 ? 28  LEU AAA N   1 
ATOM   53   C CA  . LEU A 1 12  ? 4.279   -8.272  12.831  1.000 14.549 ? 28  LEU AAA CA  1 
ATOM   54   C C   . LEU A 1 12  ? 3.705   -7.568  11.596  1.000 13.077 ? 28  LEU AAA C   1 
ATOM   55   O O   . LEU A 1 12  ? 3.135   -6.480  11.744  1.000 12.927 ? 28  LEU AAA O   1 
ATOM   56   C CB  . LEU A 1 12  ? 5.788   -8.033  12.928  1.000 15.824 ? 28  LEU AAA CB  1 
ATOM   57   C CG  . LEU A 1 12  ? 6.217   -6.569  12.843  1.000 14.827 ? 28  LEU AAA CG  1 
ATOM   58   C CD1 . LEU A 1 12  ? 5.604   -5.723  13.960  1.000 15.564 ? 28  LEU AAA CD1 1 
ATOM   59   C CD2 . LEU A 1 12  ? 7.731   -6.443  12.832  1.000 16.292 ? 28  LEU AAA CD2 1 
ATOM   60   N N   . LEU A 1 13  ? 3.877   -8.142  10.413  1.000 13.968 ? 29  LEU AAA N   1 
ATOM   61   C CA  . LEU A 1 13  ? 3.393   -7.466  9.180   1.000 13.055 ? 29  LEU AAA CA  1 
ATOM   62   C C   . LEU A 1 13  ? 1.858   -7.448  9.175   1.000 14.229 ? 29  LEU AAA C   1 
ATOM   63   O O   . LEU A 1 13  ? 1.280   -6.462  8.674   1.000 13.914 ? 29  LEU AAA O   1 
ATOM   64   C CB  . LEU A 1 13  ? 3.973   -8.151  7.944   1.000 13.524 ? 29  LEU AAA CB  1 
ATOM   65   C CG  . LEU A 1 13  ? 5.499   -8.093  7.813   1.000 12.719 ? 29  LEU AAA CG  1 
ATOM   66   C CD1 . LEU A 1 13  ? 5.940   -8.675  6.482   1.000 12.691 ? 29  LEU AAA CD1 1 
ATOM   67   C CD2 . LEU A 1 13  ? 6.037   -6.681  7.979   1.000 12.866 ? 29  LEU AAA CD2 1 
ATOM   68   N N   . GLU A 1 14  ? 1.208   -8.481  9.719   1.000 13.822 ? 30  GLU AAA N   1 
ATOM   69   C CA  . GLU A 1 14  ? -0.279  -8.523  9.794   1.000 15.627 ? 30  GLU AAA CA  1 
ATOM   70   C C   . GLU A 1 14  ? -0.746  -7.384  10.702  1.000 14.769 ? 30  GLU AAA C   1 
ATOM   71   O O   . GLU A 1 14  ? -1.718  -6.692  10.341  1.000 14.405 ? 30  GLU AAA O   1 
ATOM   72   C CB  . GLU A 1 14  ? -0.774  -9.905  10.233  1.000 17.708 ? 30  GLU AAA CB  1 
ATOM   73   C CG  . GLU A 1 14  ? -0.593  -10.959 9.149   0.500 19.225 ? 30  GLU AAA CG  1 
ATOM   74   C CD  . GLU A 1 14  ? -1.583  -12.112 9.117   0.500 23.936 ? 30  GLU AAA CD  1 
ATOM   75   O OE1 . GLU A 1 14  ? -1.944  -12.617 10.200  0.500 25.414 ? 30  GLU AAA OE1 1 
ATOM   76   O OE2 . GLU A 1 14  ? -1.975  -12.517 7.994   0.500 25.653 ? 30  GLU AAA OE2 1 
ATOM   77   N N   . HIS A 1 15  ? -0.048  -7.162  11.816  1.000 14.654 ? 31  HIS AAA N   1 
ATOM   78   C CA  . HIS A 1 15  ? -0.294  -6.018  12.729  1.000 14.651 ? 31  HIS AAA CA  1 
ATOM   79   C C   . HIS A 1 15  ? -0.130  -4.698  11.970  1.000 13.880 ? 31  HIS AAA C   1 
ATOM   80   O O   . HIS A 1 15  ? -1.069  -3.872  12.007  1.000 14.843 ? 31  HIS AAA O   1 
ATOM   81   C CB  . HIS A 1 15  ? 0.610   -6.075  13.967  1.000 15.647 ? 31  HIS AAA CB  1 
ATOM   82   C CG  . HIS A 1 15  ? 0.625   -4.802  14.736  1.000 17.256 ? 31  HIS AAA CG  1 
ATOM   83   N ND1 . HIS A 1 15  ? -0.448  -4.389  15.505  1.000 18.329 ? 31  HIS AAA ND1 1 
ATOM   84   C CD2 . HIS A 1 15  ? 1.555   -3.830  14.834  1.000 17.335 ? 31  HIS AAA CD2 1 
ATOM   85   C CE1 . HIS A 1 15  ? -0.168  -3.227  16.053  1.000 19.341 ? 31  HIS AAA CE1 1 
ATOM   86   N NE2 . HIS A 1 15  ? 1.053   -2.862  15.659  1.000 19.434 ? 31  HIS AAA NE2 1 
ATOM   87   N N   . PHE A 1 16  ? 1.012   -4.483  11.311  1.000 13.094 ? 32  PHE AAA N   1 
ATOM   88   C CA  . PHE A 1 16  ? 1.282   -3.228  10.565  1.000 11.849 ? 32  PHE AAA CA  1 
ATOM   89   C C   . PHE A 1 16  ? 0.191   -3.020  9.511   1.000 11.387 ? 32  PHE AAA C   1 
ATOM   90   O O   . PHE A 1 16  ? -0.319  -1.904  9.420   1.000 12.444 ? 32  PHE AAA O   1 
ATOM   91   C CB  . PHE A 1 16  ? 2.659   -3.243  9.900   1.000 12.716 ? 32  PHE AAA CB  1 
ATOM   92   C CG  . PHE A 1 16  ? 3.839   -2.990  10.802  1.000 13.085 ? 32  PHE AAA CG  1 
ATOM   93   C CD1 . PHE A 1 16  ? 3.716   -2.318  12.012  1.000 14.525 ? 32  PHE AAA CD1 1 
ATOM   94   C CD2 . PHE A 1 16  ? 5.107   -3.364  10.381  1.000 13.757 ? 32  PHE AAA CD2 1 
ATOM   95   C CE1 . PHE A 1 16  ? 4.833   -2.063  12.790  1.000 14.358 ? 32  PHE AAA CE1 1 
ATOM   96   C CE2 . PHE A 1 16  ? 6.217   -3.113  11.163  1.000 13.851 ? 32  PHE AAA CE2 1 
ATOM   97   C CZ  . PHE A 1 16  ? 6.080   -2.458  12.362  1.000 14.474 ? 32  PHE AAA CZ  1 
ATOM   98   N N   . LEU A 1 17  ? -0.167  -4.059  8.757   1.000 9.965  ? 33  LEU AAA N   1 
ATOM   99   C CA  . LEU A 1 17  ? -1.156  -3.909  7.653   1.000 10.543 ? 33  LEU AAA CA  1 
ATOM   100  C C   . LEU A 1 17  ? -2.517  -3.494  8.236   1.000 11.634 ? 33  LEU AAA C   1 
ATOM   101  O O   . LEU A 1 17  ? -3.172  -2.597  7.662   1.000 12.381 ? 33  LEU AAA O   1 
ATOM   102  C CB  . LEU A 1 17  ? -1.256  -5.212  6.854   1.000 11.122 ? 33  LEU AAA CB  1 
ATOM   103  C CG  . LEU A 1 17  ? -2.203  -5.163  5.657   1.000 11.532 ? 33  LEU AAA CG  1 
ATOM   104  C CD1 . LEU A 1 17  ? -1.741  -4.100  4.670   1.000 12.587 ? 33  LEU AAA CD1 1 
ATOM   105  C CD2 . LEU A 1 17  ? -2.304  -6.525  4.980   1.000 11.671 ? 33  LEU AAA CD2 1 
ATOM   106  N N   . ARG A 1 18  ? -2.935  -4.116  9.342   1.000 12.196 ? 34  ARG AAA N   1 
ATOM   107  C CA  . ARG A 1 18  ? -4.217  -3.768  10.018  1.000 13.457 ? 34  ARG AAA CA  1 
ATOM   108  C C   . ARG A 1 18  ? -4.195  -2.279  10.376  1.000 13.278 ? 34  ARG AAA C   1 
ATOM   109  O O   . ARG A 1 18  ? -5.185  -1.576  10.121  1.000 12.990 ? 34  ARG AAA O   1 
ATOM   110  C CB  . ARG A 1 18  ? -4.440  -4.597  11.291  1.000 15.804 ? 34  ARG AAA CB  1 
ATOM   111  C CG  . ARG A 1 18  ? -5.057  -5.969  11.079  1.000 19.662 ? 34  ARG AAA CG  1 
ATOM   112  C CD  . ARG A 1 18  ? -5.459  -6.628  12.399  1.000 22.240 ? 34  ARG AAA CD  1 
ATOM   113  N NE  . ARG A 1 18  ? -4.326  -6.830  13.291  1.000 25.308 ? 34  ARG AAA NE  1 
ATOM   114  C CZ  . ARG A 1 18  ? -3.560  -7.919  13.329  1.000 26.618 ? 34  ARG AAA CZ  1 
ATOM   115  N NH1 . ARG A 1 18  ? -3.794  -8.940  12.521  1.000 28.750 ? 34  ARG AAA NH1 1 
ATOM   116  N NH2 . ARG A 1 18  ? -2.554  -7.979  14.179  1.000 28.470 ? 34  ARG AAA NH2 1 
ATOM   117  N N   . GLN A 1 19  ? -3.099  -1.811  10.976  1.000 13.258 ? 35  GLN AAA N   1 
ATOM   118  C CA  . GLN A 1 19  ? -2.966  -0.396  11.410  1.000 14.927 ? 35  GLN AAA CA  1 
ATOM   119  C C   . GLN A 1 19  ? -2.960  0.522   10.179  1.000 14.225 ? 35  GLN AAA C   1 
ATOM   120  O O   . GLN A 1 19  ? -3.631  1.568   10.205  1.000 14.409 ? 35  GLN AAA O   1 
ATOM   121  C CB  . GLN A 1 19  ? -1.739  -0.258  12.309  1.000 17.970 ? 35  GLN AAA CB  1 
ATOM   122  C CG  . GLN A 1 19  ? -1.854  -1.048  13.607  1.000 20.626 ? 35  GLN AAA CG  1 
ATOM   123  C CD  . GLN A 1 19  ? -3.176  -0.824  14.303  1.000 24.667 ? 35  GLN AAA CD  1 
ATOM   124  O OE1 . GLN A 1 19  ? -3.621  0.306   14.484  1.000 29.295 ? 35  GLN AAA OE1 1 
ATOM   125  N NE2 . GLN A 1 19  ? -3.834  -1.907  14.680  1.000 30.281 ? 35  GLN AAA NE2 1 
ATOM   126  N N   . LEU A 1 20  ? -2.275  0.138   9.099   1.000 12.447 ? 36  LEU AAA N   1 
ATOM   127  C CA  . LEU A 1 20  ? -2.230  0.956   7.861   1.000 11.566 ? 36  LEU AAA CA  1 
ATOM   128  C C   . LEU A 1 20  ? -3.625  1.034   7.220   1.000 11.579 ? 36  LEU AAA C   1 
ATOM   129  O O   . LEU A 1 20  ? -4.008  2.125   6.744   1.000 12.523 ? 36  LEU AAA O   1 
ATOM   130  C CB  . LEU A 1 20  ? -1.220  0.354   6.881   1.000 11.742 ? 36  LEU AAA CB  1 
ATOM   131  C CG  . LEU A 1 20  ? 0.246   0.455   7.291   1.000 12.640 ? 36  LEU AAA CG  1 
ATOM   132  C CD1 . LEU A 1 20  ? 1.099   -0.295  6.288   1.000 13.523 ? 36  LEU AAA CD1 1 
ATOM   133  C CD2 . LEU A 1 20  ? 0.699   1.905   7.422   1.000 13.594 ? 36  LEU AAA CD2 1 
ATOM   134  N N   . GLN A 1 21  ? -4.364  -0.071  7.178   1.000 11.637 ? 37  GLN AAA N   1 
ATOM   135  C CA  . GLN A 1 21  ? -5.694  -0.082  6.511   1.000 12.838 ? 37  GLN AAA CA  1 
ATOM   136  C C   . GLN A 1 21  ? -6.688  0.762   7.306   1.000 13.030 ? 37  GLN AAA C   1 
ATOM   137  O O   . GLN A 1 21  ? -7.568  1.356   6.661   1.000 12.440 ? 37  GLN AAA O   1 
ATOM   138  C CB  . GLN A 1 21  ? -6.185  -1.510  6.276   1.000 14.706 ? 37  GLN AAA CB  1 
ATOM   139  C CG  . GLN A 1 21  ? -5.340  -2.216  5.228   1.000 14.272 ? 37  GLN AAA CG  1 
ATOM   140  C CD  . GLN A 1 21  ? -6.062  -3.334  4.516   1.000 14.129 ? 37  GLN AAA CD  1 
ATOM   141  O OE1 . GLN A 1 21  ? -5.847  -4.509  4.807   1.000 17.590 ? 37  GLN AAA OE1 1 
ATOM   142  N NE2 . GLN A 1 21  ? -6.911  -2.983  3.558   1.000 13.369 ? 37  GLN AAA NE2 1 
ATOM   143  N N   . ARG A 1 22  ? -6.506  0.883   8.625   1.000 13.946 ? 38  ARG AAA N   1 
ATOM   144  C CA  . ARG A 1 22  ? -7.378  1.754   9.458   1.000 14.843 ? 38  ARG AAA CA  1 
ATOM   145  C C   . ARG A 1 22  ? -7.279  3.205   8.969   1.000 14.345 ? 38  ARG AAA C   1 
ATOM   146  O O   . ARG A 1 22  ? -8.249  3.956   9.192   1.000 15.560 ? 38  ARG AAA O   1 
ATOM   147  C CB  . ARG A 1 22  ? -7.008  1.657   10.938  1.000 17.838 ? 38  ARG AAA CB  1 
ATOM   148  C CG  . ARG A 1 22  ? -7.421  0.357   11.610  1.000 20.465 ? 38  ARG AAA CG  1 
ATOM   149  C CD  . ARG A 1 22  ? -7.000  0.336   13.066  1.000 25.409 ? 38  ARG AAA CD  1 
ATOM   150  N NE  . ARG A 1 22  ? -7.407  1.561   13.750  1.000 31.041 ? 38  ARG AAA NE  1 
ATOM   151  C CZ  . ARG A 1 22  ? -6.944  1.976   14.926  1.000 37.903 ? 38  ARG AAA CZ  1 
ATOM   152  N NH1 . ARG A 1 22  ? -7.383  3.118   15.436  1.000 40.543 ? 38  ARG AAA NH1 1 
ATOM   153  N NH2 . ARG A 1 22  ? -6.047  1.262   15.590  1.000 39.303 ? 38  ARG AAA NH2 1 
ATOM   154  N N   . LYS A 1 23  ? -6.162  3.589   8.329   1.000 14.792 ? 39  LYS AAA N   1 
ATOM   155  C CA  . LYS A 1 23  ? -5.898  4.967   7.817   1.000 14.672 ? 39  LYS AAA CA  1 
ATOM   156  C C   . LYS A 1 23  ? -6.587  5.183   6.463   1.000 13.899 ? 39  LYS AAA C   1 
ATOM   157  O O   . LYS A 1 23  ? -6.570  6.326   5.950   1.000 13.609 ? 39  LYS AAA O   1 
ATOM   158  C CB  . LYS A 1 23  ? -4.390  5.209   7.700   1.000 16.391 ? 39  LYS AAA CB  1 
ATOM   159  C CG  . LYS A 1 23  ? -3.601  5.028   8.989   1.000 18.800 ? 39  LYS AAA CG  1 
ATOM   160  C CD  . LYS A 1 23  ? -2.140  5.404   8.851   1.000 19.895 ? 39  LYS AAA CD  1 
ATOM   161  C CE  . LYS A 1 23  ? -1.323  5.070   10.079  1.000 22.493 ? 39  LYS AAA CE  1 
ATOM   162  N NZ  . LYS A 1 23  ? -1.782  5.859   11.244  1.000 23.407 ? 39  LYS AAA NZ  1 
ATOM   163  N N   . ASP A 1 24  ? -7.201  4.135   5.917   1.000 11.951 ? 40  ASP AAA N   1 
ATOM   164  C CA  . ASP A 1 24  ? -7.890  4.167   4.604   1.000 11.503 ? 40  ASP AAA CA  1 
ATOM   165  C C   . ASP A 1 24  ? -9.291  3.610   4.813   1.000 11.588 ? 40  ASP AAA C   1 
ATOM   166  O O   . ASP A 1 24  ? -9.635  2.532   4.349   1.000 11.242 ? 40  ASP AAA O   1 
ATOM   167  C CB  . ASP A 1 24  ? -7.084  3.394   3.563   1.000 10.805 ? 40  ASP AAA CB  1 
ATOM   168  C CG  . ASP A 1 24  ? -7.763  3.225   2.211   1.000 11.823 ? 40  ASP AAA CG  1 
ATOM   169  O OD1 . ASP A 1 24  ? -8.492  4.143   1.794   1.000 11.700 ? 40  ASP AAA OD1 1 
ATOM   170  O OD2 . ASP A 1 24  ? -7.531  2.185   1.573   1.000 10.978 ? 40  ASP AAA OD2 1 
ATOM   171  N N   . PRO A 1 25  ? -10.144 4.317   5.588   1.000 12.163 ? 41  PRO AAA N   1 
ATOM   172  C CA  . PRO A 1 25  ? -11.471 3.786   5.908   1.000 12.537 ? 41  PRO AAA CA  1 
ATOM   173  C C   . PRO A 1 25  ? -12.388 3.536   4.701   1.000 11.892 ? 41  PRO AAA C   1 
ATOM   174  O O   . PRO A 1 25  ? -13.224 2.651   4.784   1.000 13.225 ? 41  PRO AAA O   1 
ATOM   175  C CB  . PRO A 1 25  ? -12.039 4.864   6.845   1.000 12.860 ? 41  PRO AAA CB  1 
ATOM   176  C CG  . PRO A 1 25  ? -11.262 6.106   6.499   1.000 12.556 ? 41  PRO AAA CG  1 
ATOM   177  C CD  . PRO A 1 25  ? -9.863  5.622   6.200   1.000 13.422 ? 41  PRO AAA CD  1 
ATOM   178  N N   . HIS A 1 26  ? -12.207 4.286   3.616   1.000 13.160 ? 42  HIS AAA N   1 
ATOM   179  C CA  . HIS A 1 26  ? -12.952 4.105   2.342   1.000 12.762 ? 42  HIS AAA CA  1 
ATOM   180  C C   . HIS A 1 26  ? -12.460 2.860   1.593   1.000 12.830 ? 42  HIS AAA C   1 
ATOM   181  O O   . HIS A 1 26  ? -13.143 2.455   0.621   1.000 12.832 ? 42  HIS AAA O   1 
ATOM   182  C CB  . HIS A 1 26  ? -12.853 5.348   1.457   1.000 13.821 ? 42  HIS AAA CB  1 
ATOM   183  C CG  . HIS A 1 26  ? -13.599 6.517   2.019   1.000 15.051 ? 42  HIS AAA CG  1 
ATOM   184  N ND1 . HIS A 1 26  ? -14.984 6.561   2.027   1.000 15.978 ? 42  HIS AAA ND1 1 
ATOM   185  C CD2 . HIS A 1 26  ? -13.171 7.649   2.613   1.000 14.920 ? 42  HIS AAA CD2 1 
ATOM   186  C CE1 . HIS A 1 26  ? -15.375 7.697   2.587   1.000 14.588 ? 42  HIS AAA CE1 1 
ATOM   187  N NE2 . HIS A 1 26  ? -14.287 8.380   2.959   1.000 15.403 ? 42  HIS AAA NE2 1 
ATOM   188  N N   . GLY A 1 27  ? -11.315 2.288   1.989   1.000 11.921 ? 43  GLY AAA N   1 
ATOM   189  C CA  . GLY A 1 27  ? -10.653 1.203   1.244   1.000 11.635 ? 43  GLY AAA CA  1 
ATOM   190  C C   . GLY A 1 27  ? -10.292 1.609   -0.179  1.000 10.481 ? 43  GLY AAA C   1 
ATOM   191  O O   . GLY A 1 27  ? -10.370 0.760   -1.090  1.000 11.540 ? 43  GLY AAA O   1 
ATOM   192  N N   . PHE A 1 28  ? -9.829  2.841   -0.390  1.000 10.305 ? 44  PHE AAA N   1 
ATOM   193  C CA  . PHE A 1 28  ? -9.342  3.299   -1.713  1.000 11.371 ? 44  PHE AAA CA  1 
ATOM   194  C C   . PHE A 1 28  ? -8.134  2.467   -2.155  1.000 10.376 ? 44  PHE AAA C   1 
ATOM   195  O O   . PHE A 1 28  ? -7.920  2.324   -3.351  1.000 12.171 ? 44  PHE AAA O   1 
ATOM   196  C CB  . PHE A 1 28  ? -8.973  4.784   -1.682  1.000 12.893 ? 44  PHE AAA CB  1 
ATOM   197  C CG  . PHE A 1 28  ? -10.139 5.726   -1.526  1.000 14.354 ? 44  PHE AAA CG  1 
ATOM   198  C CD1 . PHE A 1 28  ? -11.349 5.497   -2.172  1.000 16.968 ? 44  PHE AAA CD1 1 
ATOM   199  C CD2 . PHE A 1 28  ? -10.016 6.854   -0.727  1.000 16.270 ? 44  PHE AAA CD2 1 
ATOM   200  C CE1 . PHE A 1 28  ? -12.408 6.383   -2.026  1.000 18.942 ? 44  PHE AAA CE1 1 
ATOM   201  C CE2 . PHE A 1 28  ? -11.080 7.736   -0.579  1.000 18.102 ? 44  PHE AAA CE2 1 
ATOM   202  C CZ  . PHE A 1 28  ? -12.270 7.500   -1.234  1.000 18.079 ? 44  PHE AAA CZ  1 
ATOM   203  N N   . PHE A 1 29  ? -7.368  1.956   -1.200  1.000 10.275 ? 45  PHE AAA N   1 
ATOM   204  C CA  . PHE A 1 29  ? -6.116  1.191   -1.430  1.000 9.790  ? 45  PHE AAA CA  1 
ATOM   205  C C   . PHE A 1 29  ? -6.335  -0.295  -1.125  1.000 9.390  ? 45  PHE AAA C   1 
ATOM   206  O O   . PHE A 1 29  ? -5.344  -1.035  -1.107  1.000 9.731  ? 45  PHE AAA O   1 
ATOM   207  C CB  . PHE A 1 29  ? -5.001  1.804   -0.579  1.000 10.669 ? 45  PHE AAA CB  1 
ATOM   208  C CG  . PHE A 1 29  ? -4.652  3.198   -1.032  1.000 11.591 ? 45  PHE AAA CG  1 
ATOM   209  C CD1 . PHE A 1 29  ? -3.907  3.381   -2.183  1.000 11.872 ? 45  PHE AAA CD1 1 
ATOM   210  C CD2 . PHE A 1 29  ? -5.076  4.315   -0.323  1.000 13.059 ? 45  PHE AAA CD2 1 
ATOM   211  C CE1 . PHE A 1 29  ? -3.608  4.655   -2.641  1.000 13.787 ? 45  PHE AAA CE1 1 
ATOM   212  C CE2 . PHE A 1 29  ? -4.782  5.589   -0.793  1.000 12.630 ? 45  PHE AAA CE2 1 
ATOM   213  C CZ  . PHE A 1 29  ? -4.022  5.751   -1.927  1.000 13.708 ? 45  PHE AAA CZ  1 
ATOM   214  N N   . ALA A 1 30  ? -7.574  -0.735  -0.887  1.000 8.859  ? 46  ALA AAA N   1 
ATOM   215  C CA  . ALA A 1 30  ? -7.871  -2.125  -0.451  1.000 9.217  ? 46  ALA AAA CA  1 
ATOM   216  C C   . ALA A 1 30  ? -7.634  -3.120  -1.592  1.000 9.176  ? 46  ALA AAA C   1 
ATOM   217  O O   . ALA A 1 30  ? -7.250  -4.251  -1.298  1.000 10.448 ? 46  ALA AAA O   1 
ATOM   218  C CB  . ALA A 1 30  ? -9.267  -2.250  0.088   1.000 10.172 ? 46  ALA AAA CB  1 
ATOM   219  N N   . PHE A 1 31  ? -7.872  -2.719  -2.847  1.000 8.517  ? 47  PHE AAA N   1 
ATOM   220  C CA  . PHE A 1 31  ? -7.853  -3.635  -4.014  1.000 9.930  ? 47  PHE AAA CA  1 
ATOM   221  C C   . PHE A 1 31  ? -7.112  -3.005  -5.182  1.000 11.266 ? 47  PHE AAA C   1 
ATOM   222  O O   . PHE A 1 31  ? -6.952  -1.789  -5.248  1.000 11.494 ? 47  PHE AAA O   1 
ATOM   223  C CB  . PHE A 1 31  ? -9.287  -3.995  -4.398  1.000 10.147 ? 47  PHE AAA CB  1 
ATOM   224  C CG  . PHE A 1 31  ? -10.115 -4.570  -3.275  1.000 10.336 ? 47  PHE AAA CG  1 
ATOM   225  C CD1 . PHE A 1 31  ? -9.836  -5.828  -2.762  1.000 11.508 ? 47  PHE AAA CD1 1 
ATOM   226  C CD2 . PHE A 1 31  ? -11.192 -3.872  -2.742  1.000 10.844 ? 47  PHE AAA CD2 1 
ATOM   227  C CE1 . PHE A 1 31  ? -10.589 -6.368  -1.734  1.000 12.225 ? 47  PHE AAA CE1 1 
ATOM   228  C CE2 . PHE A 1 31  ? -11.945 -4.418  -1.714  1.000 11.325 ? 47  PHE AAA CE2 1 
ATOM   229  C CZ  . PHE A 1 31  ? -11.653 -5.662  -1.217  1.000 11.156 ? 47  PHE AAA CZ  1 
ATOM   230  N N   . PRO A 1 32  ? -6.646  -3.829  -6.146  1.000 11.779 ? 48  PRO AAA N   1 
ATOM   231  C CA  . PRO A 1 32  ? -5.906  -3.321  -7.294  1.000 12.858 ? 48  PRO AAA CA  1 
ATOM   232  C C   . PRO A 1 32  ? -6.723  -2.334  -8.126  1.000 14.654 ? 48  PRO AAA C   1 
ATOM   233  O O   . PRO A 1 32  ? -7.900  -2.588  -8.372  1.000 14.968 ? 48  PRO AAA O   1 
ATOM   234  C CB  . PRO A 1 32  ? -5.608  -4.559  -8.143  1.000 13.342 ? 48  PRO AAA CB  1 
ATOM   235  C CG  . PRO A 1 32  ? -5.723  -5.716  -7.193  1.000 12.925 ? 48  PRO AAA CG  1 
ATOM   236  C CD  . PRO A 1 32  ? -6.746  -5.295  -6.155  1.000 12.988 ? 48  PRO AAA CD  1 
ATOM   237  N N   . VAL A 1 33  ? -6.076  -1.236  -8.521  1.000 14.423 ? 49  VAL AAA N   1 
ATOM   238  C CA  . VAL A 1 33  ? -6.632  -0.243  -9.485  1.000 16.796 ? 49  VAL AAA CA  1 
ATOM   239  C C   . VAL A 1 33  ? -6.730  -0.939  -10.846 1.000 17.552 ? 49  VAL AAA C   1 
ATOM   240  O O   . VAL A 1 33  ? -5.783  -1.650  -11.202 1.000 18.610 ? 49  VAL AAA O   1 
ATOM   241  C CB  . VAL A 1 33  ? -5.755  1.020   -9.560  1.000 15.693 ? 49  VAL AAA CB  1 
ATOM   242  C CG1 . VAL A 1 33  ? -6.304  2.022   -10.562 1.000 17.447 ? 49  VAL AAA CG1 1 
ATOM   243  C CG2 . VAL A 1 33  ? -5.553  1.664   -8.198  1.000 15.253 ? 49  VAL AAA CG2 1 
ATOM   244  N N   . THR A 1 34  ? -7.847  -0.779  -11.562 1.000 20.813 ? 50  THR AAA N   1 
ATOM   245  C CA  . THR A 1 34  ? -8.051  -1.377  -12.913 1.000 21.671 ? 50  THR AAA CA  1 
ATOM   246  C C   . THR A 1 34  ? -8.017  -0.269  -13.966 1.000 18.692 ? 50  THR AAA C   1 
ATOM   247  O O   . THR A 1 34  ? -8.470  0.834   -13.650 1.000 17.510 ? 50  THR AAA O   1 
ATOM   248  C CB  . THR A 1 34  ? -9.377  -2.143  -13.007 1.000 21.901 ? 50  THR AAA CB  1 
ATOM   249  O OG1 . THR A 1 34  ? -10.443 -1.209  -12.848 1.000 23.677 ? 50  THR AAA OG1 1 
ATOM   250  C CG2 . THR A 1 34  ? -9.496  -3.237  -11.969 1.000 23.604 ? 50  THR AAA CG2 1 
ATOM   251  N N   . ASP A 1 35  ? -7.528  -0.584  -15.168 1.000 21.350 ? 51  ASP AAA N   1 
ATOM   252  C CA  . ASP A 1 35  ? -7.527  0.356   -16.323 1.000 20.996 ? 51  ASP AAA CA  1 
ATOM   253  C C   . ASP A 1 35  ? -8.967  0.781   -16.649 1.000 22.832 ? 51  ASP AAA C   1 
ATOM   254  O O   . ASP A 1 35  ? -9.132  1.881   -17.192 1.000 23.270 ? 51  ASP AAA O   1 
ATOM   255  C CB  . ASP A 1 35  ? -6.842  -0.261  -17.542 1.000 22.729 ? 51  ASP AAA CB  1 
ATOM   256  C CG  . ASP A 1 35  ? -5.335  -0.363  -17.410 1.000 26.328 ? 51  ASP AAA CG  1 
ATOM   257  O OD1 . ASP A 1 35  ? -4.824  -0.168  -16.293 1.000 30.955 ? 51  ASP AAA OD1 1 
ATOM   258  O OD2 . ASP A 1 35  ? -4.684  -0.648  -18.420 1.000 29.183 ? 51  ASP AAA OD2 1 
ATOM   259  N N   . ALA A 1 36  ? -9.966  -0.050  -16.322 1.000 23.355 ? 52  ALA AAA N   1 
ATOM   260  C CA  . ALA A 1 36  ? -11.407 0.235   -16.540 1.000 27.840 ? 52  ALA AAA CA  1 
ATOM   261  C C   . ALA A 1 36  ? -11.852 1.476   -15.755 1.000 28.217 ? 52  ALA AAA C   1 
ATOM   262  O O   . ALA A 1 36  ? -12.661 2.248   -16.297 1.000 33.167 ? 52  ALA AAA O   1 
ATOM   263  C CB  . ALA A 1 36  ? -12.243 -0.966  -16.171 1.000 29.239 ? 52  ALA AAA CB  1 
ATOM   264  N N   . ILE A 1 37  ? -11.360 1.673   -14.526 1.000 30.470 ? 53  ILE AAA N   1 
ATOM   265  C CA  . ILE A 1 37  ? -11.750 2.842   -13.676 1.000 26.713 ? 53  ILE AAA CA  1 
ATOM   266  C C   . ILE A 1 37  ? -10.632 3.896   -13.662 1.000 23.292 ? 53  ILE AAA C   1 
ATOM   267  O O   . ILE A 1 37  ? -10.900 5.020   -13.197 1.000 22.979 ? 53  ILE AAA O   1 
ATOM   268  C CB  . ILE A 1 37  ? -12.169 2.405   -12.254 1.000 31.073 ? 53  ILE AAA CB  1 
ATOM   269  C CG1 . ILE A 1 37  ? -11.034 1.725   -11.481 1.000 30.323 ? 53  ILE AAA CG1 1 
ATOM   270  C CG2 . ILE A 1 37  ? -13.417 1.535   -12.315 1.000 32.787 ? 53  ILE AAA CG2 1 
ATOM   271  C CD1 . ILE A 1 37  ? -10.181 2.671   -10.664 1.000 29.406 ? 53  ILE AAA CD1 1 
ATOM   272  N N   . ALA A 1 38  ? -9.439  3.570   -14.168 1.000 22.425 ? 54  ALA AAA N   1 
ATOM   273  C CA  . ALA A 1 38  ? -8.290  4.503   -14.245 1.000 22.305 ? 54  ALA AAA CA  1 
ATOM   274  C C   . ALA A 1 38  ? -7.656  4.413   -15.627 1.000 21.767 ? 54  ALA AAA C   1 
ATOM   275  O O   . ALA A 1 38  ? -6.713  3.652   -15.840 1.000 19.435 ? 54  ALA AAA O   1 
ATOM   276  C CB  . ALA A 1 38  ? -7.303  4.182   -13.154 1.000 21.899 ? 54  ALA AAA CB  1 
ATOM   277  N N   . PRO A 1 39  ? -8.191  5.166   -16.618 1.000 24.203 ? 55  PRO AAA N   1 
ATOM   278  C CA  . PRO A 1 39  ? -7.696  5.106   -17.992 1.000 25.557 ? 55  PRO AAA CA  1 
ATOM   279  C C   . PRO A 1 39  ? -6.166  5.217   -18.083 1.000 21.082 ? 55  PRO AAA C   1 
ATOM   280  O O   . PRO A 1 39  ? -5.628  6.156   -17.582 1.000 21.693 ? 55  PRO AAA O   1 
ATOM   281  C CB  . PRO A 1 39  ? -8.387  6.303   -18.667 1.000 28.318 ? 55  PRO AAA CB  1 
ATOM   282  C CG  . PRO A 1 39  ? -9.668  6.491   -17.884 1.000 27.503 ? 55  PRO AAA CG  1 
ATOM   283  C CD  . PRO A 1 39  ? -9.328  6.082   -16.466 1.000 25.898 ? 55  PRO AAA CD  1 
ATOM   284  N N   . GLY A 1 40  ? -5.526  4.236   -18.714 1.000 20.742 ? 56  GLY AAA N   1 
ATOM   285  C CA  . GLY A 1 40  ? -4.074  4.235   -18.977 1.000 20.954 ? 56  GLY AAA CA  1 
ATOM   286  C C   . GLY A 1 40  ? -3.245  3.847   -17.764 1.000 19.858 ? 56  GLY AAA C   1 
ATOM   287  O O   . GLY A 1 40  ? -2.002  3.907   -17.847 1.000 18.594 ? 56  GLY AAA O   1 
ATOM   288  N N   . TYR A 1 41  ? -3.880  3.396   -16.689 1.000 19.413 ? 57  TYR AAA N   1 
ATOM   289  C CA  . TYR A 1 41  ? -3.178  3.175   -15.397 1.000 18.310 ? 57  TYR AAA CA  1 
ATOM   290  C C   . TYR A 1 41  ? -1.990  2.233   -15.622 1.000 18.013 ? 57  TYR AAA C   1 
ATOM   291  O O   . TYR A 1 41  ? -0.852  2.570   -15.211 1.000 20.075 ? 57  TYR AAA O   1 
ATOM   292  C CB  . TYR A 1 41  ? -4.125  2.626   -14.331 1.000 18.411 ? 57  TYR AAA CB  1 
ATOM   293  C CG  . TYR A 1 41  ? -3.504  2.636   -12.960 1.000 17.026 ? 57  TYR AAA CG  1 
ATOM   294  C CD1 . TYR A 1 41  ? -3.511  3.786   -12.185 1.000 16.875 ? 57  TYR AAA CD1 1 
ATOM   295  C CD2 . TYR A 1 41  ? -2.865  1.509   -12.470 1.000 16.792 ? 57  TYR AAA CD2 1 
ATOM   296  C CE1 . TYR A 1 41  ? -2.908  3.812   -10.935 1.000 15.893 ? 57  TYR AAA CE1 1 
ATOM   297  C CE2 . TYR A 1 41  ? -2.248  1.526   -11.229 1.000 15.512 ? 57  TYR AAA CE2 1 
ATOM   298  C CZ  . TYR A 1 41  ? -2.276  2.677   -10.459 1.000 15.788 ? 57  TYR AAA CZ  1 
ATOM   299  O OH  . TYR A 1 41  ? -1.676  2.689   -9.225  1.000 14.850 ? 57  TYR AAA OH  1 
ATOM   300  N N   . SER A 1 42  ? -2.223  1.086   -16.258 1.000 18.881 ? 58  SER AAA N   1 
ATOM   301  C CA  . SER A 1 42  ? -1.199  0.024   -16.424 1.000 21.976 ? 58  SER AAA CA  1 
ATOM   302  C C   . SER A 1 42  ? -0.126  0.452   -17.440 1.000 23.564 ? 58  SER AAA C   1 
ATOM   303  O O   . SER A 1 42  ? 0.912   -0.230  -17.521 1.000 26.507 ? 58  SER AAA O   1 
ATOM   304  C CB  . SER A 1 42  ? -1.825  -1.303  -16.768 1.000 24.409 ? 58  SER AAA CB  1 
ATOM   305  O OG  . SER A 1 42  ? -2.302  -1.322  -18.100 1.000 28.837 ? 58  SER AAA OG  1 
ATOM   306  N N   . MET A 1 43  ? -0.337  1.546   -18.178 1.000 24.073 ? 59  MET AAA N   1 
ATOM   307  C CA  . MET A 1 43  ? 0.683   2.093   -19.112 1.000 25.086 ? 59  MET AAA CA  1 
ATOM   308  C C   . MET A 1 43  ? 1.585   3.112   -18.396 1.000 27.331 ? 59  MET AAA C   1 
ATOM   309  O O   . MET A 1 43  ? 2.702   3.346   -18.894 1.000 29.909 ? 59  MET AAA O   1 
ATOM   310  C CB  . MET A 1 43  ? 0.005   2.737   -20.323 1.000 27.396 ? 59  MET AAA CB  1 
ATOM   311  C CG  . MET A 1 43  ? -0.701  1.719   -21.196 1.000 27.054 ? 59  MET AAA CG  1 
ATOM   312  S SD  . MET A 1 43  ? -1.692  2.508   -22.480 1.000 32.931 ? 59  MET AAA SD  1 
ATOM   313  C CE  . MET A 1 43  ? -3.285  2.554   -21.676 1.000 39.435 ? 59  MET AAA CE  1 
ATOM   314  N N   . ILE A 1 44  ? 1.121   3.696   -17.285 1.000 26.616 ? 60  ILE AAA N   1 
ATOM   315  C CA  . ILE A 1 44  ? 1.827   4.755   -16.495 1.000 25.207 ? 60  ILE AAA CA  1 
ATOM   316  C C   . ILE A 1 44  ? 2.515   4.107   -15.284 1.000 26.241 ? 60  ILE AAA C   1 
ATOM   317  O O   . ILE A 1 44  ? 3.622   4.561   -14.903 1.000 24.584 ? 60  ILE AAA O   1 
ATOM   318  C CB  . ILE A 1 44  ? 0.833   5.856   -16.068 1.000 25.344 ? 60  ILE AAA CB  1 
ATOM   319  C CG1 . ILE A 1 44  ? 0.303   6.622   -17.283 1.000 28.076 ? 60  ILE AAA CG1 1 
ATOM   320  C CG2 . ILE A 1 44  ? 1.438   6.796   -15.029 1.000 28.158 ? 60  ILE AAA CG2 1 
ATOM   321  C CD1 . ILE A 1 44  ? -0.849  7.543   -16.972 1.000 28.745 ? 60  ILE AAA CD1 1 
ATOM   322  N N   . ILE A 1 45  ? 1.861   3.105   -14.690 1.000 22.232 ? 61  ILE AAA N   1 
ATOM   323  C CA  . ILE A 1 45  ? 2.305   2.422   -13.441 1.000 21.954 ? 61  ILE AAA CA  1 
ATOM   324  C C   . ILE A 1 45  ? 2.832   1.026   -13.802 1.000 20.909 ? 61  ILE AAA C   1 
ATOM   325  O O   . ILE A 1 45  ? 2.025   0.141   -14.148 1.000 21.244 ? 61  ILE AAA O   1 
ATOM   326  C CB  . ILE A 1 45  ? 1.147   2.398   -12.422 1.000 19.489 ? 61  ILE AAA CB  1 
ATOM   327  C CG1 . ILE A 1 45  ? 0.640   3.808   -12.098 1.000 18.695 ? 61  ILE AAA CG1 1 
ATOM   328  C CG2 . ILE A 1 45  ? 1.535   1.612   -11.179 1.000 19.067 ? 61  ILE AAA CG2 1 
ATOM   329  C CD1 . ILE A 1 45  ? 1.689   4.757   -11.541 1.000 19.196 ? 61  ILE AAA CD1 1 
ATOM   330  N N   . LYS A 1 46  ? 4.150   0.844   -13.716 1.000 20.569 ? 62  LYS AAA N   1 
ATOM   331  C CA  . LYS A 1 46  ? 4.855   -0.406  -14.100 1.000 23.164 ? 62  LYS AAA CA  1 
ATOM   332  C C   . LYS A 1 46  ? 4.585   -1.505  -13.065 1.000 20.992 ? 62  LYS AAA C   1 
ATOM   333  O O   . LYS A 1 46  ? 4.480   -2.676  -13.451 1.000 18.794 ? 62  LYS AAA O   1 
ATOM   334  C CB  . LYS A 1 46  ? 6.360   -0.146  -14.214 1.000 27.054 ? 62  LYS AAA CB  1 
ATOM   335  C CG  . LYS A 1 46  ? 7.194   -1.332  -14.676 1.000 31.066 ? 62  LYS AAA CG  1 
ATOM   336  C CD  . LYS A 1 46  ? 8.646   -0.973  -14.927 1.000 36.227 ? 62  LYS AAA CD  1 
ATOM   337  C CE  . LYS A 1 46  ? 9.448   -2.104  -15.530 1.000 39.612 ? 62  LYS AAA CE  1 
ATOM   338  N NZ  . LYS A 1 46  ? 10.888  -1.765  -15.610 1.000 44.078 ? 62  LYS AAA NZ  1 
ATOM   339  N N   . HIS A 1 47  ? 4.489   -1.141  -11.788 1.000 18.872 ? 63  HIS AAA N   1 
ATOM   340  C CA  . HIS A 1 47  ? 4.458   -2.101  -10.661 1.000 18.487 ? 63  HIS AAA CA  1 
ATOM   341  C C   . HIS A 1 47  ? 3.318   -1.727  -9.730  1.000 17.200 ? 63  HIS AAA C   1 
ATOM   342  O O   . HIS A 1 47  ? 3.547   -1.037  -8.742  1.000 16.691 ? 63  HIS AAA O   1 
ATOM   343  C CB  . HIS A 1 47  ? 5.801   -2.103  -9.916  1.000 20.176 ? 63  HIS AAA CB  1 
ATOM   344  C CG  . HIS A 1 47  ? 6.946   -2.579  -10.745 1.000 25.414 ? 63  HIS AAA CG  1 
ATOM   345  N ND1 . HIS A 1 47  ? 7.982   -1.742  -11.123 1.000 30.367 ? 63  HIS AAA ND1 1 
ATOM   346  C CD2 . HIS A 1 47  ? 7.216   -3.789  -11.278 1.000 26.704 ? 63  HIS AAA CD2 1 
ATOM   347  C CE1 . HIS A 1 47  ? 8.850   -2.426  -11.844 1.000 30.127 ? 63  HIS AAA CE1 1 
ATOM   348  N NE2 . HIS A 1 47  ? 8.399   -3.680  -11.961 1.000 29.134 ? 63  HIS AAA NE2 1 
ATOM   349  N N   . PRO A 1 48  ? 2.070   -2.154  -10.031 1.000 16.667 ? 64  PRO AAA N   1 
ATOM   350  C CA  . PRO A 1 48  ? 0.924   -1.821  -9.192  1.000 14.302 ? 64  PRO AAA CA  1 
ATOM   351  C C   . PRO A 1 48  ? 1.074   -2.496  -7.824  1.000 12.578 ? 64  PRO AAA C   1 
ATOM   352  O O   . PRO A 1 48  ? 1.693   -3.552  -7.714  1.000 12.654 ? 64  PRO AAA O   1 
ATOM   353  C CB  . PRO A 1 48  ? -0.291  -2.407  -9.925  1.000 16.821 ? 64  PRO AAA CB  1 
ATOM   354  C CG  . PRO A 1 48  ? 0.220   -2.704  -11.321 1.000 20.603 ? 64  PRO AAA CG  1 
ATOM   355  C CD  . PRO A 1 48  ? 1.687   -3.027  -11.152 1.000 19.525 ? 64  PRO AAA CD  1 
ATOM   356  N N   . MET A 1 49  ? 0.504   -1.860  -6.808  1.000 11.638 ? 65  MET AAA N   1 
ATOM   357  C CA  . MET A 1 49  ? 0.463   -2.450  -5.461  1.000 10.519 ? 65  MET AAA CA  1 
ATOM   358  C C   . MET A 1 49  ? -0.796  -1.947  -4.765  1.000 9.774  ? 65  MET AAA C   1 
ATOM   359  O O   . MET A 1 49  ? -1.316  -0.856  -5.109  1.000 9.685  ? 65  MET AAA O   1 
ATOM   360  C CB  . MET A 1 49  ? 1.727   -2.069  -4.685  1.000 9.938  ? 65  MET AAA CB  1 
ATOM   361  C CG  . MET A 1 49  ? 1.876   -2.806  -3.352  1.000 10.977 ? 65  MET AAA CG  1 
ATOM   362  S SD  . MET A 1 49  ? 1.624   -4.595  -3.413  1.000 11.684 ? 65  MET AAA SD  1 
ATOM   363  C CE  . MET A 1 49  ? 2.958   -5.064  -4.517  1.000 11.442 ? 65  MET AAA CE  1 
ATOM   364  N N   . ASP A 1 50  ? -1.278  -2.742  -3.826  1.000 9.356  ? 66  ASP AAA N   1 
ATOM   365  C CA  . ASP A 1 50  ? -2.501  -2.441  -3.055  1.000 8.832  ? 66  ASP AAA CA  1 
ATOM   366  C C   . ASP A 1 50  ? -2.424  -3.254  -1.768  1.000 8.406  ? 66  ASP AAA C   1 
ATOM   367  O O   . ASP A 1 50  ? -1.678  -4.245  -1.701  1.000 9.207  ? 66  ASP AAA O   1 
ATOM   368  C CB  . ASP A 1 50  ? -3.758  -2.766  -3.863  1.000 9.260  ? 66  ASP AAA CB  1 
ATOM   369  C CG  . ASP A 1 50  ? -3.916  -4.254  -4.098  1.000 10.323 ? 66  ASP AAA CG  1 
ATOM   370  O OD1 . ASP A 1 50  ? -3.261  -4.752  -5.037  1.000 10.540 ? 66  ASP AAA OD1 1 
ATOM   371  O OD2 . ASP A 1 50  ? -4.612  -4.913  -3.297  1.000 10.679 ? 66  ASP AAA OD2 1 
ATOM   372  N N   . PHE A 1 51  ? -3.224  -2.879  -0.786  1.000 8.347  ? 67  PHE AAA N   1 
ATOM   373  C CA  . PHE A 1 51  ? -3.206  -3.541  0.541   1.000 8.722  ? 67  PHE AAA CA  1 
ATOM   374  C C   . PHE A 1 51  ? -3.626  -5.008  0.408   1.000 9.446  ? 67  PHE AAA C   1 
ATOM   375  O O   . PHE A 1 51  ? -3.140  -5.853  1.174   1.000 9.443  ? 67  PHE AAA O   1 
ATOM   376  C CB  . PHE A 1 51  ? -4.152  -2.821  1.494   1.000 10.039 ? 67  PHE AAA CB  1 
ATOM   377  C CG  . PHE A 1 51  ? -3.646  -1.538  2.100   1.000 10.090 ? 67  PHE AAA CG  1 
ATOM   378  C CD1 . PHE A 1 51  ? -2.370  -1.427  2.634   1.000 10.574 ? 67  PHE AAA CD1 1 
ATOM   379  C CD2 . PHE A 1 51  ? -4.509  -0.460  2.234   1.000 10.241 ? 67  PHE AAA CD2 1 
ATOM   380  C CE1 . PHE A 1 51  ? -1.963  -0.262  3.266   1.000 10.853 ? 67  PHE AAA CE1 1 
ATOM   381  C CE2 . PHE A 1 51  ? -4.100  0.707   2.856   1.000 10.261 ? 67  PHE AAA CE2 1 
ATOM   382  C CZ  . PHE A 1 51  ? -2.830  0.803   3.384   1.000 10.393 ? 67  PHE AAA CZ  1 
ATOM   383  N N   . GLY A 1 52  ? -4.541  -5.314  -0.510  1.000 9.963  ? 68  GLY AAA N   1 
ATOM   384  C CA  . GLY A 1 52  ? -5.018  -6.693  -0.712  1.000 10.062 ? 68  GLY AAA CA  1 
ATOM   385  C C   . GLY A 1 52  ? -3.893  -7.594  -1.166  1.000 10.540 ? 68  GLY AAA C   1 
ATOM   386  O O   . GLY A 1 52  ? -3.762  -8.706  -0.649  1.000 11.253 ? 68  GLY AAA O   1 
ATOM   387  N N   . THR A 1 53  ? -3.090  -7.111  -2.108  1.000 9.745  ? 69  THR AAA N   1 
ATOM   388  C CA  . THR A 1 53  ? -1.922  -7.852  -2.637  1.000 10.458 ? 69  THR AAA CA  1 
ATOM   389  C C   . THR A 1 53  ? -0.900  -7.993  -1.510  1.000 10.465 ? 69  THR AAA C   1 
ATOM   390  O O   . THR A 1 53  ? -0.303  -9.057  -1.365  1.000 10.747 ? 69  THR AAA O   1 
ATOM   391  C CB  . THR A 1 53  ? -1.365  -7.140  -3.867  1.000 10.848 ? 69  THR AAA CB  1 
ATOM   392  O OG1 . THR A 1 53  ? -2.380  -7.202  -4.872  1.000 11.383 ? 69  THR AAA OG1 1 
ATOM   393  C CG2 . THR A 1 53  ? -0.084  -7.773  -4.359  1.000 10.543 ? 69  THR AAA CG2 1 
ATOM   394  N N   . MET A 1 54  ? -0.758  -6.957  -0.679  1.000 9.962  ? 70  MET AAA N   1 
ATOM   395  C CA  . MET A 1 54  ? 0.190   -7.010  0.456   1.000 10.347 ? 70  MET AAA CA  1 
ATOM   396  C C   . MET A 1 54  ? -0.259  -8.100  1.437   1.000 11.137 ? 70  MET AAA C   1 
ATOM   397  O O   . MET A 1 54  ? 0.594   -8.878  1.903   1.000 10.905 ? 70  MET AAA O   1 
ATOM   398  C CB  . MET A 1 54  ? 0.288   -5.634  1.115   1.000 11.155 ? 70  MET AAA CB  1 
ATOM   399  C CG  . MET A 1 54  ? 1.084   -4.678  0.257   1.000 10.967 ? 70  MET AAA CG  1 
ATOM   400  S SD  . MET A 1 54  ? 0.985   -2.961  0.816   1.000 12.153 ? 70  MET AAA SD  1 
ATOM   401  C CE  . MET A 1 54  ? 1.885   -3.008  2.356   1.000 13.629 ? 70  MET AAA CE  1 
ATOM   402  N N   . LYS A 1 55  ? -1.555  -8.184  1.718   1.000 10.940 ? 71  LYS AAA N   1 
ATOM   403  C CA  . LYS A 1 55  ? -2.106  -9.242  2.603   1.000 12.613 ? 71  LYS AAA CA  1 
ATOM   404  C C   . LYS A 1 55  ? -1.740  -10.600 2.002   1.000 11.689 ? 71  LYS AAA C   1 
ATOM   405  O O   . LYS A 1 55  ? -1.246  -11.461 2.709   1.000 12.404 ? 71  LYS AAA O   1 
ATOM   406  C CB  . LYS A 1 55  ? -3.619  -9.091  2.737   1.000 15.041 ? 71  LYS AAA CB  1 
ATOM   407  C CG  . LYS A 1 55  ? -4.324  -10.219 3.469   1.000 17.662 ? 71  LYS AAA CG  1 
ATOM   408  C CD  . LYS A 1 55  ? -3.913  -10.368 4.892   1.000 21.633 ? 71  LYS AAA CD  1 
ATOM   409  C CE  . LYS A 1 55  ? -4.688  -11.458 5.600   1.000 24.004 ? 71  LYS AAA CE  1 
ATOM   410  N NZ  . LYS A 1 55  ? -4.347  -11.516 7.039   1.000 26.859 ? 71  LYS AAA NZ  1 
ATOM   411  N N   . ASP A 1 56  ? -1.976  -10.776 0.706   1.000 12.056 ? 72  ASP AAA N   1 
ATOM   412  C CA  . ASP A 1 56  ? -1.721  -12.088 0.061   1.000 12.787 ? 72  ASP AAA CA  1 
ATOM   413  C C   . ASP A 1 56  ? -0.240  -12.439 0.190   1.000 13.215 ? 72  ASP AAA C   1 
ATOM   414  O O   . ASP A 1 56  ? 0.063   -13.621 0.385   1.000 13.621 ? 72  ASP AAA O   1 
ATOM   415  C CB  . ASP A 1 56  ? -2.200  -12.097 -1.385  1.000 13.345 ? 72  ASP AAA CB  1 
ATOM   416  C CG  . ASP A 1 56  ? -3.711  -12.065 -1.516  1.000 16.613 ? 72  ASP AAA CG  1 
ATOM   417  O OD1 . ASP A 1 56  ? -4.393  -12.417 -0.537  1.000 16.129 ? 72  ASP AAA OD1 1 
ATOM   418  O OD2 . ASP A 1 56  ? -4.191  -11.721 -2.619  1.000 18.815 ? 72  ASP AAA OD2 1 
ATOM   419  N N   . LYS A 1 57  ? 0.649   -11.461 0.038   1.000 12.244 ? 73  LYS AAA N   1 
ATOM   420  C CA  . LYS A 1 57  ? 2.113   -11.686 0.117   1.000 12.419 ? 73  LYS AAA CA  1 
ATOM   421  C C   . LYS A 1 57  ? 2.485   -12.090 1.551   1.000 12.716 ? 73  LYS AAA C   1 
ATOM   422  O O   . LYS A 1 57  ? 3.327   -12.999 1.710   1.000 12.509 ? 73  LYS AAA O   1 
ATOM   423  C CB  . LYS A 1 57  ? 2.845   -10.443 -0.403  1.000 12.064 ? 73  LYS AAA CB  1 
ATOM   424  C CG  . LYS A 1 57  ? 2.718   -10.237 -1.907  1.000 12.285 ? 73  LYS AAA CG  1 
ATOM   425  C CD  . LYS A 1 57  ? 3.488   -9.081  -2.467  1.000 12.417 ? 73  LYS AAA CD  1 
ATOM   426  C CE  . LYS A 1 57  ? 4.984   -9.236  -2.351  1.000 14.574 ? 73  LYS AAA CE  1 
ATOM   427  N NZ  . LYS A 1 57  ? 5.676   -8.136  -3.056  1.000 15.776 ? 73  LYS AAA NZ  1 
ATOM   428  N N   . ILE A 1 58  ? 1.873   -11.465 2.569   1.000 11.715 ? 74  ILE AAA N   1 
ATOM   429  C CA  . ILE A 1 58  ? 2.104   -11.891 3.979   1.000 12.208 ? 74  ILE AAA CA  1 
ATOM   430  C C   . ILE A 1 58  ? 1.681   -13.355 4.109   1.000 14.540 ? 74  ILE AAA C   1 
ATOM   431  O O   . ILE A 1 58  ? 2.475   -14.168 4.653   1.000 15.665 ? 74  ILE AAA O   1 
ATOM   432  C CB  . ILE A 1 58  ? 1.378   -11.008 5.012   1.000 11.829 ? 74  ILE AAA CB  1 
ATOM   433  C CG1 . ILE A 1 58  ? 1.821   -9.548  4.952   1.000 11.879 ? 74  ILE AAA CG1 1 
ATOM   434  C CG2 . ILE A 1 58  ? 1.589   -11.583 6.401   1.000 12.888 ? 74  ILE AAA CG2 1 
ATOM   435  C CD1 . ILE A 1 58  ? 0.983   -8.636  5.823   1.000 11.701 ? 74  ILE AAA CD1 1 
ATOM   436  N N   . VAL A 1 59  ? 0.476   -13.688 3.650   1.000 14.229 ? 75  VAL AAA N   1 
ATOM   437  C CA  . VAL A 1 59  ? -0.102  -15.051 3.843   1.000 16.619 ? 75  VAL AAA CA  1 
ATOM   438  C C   . VAL A 1 59  ? 0.808   -16.074 3.152   1.000 17.775 ? 75  VAL AAA C   1 
ATOM   439  O O   . VAL A 1 59  ? 1.034   -17.149 3.758   1.000 17.536 ? 75  VAL AAA O   1 
ATOM   440  C CB  . VAL A 1 59  ? -1.557  -15.126 3.352   1.000 17.633 ? 75  VAL AAA CB  1 
ATOM   441  C CG1 . VAL A 1 59  ? -2.074  -16.556 3.337   1.000 18.400 ? 75  VAL AAA CG1 1 
ATOM   442  C CG2 . VAL A 1 59  ? -2.461  -14.237 4.188   1.000 18.193 ? 75  VAL AAA CG2 1 
ATOM   443  N N   . ALA A 1 60  ? 1.326   -15.748 1.962   1.000 17.406 ? 76  ALA AAA N   1 
ATOM   444  C CA  . ALA A 1 60  ? 2.226   -16.602 1.142   1.000 17.489 ? 76  ALA AAA CA  1 
ATOM   445  C C   . ALA A 1 60  ? 3.659   -16.607 1.706   1.000 19.388 ? 76  ALA AAA C   1 
ATOM   446  O O   . ALA A 1 60  ? 4.506   -17.380 1.187   1.000 19.580 ? 76  ALA AAA O   1 
ATOM   447  C CB  . ALA A 1 60  ? 2.202   -16.143 -0.296  1.000 18.642 ? 76  ALA AAA CB  1 
ATOM   448  N N   . ASN A 1 61  ? 3.934   -15.776 2.716   1.000 19.219 ? 77  ASN AAA N   1 
ATOM   449  C CA  . ASN A 1 61  ? 5.253   -15.615 3.388   1.000 20.879 ? 77  ASN AAA CA  1 
ATOM   450  C C   . ASN A 1 61  ? 6.298   -15.121 2.377   1.000 22.070 ? 77  ASN AAA C   1 
ATOM   451  O O   . ASN A 1 61  ? 7.474   -15.541 2.461   1.000 24.142 ? 77  ASN AAA O   1 
ATOM   452  C CB  . ASN A 1 61  ? 5.688   -16.897 4.109   1.000 23.042 ? 77  ASN AAA CB  1 
ATOM   453  C CG  . ASN A 1 61  ? 6.751   -16.642 5.155   1.000 24.364 ? 77  ASN AAA CG  1 
ATOM   454  O OD1 . ASN A 1 61  ? 6.795   -15.570 5.766   1.000 24.076 ? 77  ASN AAA OD1 1 
ATOM   455  N ND2 . ASN A 1 61  ? 7.616   -17.624 5.366   1.000 25.109 ? 77  ASN AAA ND2 1 
ATOM   456  N N   . GLU A 1 62  ? 5.904   -14.194 1.500   1.000 17.999 ? 78  GLU AAA N   1 
ATOM   457  C CA  . GLU A 1 62  ? 6.773   -13.601 0.450   1.000 18.217 ? 78  GLU AAA CA  1 
ATOM   458  C C   . GLU A 1 62  ? 7.589   -12.419 0.996   1.000 18.729 ? 78  GLU AAA C   1 
ATOM   459  O O   . GLU A 1 62  ? 8.494   -11.970 0.288   1.000 20.159 ? 78  GLU AAA O   1 
ATOM   460  C CB  . GLU A 1 62  ? 5.937   -13.167 -0.755  1.000 20.555 ? 78  GLU AAA CB  1 
ATOM   461  C CG  . GLU A 1 62  ? 5.386   -14.345 -1.542  1.000 22.524 ? 78  GLU AAA CG  1 
ATOM   462  C CD  . GLU A 1 62  ? 4.726   -13.968 -2.854  1.000 25.598 ? 78  GLU AAA CD  1 
ATOM   463  O OE1 . GLU A 1 62  ? 4.903   -12.818 -3.297  1.000 28.886 ? 78  GLU AAA OE1 1 
ATOM   464  O OE2 . GLU A 1 62  ? 4.055   -14.840 -3.445  1.000 31.995 ? 78  GLU AAA OE2 1 
ATOM   465  N N   . TYR A 1 63  ? 7.279   -11.884 2.178   1.000 15.151 ? 79  TYR AAA N   1 
ATOM   466  C CA  . TYR A 1 63  ? 8.090   -10.797 2.781   1.000 14.212 ? 79  TYR AAA CA  1 
ATOM   467  C C   . TYR A 1 63  ? 9.091   -11.422 3.748   1.000 14.594 ? 79  TYR AAA C   1 
ATOM   468  O O   . TYR A 1 63  ? 8.651   -12.063 4.726   1.000 16.784 ? 79  TYR AAA O   1 
ATOM   469  C CB  . TYR A 1 63  ? 7.217   -9.789  3.523   1.000 12.907 ? 79  TYR AAA CB  1 
ATOM   470  C CG  . TYR A 1 63  ? 6.294   -8.987  2.650   1.000 11.942 ? 79  TYR AAA CG  1 
ATOM   471  C CD1 . TYR A 1 63  ? 6.794   -8.127  1.684   1.000 12.241 ? 79  TYR AAA CD1 1 
ATOM   472  C CD2 . TYR A 1 63  ? 4.914   -9.038  2.822   1.000 12.274 ? 79  TYR AAA CD2 1 
ATOM   473  C CE1 . TYR A 1 63  ? 5.951   -7.373  0.880   1.000 12.251 ? 79  TYR AAA CE1 1 
ATOM   474  C CE2 . TYR A 1 63  ? 4.058   -8.296  2.024   1.000 11.957 ? 79  TYR AAA CE2 1 
ATOM   475  C CZ  . TYR A 1 63  ? 4.576   -7.451  1.060   1.000 11.060 ? 79  TYR AAA CZ  1 
ATOM   476  O OH  . TYR A 1 63  ? 3.743   -6.711  0.277   1.000 11.272 ? 79  TYR AAA OH  1 
ATOM   477  N N   . LYS A 1 64  ? 10.384  -11.258 3.484   1.000 14.024 ? 80  LYS AAA N   1 
ATOM   478  C CA  . LYS A 1 64  ? 11.447  -11.836 4.344   1.000 14.754 ? 80  LYS AAA CA  1 
ATOM   479  C C   . LYS A 1 64  ? 12.063  -10.765 5.248   1.000 14.270 ? 80  LYS AAA C   1 
ATOM   480  O O   . LYS A 1 64  ? 12.882  -11.139 6.134   1.000 15.083 ? 80  LYS AAA O   1 
ATOM   481  C CB  . LYS A 1 64  ? 12.493  -12.537 3.477   1.000 15.581 ? 80  LYS AAA CB  1 
ATOM   482  C CG  . LYS A 1 64  ? 11.921  -13.545 2.496   1.000 16.967 ? 80  LYS AAA CG  1 
ATOM   483  C CD  . LYS A 1 64  ? 11.230  -14.716 3.146   1.000 18.907 ? 80  LYS AAA CD  1 
ATOM   484  C CE  . LYS A 1 64  ? 10.585  -15.606 2.109   1.000 21.979 ? 80  LYS AAA CE  1 
ATOM   485  N NZ  . LYS A 1 64  ? 9.876   -16.740 2.733   1.000 22.138 ? 80  LYS AAA NZ  1 
ATOM   486  N N   . SER A 1 65  ? 11.660  -9.502  5.101   1.000 14.517 ? 81  SER AAA N   1 
ATOM   487  C CA  . SER A 1 65  ? 12.085  -8.397  5.986   1.000 12.742 ? 81  SER AAA CA  1 
ATOM   488  C C   . SER A 1 65  ? 10.972  -7.353  6.082   1.000 12.200 ? 81  SER AAA C   1 
ATOM   489  O O   . SER A 1 65  ? 10.149  -7.247  5.155   1.000 12.708 ? 81  SER AAA O   1 
ATOM   490  C CB  . SER A 1 65  ? 13.350  -7.775  5.477   1.000 12.888 ? 81  SER AAA CB  1 
ATOM   491  O OG  . SER A 1 65  ? 13.100  -7.076  4.272   1.000 14.224 ? 81  SER AAA OG  1 
ATOM   492  N N   . VAL A 1 66  ? 11.015  -6.545  7.131   1.000 13.969 ? 82  VAL AAA N   1 
ATOM   493  C CA  . VAL A 1 66  ? 10.087  -5.396  7.280   1.000 13.402 ? 82  VAL AAA CA  1 
ATOM   494  C C   . VAL A 1 66  ? 10.419  -4.385  6.169   1.000 12.327 ? 82  VAL AAA C   1 
ATOM   495  O O   . VAL A 1 66  ? 9.498   -3.753  5.641   1.000 11.565 ? 82  VAL AAA O   1 
ATOM   496  C CB  . VAL A 1 66  ? 10.190  -4.790  8.691   1.000 14.195 ? 82  VAL AAA CB  1 
ATOM   497  C CG1 . VAL A 1 66  ? 9.445   -3.469  8.783   1.000 15.777 ? 82  VAL AAA CG1 1 
ATOM   498  C CG2 . VAL A 1 66  ? 9.731   -5.785  9.761   1.000 14.984 ? 82  VAL AAA CG2 1 
ATOM   499  N N   . THR A 1 67  ? 11.693  -4.252  5.793   1.000 11.770 ? 83  THR AAA N   1 
ATOM   500  C CA  . THR A 1 67  ? 12.131  -3.355  4.689   1.000 12.772 ? 83  THR AAA CA  1 
ATOM   501  C C   . THR A 1 67  ? 11.304  -3.672  3.429   1.000 11.095 ? 83  THR AAA C   1 
ATOM   502  O O   . THR A 1 67  ? 10.845  -2.735  2.765   1.000 10.352 ? 83  THR AAA O   1 
ATOM   503  C CB  . THR A 1 67  ? 13.645  -3.454  4.460   1.000 14.778 ? 83  THR AAA CB  1 
ATOM   504  O OG1 . THR A 1 67  ? 14.280  -3.056  5.679   1.000 17.790 ? 83  THR AAA OG1 1 
ATOM   505  C CG2 . THR A 1 67  ? 14.118  -2.585  3.318   1.000 15.759 ? 83  THR AAA CG2 1 
ATOM   506  N N   . GLU A 1 68  ? 11.168  -4.950  3.055   1.000 11.257 ? 84  GLU AAA N   1 
ATOM   507  C CA  . GLU A 1 68  ? 10.442  -5.336  1.818   1.000 11.012 ? 84  GLU AAA CA  1 
ATOM   508  C C   . GLU A 1 68  ? 8.979   -4.902  1.918   1.000 9.920  ? 84  GLU AAA C   1 
ATOM   509  O O   . GLU A 1 68  ? 8.431   -4.397  0.926   1.000 10.118 ? 84  GLU AAA O   1 
ATOM   510  C CB  . GLU A 1 68  ? 10.571  -6.838  1.596   1.000 11.239 ? 84  GLU AAA CB  1 
ATOM   511  C CG  . GLU A 1 68  ? 11.981  -7.248  1.213   1.000 12.771 ? 84  GLU AAA CG  1 
ATOM   512  C CD  . GLU A 1 68  ? 12.194  -8.746  1.173   1.000 13.352 ? 84  GLU AAA CD  1 
ATOM   513  O OE1 . GLU A 1 68  ? 11.220  -9.479  1.411   1.000 13.285 ? 84  GLU AAA OE1 1 
ATOM   514  O OE2 . GLU A 1 68  ? 13.331  -9.168  0.899   1.000 15.728 ? 84  GLU AAA OE2 1 
ATOM   515  N N   . PHE A 1 69  ? 8.357   -5.078  3.080   1.000 9.981  ? 85  PHE AAA N   1 
ATOM   516  C CA  . PHE A 1 69  ? 6.942   -4.696  3.306   1.000 9.699  ? 85  PHE AAA CA  1 
ATOM   517  C C   . PHE A 1 69  ? 6.816   -3.173  3.174   1.000 9.206  ? 85  PHE AAA C   1 
ATOM   518  O O   . PHE A 1 69  ? 5.912   -2.695  2.436   1.000 9.360  ? 85  PHE AAA O   1 
ATOM   519  C CB  . PHE A 1 69  ? 6.474   -5.213  4.663   1.000 10.047 ? 85  PHE AAA CB  1 
ATOM   520  C CG  . PHE A 1 69  ? 5.074   -4.812  5.033   1.000 10.030 ? 85  PHE AAA CG  1 
ATOM   521  C CD1 . PHE A 1 69  ? 3.990   -5.562  4.618   1.000 10.493 ? 85  PHE AAA CD1 1 
ATOM   522  C CD2 . PHE A 1 69  ? 4.847   -3.682  5.806   1.000 10.612 ? 85  PHE AAA CD2 1 
ATOM   523  C CE1 . PHE A 1 69  ? 2.700   -5.192  4.957   1.000 10.977 ? 85  PHE AAA CE1 1 
ATOM   524  C CE2 . PHE A 1 69  ? 3.555   -3.317  6.146   1.000 10.843 ? 85  PHE AAA CE2 1 
ATOM   525  C CZ  . PHE A 1 69  ? 2.488   -4.073  5.723   1.000 10.449 ? 85  PHE AAA CZ  1 
ATOM   526  N N   . LYS A 1 70  ? 7.706   -2.419  3.822   1.000 10.146 ? 86  LYS AAA N   1 
ATOM   527  C CA  . LYS A 1 70  ? 7.731   -0.935  3.726   1.000 10.626 ? 86  LYS AAA CA  1 
ATOM   528  C C   . LYS A 1 70  ? 7.872   -0.513  2.264   1.000 10.126 ? 86  LYS AAA C   1 
ATOM   529  O O   . LYS A 1 70  ? 7.203   0.420   1.860   1.000 9.871  ? 86  LYS AAA O   1 
ATOM   530  C CB  . LYS A 1 70  ? 8.851   -0.377  4.607   1.000 12.615 ? 86  LYS AAA CB  1 
ATOM   531  C CG  . LYS A 1 70  ? 8.538   -0.474  6.090   1.000 14.635 ? 86  LYS AAA CG  1 
ATOM   532  C CD  . LYS A 1 70  ? 9.692   -0.108  6.982   1.000 19.048 ? 86  LYS AAA CD  1 
ATOM   533  C CE  . LYS A 1 70  ? 10.136  1.332   6.859   1.000 25.766 ? 86  LYS AAA CE  1 
ATOM   534  N NZ  . LYS A 1 70  ? 11.397  1.569   7.614   1.000 31.596 ? 86  LYS AAA NZ  1 
ATOM   535  N N   . ALA A 1 71  ? 8.729   -1.188  1.501   1.000 9.688  ? 87  ALA AAA N   1 
ATOM   536  C CA  . ALA A 1 71  ? 8.949   -0.863  0.077   1.000 9.637  ? 87  ALA AAA CA  1 
ATOM   537  C C   . ALA A 1 71  ? 7.644   -1.028  -0.712  1.000 9.325  ? 87  ALA AAA C   1 
ATOM   538  O O   . ALA A 1 71  ? 7.383   -0.170  -1.579  1.000 8.967  ? 87  ALA AAA O   1 
ATOM   539  C CB  . ALA A 1 71  ? 10.056  -1.711  -0.472  1.000 9.731  ? 87  ALA AAA CB  1 
ATOM   540  N N   . ASP A 1 72  ? 6.861   -2.086  -0.452  1.000 9.930  ? 88  ASP AAA N   1 
ATOM   541  C CA  . ASP A 1 72  ? 5.570   -2.289  -1.164  1.000 9.229  ? 88  ASP AAA CA  1 
ATOM   542  C C   . ASP A 1 72  ? 4.569   -1.211  -0.736  1.000 8.800  ? 88  ASP AAA C   1 
ATOM   543  O O   . ASP A 1 72  ? 3.855   -0.708  -1.587  1.000 8.125  ? 88  ASP AAA O   1 
ATOM   544  C CB  . ASP A 1 72  ? 4.976   -3.687  -0.953  1.000 10.580 ? 88  ASP AAA CB  1 
ATOM   545  C CG  . ASP A 1 72  ? 5.410   -4.705  -1.995  1.000 12.433 ? 88  ASP AAA CG  1 
ATOM   546  O OD1 . ASP A 1 72  ? 6.045   -4.309  -2.986  1.000 13.836 ? 88  ASP AAA OD1 1 
ATOM   547  O OD2 . ASP A 1 72  ? 5.075   -5.890  -1.808  1.000 11.811 ? 88  ASP AAA OD2 1 
ATOM   548  N N   . PHE A 1 73  ? 4.531   -0.857  0.543   1.000 9.320  ? 89  PHE AAA N   1 
ATOM   549  C CA  . PHE A 1 73  ? 3.643   0.233   1.014   1.000 9.397  ? 89  PHE AAA CA  1 
ATOM   550  C C   . PHE A 1 73  ? 4.021   1.532   0.300   1.000 8.251  ? 89  PHE AAA C   1 
ATOM   551  O O   . PHE A 1 73  ? 3.117   2.257   -0.166  1.000 7.972  ? 89  PHE AAA O   1 
ATOM   552  C CB  . PHE A 1 73  ? 3.736   0.391   2.530   1.000 9.604  ? 89  PHE AAA CB  1 
ATOM   553  C CG  . PHE A 1 73  ? 2.894   1.512   3.078   1.000 10.312 ? 89  PHE AAA CG  1 
ATOM   554  C CD1 . PHE A 1 73  ? 1.529   1.533   2.855   1.000 10.635 ? 89  PHE AAA CD1 1 
ATOM   555  C CD2 . PHE A 1 73  ? 3.460   2.546   3.805   1.000 9.925  ? 89  PHE AAA CD2 1 
ATOM   556  C CE1 . PHE A 1 73  ? 0.739   2.554   3.366   1.000 10.908 ? 89  PHE AAA CE1 1 
ATOM   557  C CE2 . PHE A 1 73  ? 2.671   3.568   4.314   1.000 10.754 ? 89  PHE AAA CE2 1 
ATOM   558  C CZ  . PHE A 1 73  ? 1.315   3.574   4.087   1.000 10.958 ? 89  PHE AAA CZ  1 
ATOM   559  N N   . LYS A 1 74  ? 5.318   1.851   0.243   1.000 7.775  ? 90  LYS AAA N   1 
ATOM   560  C CA  . LYS A 1 74  ? 5.796   3.101   -0.402  1.000 8.844  ? 90  LYS AAA CA  1 
ATOM   561  C C   . LYS A 1 74  ? 5.426   3.077   -1.888  1.000 9.077  ? 90  LYS AAA C   1 
ATOM   562  O O   . LYS A 1 74  ? 4.993   4.104   -2.401  1.000 9.981  ? 90  LYS AAA O   1 
ATOM   563  C CB  . LYS A 1 74  ? 7.297   3.313   -0.211  1.000 9.606  ? 90  LYS AAA CB  1 
ATOM   564  C CG  . LYS A 1 74  ? 7.801   4.620   -0.810  1.000 11.381 ? 90  LYS AAA CG  1 
ATOM   565  C CD  . LYS A 1 74  ? 9.216   4.988   -0.434  1.000 11.222 ? 90  LYS AAA CD  1 
ATOM   566  C CE  . LYS A 1 74  ? 9.627   6.347   -0.965  1.000 12.219 ? 90  LYS AAA CE  1 
ATOM   567  N NZ  . LYS A 1 74  ? 9.755   6.338   -2.443  1.000 13.351 ? 90  LYS AAA NZ  1 
ATOM   568  N N   . LEU A 1 75  ? 5.606   1.932   -2.547  1.000 9.315  ? 91  LEU AAA N   1 
ATOM   569  C CA  . LEU A 1 75  ? 5.273   1.750   -3.987  1.000 9.479  ? 91  LEU AAA CA  1 
ATOM   570  C C   . LEU A 1 75  ? 3.791   2.082   -4.202  1.000 9.880  ? 91  LEU AAA C   1 
ATOM   571  O O   . LEU A 1 75  ? 3.452   2.816   -5.135  1.000 10.815 ? 91  LEU AAA O   1 
ATOM   572  C CB  . LEU A 1 75  ? 5.583   0.299   -4.360  1.000 10.315 ? 91  LEU AAA CB  1 
ATOM   573  C CG  . LEU A 1 75  ? 5.187   -0.141  -5.765  1.000 10.477 ? 91  LEU AAA CG  1 
ATOM   574  C CD1 . LEU A 1 75  ? 5.906   0.684   -6.827  1.000 11.387 ? 91  LEU AAA CD1 1 
ATOM   575  C CD2 . LEU A 1 75  ? 5.480   -1.615  -5.931  1.000 10.454 ? 91  LEU AAA CD2 1 
ATOM   576  N N   . MET A 1 76  ? 2.922   1.513   -3.371  1.000 9.169  ? 92  MET AAA N   1 
ATOM   577  C CA  . MET A 1 76  ? 1.465   1.740   -3.469  1.000 9.859  ? 92  MET AAA CA  1 
ATOM   578  C C   . MET A 1 76  ? 1.184   3.250   -3.392  1.000 9.395  ? 92  MET AAA C   1 
ATOM   579  O O   . MET A 1 76  ? 0.425   3.744   -4.229  1.000 10.286 ? 92  MET AAA O   1 
ATOM   580  C CB  . MET A 1 76  ? 0.752   0.965   -2.360  1.000 9.995  ? 92  MET AAA CB  1 
ATOM   581  C CG  . MET A 1 76  ? -0.744  1.168   -2.377  1.000 10.823 ? 92  MET AAA CG  1 
ATOM   582  S SD  . MET A 1 76  ? -1.535  0.435   -0.950  1.000 11.428 ? 92  MET AAA SD  1 
ATOM   583  C CE  . MET A 1 76  ? -1.245  1.714   0.280   1.000 11.254 ? 92  MET AAA CE  1 
ATOM   584  N N   . CYS A 1 77  ? 1.797   3.954   -2.431  1.000 8.934  ? 93  CYS AAA N   1 
ATOM   585  C CA  . CYS A 1 77  ? 1.583   5.407   -2.213  1.000 10.042 ? 93  CYS AAA CA  1 
ATOM   586  C C   . CYS A 1 77  ? 2.192   6.187   -3.385  1.000 11.002 ? 93  CYS AAA C   1 
ATOM   587  O O   . CYS A 1 77  ? 1.540   7.144   -3.889  1.000 12.759 ? 93  CYS AAA O   1 
ATOM   588  C CB  . CYS A 1 77  ? 2.144   5.865   -0.876  1.000 10.639 ? 93  CYS AAA CB  1 
ATOM   589  S SG  . CYS A 1 77  ? 1.293   5.099   0.529   1.000 11.395 ? 93  CYS AAA SG  1 
ATOM   590  N N   . ASP A 1 78  ? 3.398   5.810   -3.800  1.000 10.518 ? 94  ASP AAA N   1 
ATOM   591  C CA  . ASP A 1 78  ? 4.125   6.498   -4.898  1.000 11.853 ? 94  ASP AAA CA  1 
ATOM   592  C C   . ASP A 1 78  ? 3.295   6.381   -6.173  1.000 13.650 ? 94  ASP AAA C   1 
ATOM   593  O O   . ASP A 1 78  ? 3.203   7.358   -6.924  1.000 15.695 ? 94  ASP AAA O   1 
ATOM   594  C CB  . ASP A 1 78  ? 5.536   5.938   -5.069  1.000 12.625 ? 94  ASP AAA CB  1 
ATOM   595  C CG  . ASP A 1 78  ? 6.544   6.455   -4.059  1.000 12.717 ? 94  ASP AAA CG  1 
ATOM   596  O OD1 . ASP A 1 78  ? 6.211   7.385   -3.306  1.000 15.486 ? 94  ASP AAA OD1 1 
ATOM   597  O OD2 . ASP A 1 78  ? 7.648   5.875   -3.993  1.000 13.546 ? 94  ASP AAA OD2 1 
ATOM   598  N N   . ASN A 1 79  ? 2.716   5.211   -6.411  1.000 12.417 ? 95  ASN AAA N   1 
ATOM   599  C CA  . ASN A 1 79  ? 1.898   4.960   -7.622  1.000 13.348 ? 95  ASN AAA CA  1 
ATOM   600  C C   . ASN A 1 79  ? 0.736   5.953   -7.649  1.000 14.350 ? 95  ASN AAA C   1 
ATOM   601  O O   . ASN A 1 79  ? 0.469   6.522   -8.724  1.000 15.202 ? 95  ASN AAA O   1 
ATOM   602  C CB  . ASN A 1 79  ? 1.377   3.527   -7.676  1.000 13.177 ? 95  ASN AAA CB  1 
ATOM   603  C CG  . ASN A 1 79  ? 2.426   2.492   -8.023  1.000 12.843 ? 95  ASN AAA CG  1 
ATOM   604  O OD1 . ASN A 1 79  ? 3.488   2.807   -8.559  1.000 13.620 ? 95  ASN AAA OD1 1 
ATOM   605  N ND2 . ASN A 1 79  ? 2.110   1.241   -7.747  1.000 13.437 ? 95  ASN AAA ND2 1 
ATOM   606  N N   . ALA A 1 80  ? 0.045   6.131   -6.523  1.000 14.192 ? 96  ALA AAA N   1 
ATOM   607  C CA  . ALA A 1 80  ? -1.139  7.014   -6.415  1.000 14.686 ? 96  ALA AAA CA  1 
ATOM   608  C C   . ALA A 1 80  ? -0.697  8.463   -6.627  1.000 16.751 ? 96  ALA AAA C   1 
ATOM   609  O O   . ALA A 1 80  ? -1.447  9.236   -7.238  1.000 17.215 ? 96  ALA AAA O   1 
ATOM   610  C CB  . ALA A 1 80  ? -1.815  6.830   -5.090  1.000 14.575 ? 96  ALA AAA CB  1 
ATOM   611  N N   . MET A 1 81  ? 0.499   8.813   -6.160  1.000 15.078 ? 97  MET AAA N   1 
ATOM   612  C CA  . MET A 1 81  ? 0.994   10.206  -6.274  1.000 17.530 ? 97  MET AAA CA  1 
ATOM   613  C C   . MET A 1 81  ? 1.588   10.464  -7.659  1.000 19.890 ? 97  MET AAA C   1 
ATOM   614  O O   . MET A 1 81  ? 1.804   11.664  -7.955  1.000 22.923 ? 97  MET AAA O   1 
ATOM   615  C CB  . MET A 1 81  ? 2.019   10.510  -5.184  1.000 17.412 ? 97  MET AAA CB  1 
ATOM   616  C CG  . MET A 1 81  ? 1.371   10.706  -3.838  1.000 17.952 ? 97  MET AAA CG  1 
ATOM   617  S SD  . MET A 1 81  ? 2.520   11.091  -2.492  1.000 22.675 ? 97  MET AAA SD  1 
ATOM   618  C CE  . MET A 1 81  ? 3.137   12.721  -2.905  1.000 28.748 ? 97  MET AAA CE  1 
ATOM   619  N N   . THR A 1 82  ? 1.819   9.417   -8.464  1.000 19.194 ? 98  THR AAA N   1 
ATOM   620  C CA  . THR A 1 82  ? 2.329   9.492   -9.859  1.000 21.988 ? 98  THR AAA CA  1 
ATOM   621  C C   . THR A 1 82  ? 1.143   9.636   -10.818 1.000 25.382 ? 98  THR AAA C   1 
ATOM   622  O O   . THR A 1 82  ? 1.164   10.571  -11.644 1.000 25.599 ? 98  THR AAA O   1 
ATOM   623  C CB  . THR A 1 82  ? 3.198   8.277   -10.205 1.000 23.114 ? 98  THR AAA CB  1 
ATOM   624  O OG1 . THR A 1 82  ? 4.304   8.281   -9.305  1.000 21.739 ? 98  THR AAA OG1 1 
ATOM   625  C CG2 . THR A 1 82  ? 3.717   8.274   -11.625 1.000 22.649 ? 98  THR AAA CG2 1 
ATOM   626  N N   . TYR A 1 83  ? 0.153   8.744   -10.735 1.000 22.187 ? 99  TYR AAA N   1 
ATOM   627  C CA  . TYR A 1 83  ? -0.989  8.713   -11.683 1.000 21.759 ? 99  TYR AAA CA  1 
ATOM   628  C C   . TYR A 1 83  ? -1.933  9.891   -11.432 1.000 21.857 ? 99  TYR AAA C   1 
ATOM   629  O O   . TYR A 1 83  ? -2.429  10.433  -12.442 1.000 21.665 ? 99  TYR AAA O   1 
ATOM   630  C CB  . TYR A 1 83  ? -1.763  7.397   -11.598 1.000 19.649 ? 99  TYR AAA CB  1 
ATOM   631  C CG  . TYR A 1 83  ? -2.939  7.319   -12.539 1.000 18.681 ? 99  TYR AAA CG  1 
ATOM   632  C CD1 . TYR A 1 83  ? -4.186  7.768   -12.142 1.000 17.545 ? 99  TYR AAA CD1 1 
ATOM   633  C CD2 . TYR A 1 83  ? -2.795  6.830   -13.825 1.000 19.065 ? 99  TYR AAA CD2 1 
ATOM   634  C CE1 . TYR A 1 83  ? -5.272  7.721   -13.000 1.000 18.942 ? 99  TYR AAA CE1 1 
ATOM   635  C CE2 . TYR A 1 83  ? -3.875  6.763   -14.695 1.000 19.611 ? 99  TYR AAA CE2 1 
ATOM   636  C CZ  . TYR A 1 83  ? -5.113  7.226   -14.280 1.000 20.312 ? 99  TYR AAA CZ  1 
ATOM   637  O OH  . TYR A 1 83  ? -6.198  7.170   -15.106 1.000 18.995 ? 99  TYR AAA OH  1 
ATOM   638  N N   . ASN A 1 84  ? -2.190  10.249  -10.167 1.000 21.181 ? 100 ASN AAA N   1 
ATOM   639  C CA  . ASN A 1 84  ? -3.230  11.235  -9.764  1.000 22.009 ? 100 ASN AAA CA  1 
ATOM   640  C C   . ASN A 1 84  ? -2.594  12.614  -9.549  1.000 25.312 ? 100 ASN AAA C   1 
ATOM   641  O O   . ASN A 1 84  ? -1.405  12.681  -9.160  1.000 22.870 ? 100 ASN AAA O   1 
ATOM   642  C CB  . ASN A 1 84  ? -3.988  10.831  -8.499  1.000 21.244 ? 100 ASN AAA CB  1 
ATOM   643  C CG  . ASN A 1 84  ? -4.654  9.474   -8.591  1.000 21.377 ? 100 ASN AAA CG  1 
ATOM   644  O OD1 . ASN A 1 84  ? -5.696  9.322   -9.232  1.000 20.851 ? 100 ASN AAA OD1 1 
ATOM   645  N ND2 . ASN A 1 84  ? -4.057  8.481   -7.949  1.000 16.990 ? 100 ASN AAA ND2 1 
ATOM   646  N N   . ARG A 1 85  ? -3.380  13.675  -9.766  1.000 31.725 ? 101 ARG AAA N   1 
ATOM   647  C CA  . ARG A 1 85  ? -2.950  15.088  -9.586  1.000 30.673 ? 101 ARG AAA CA  1 
ATOM   648  C C   . ARG A 1 85  ? -2.949  15.423  -8.098  1.000 28.674 ? 101 ARG AAA C   1 
ATOM   649  O O   . ARG A 1 85  ? -3.712  14.836  -7.333  1.000 26.005 ? 101 ARG AAA O   1 
ATOM   650  C CB  . ARG A 1 85  ? -3.862  16.028  -10.385 1.000 35.354 ? 101 ARG AAA CB  1 
ATOM   651  C CG  . ARG A 1 85  ? -3.827  15.800  -11.890 1.000 39.716 ? 101 ARG AAA CG  1 
ATOM   652  C CD  . ARG A 1 85  ? -2.539  16.288  -12.529 1.000 47.731 ? 101 ARG AAA CD  1 
ATOM   653  N NE  . ARG A 1 85  ? -1.406  15.396  -12.294 1.000 53.167 ? 101 ARG AAA NE  1 
ATOM   654  C CZ  . ARG A 1 85  ? -1.145  14.282  -12.979 1.000 54.897 ? 101 ARG AAA CZ  1 
ATOM   655  N NH1 . ARG A 1 85  ? -1.938  13.894  -13.967 1.000 53.709 ? 101 ARG AAA NH1 1 
ATOM   656  N NH2 . ARG A 1 85  ? -0.084  13.552  -12.668 1.000 51.909 ? 101 ARG AAA NH2 1 
ATOM   657  N N   . PRO A 1 86  ? -2.097  16.371  -7.639  1.000 27.250 ? 102 PRO AAA N   1 
ATOM   658  C CA  . PRO A 1 86  ? -2.017  16.725  -6.217  1.000 29.650 ? 102 PRO AAA CA  1 
ATOM   659  C C   . PRO A 1 86  ? -3.322  17.207  -5.557  1.000 28.731 ? 102 PRO AAA C   1 
ATOM   660  O O   . PRO A 1 86  ? -3.403  17.147  -4.341  1.000 29.005 ? 102 PRO AAA O   1 
ATOM   661  C CB  . PRO A 1 86  ? -0.978  17.860  -6.185  1.000 29.979 ? 102 PRO AAA CB  1 
ATOM   662  C CG  . PRO A 1 86  ? -0.146  17.636  -7.428  1.000 28.532 ? 102 PRO AAA CG  1 
ATOM   663  C CD  . PRO A 1 86  ? -1.130  17.125  -8.458  1.000 29.479 ? 102 PRO AAA CD  1 
ATOM   664  N N   . ASP A 1 87  ? -4.296  17.666  -6.352  1.000 32.553 ? 103 ASP AAA N   1 
ATOM   665  C CA  . ASP A 1 87  ? -5.589  18.216  -5.858  1.000 37.409 ? 103 ASP AAA CA  1 
ATOM   666  C C   . ASP A 1 87  ? -6.617  17.092  -5.643  1.000 36.728 ? 103 ASP AAA C   1 
ATOM   667  O O   . ASP A 1 87  ? -7.720  17.412  -5.162  1.000 38.719 ? 103 ASP AAA O   1 
ATOM   668  C CB  . ASP A 1 87  ? -6.131  19.297  -6.803  1.000 41.875 ? 103 ASP AAA CB  1 
ATOM   669  C CG  . ASP A 1 87  ? -6.408  18.835  -8.227  1.000 49.760 ? 103 ASP AAA CG  1 
ATOM   670  O OD1 . ASP A 1 87  ? -6.242  17.629  -8.504  1.000 56.245 ? 103 ASP AAA OD1 1 
ATOM   671  O OD2 . ASP A 1 87  ? -6.781  19.691  -9.057  1.000 55.482 ? 103 ASP AAA OD2 1 
ATOM   672  N N   . THR A 1 88  ? -6.280  15.834  -5.964  1.000 33.446 ? 104 THR AAA N   1 
ATOM   673  C CA  . THR A 1 88  ? -7.219  14.677  -5.919  1.000 28.770 ? 104 THR AAA CA  1 
ATOM   674  C C   . THR A 1 88  ? -7.205  14.021  -4.536  1.000 25.289 ? 104 THR AAA C   1 
ATOM   675  O O   . THR A 1 88  ? -6.177  14.084  -3.835  1.000 23.814 ? 104 THR AAA O   1 
ATOM   676  C CB  . THR A 1 88  ? -6.890  13.609  -6.971  1.000 31.159 ? 104 THR AAA CB  1 
ATOM   677  O OG1 . THR A 1 88  ? -5.584  13.109  -6.676  1.000 28.132 ? 104 THR AAA OG1 1 
ATOM   678  C CG2 . THR A 1 88  ? -6.958  14.124  -8.392  1.000 32.288 ? 104 THR AAA CG2 1 
ATOM   679  N N   . VAL A 1 89  ? -8.313  13.369  -4.191  1.000 24.525 ? 105 VAL AAA N   1 
ATOM   680  C CA  . VAL A 1 89  ? -8.491  12.605  -2.922  1.000 23.113 ? 105 VAL AAA CA  1 
ATOM   681  C C   . VAL A 1 89  ? -7.388  11.535  -2.837  1.000 19.538 ? 105 VAL AAA C   1 
ATOM   682  O O   . VAL A 1 89  ? -6.806  11.382  -1.742  1.000 19.879 ? 105 VAL AAA O   1 
ATOM   683  C CB  . VAL A 1 89  ? -9.900  11.984  -2.854  1.000 25.067 ? 105 VAL AAA CB  1 
ATOM   684  C CG1 . VAL A 1 89  ? -10.043 11.019  -1.689  1.000 25.924 ? 105 VAL AAA CG1 1 
ATOM   685  C CG2 . VAL A 1 89  ? -10.991 13.049  -2.797  1.000 27.203 ? 105 VAL AAA CG2 1 
ATOM   686  N N   . TYR A 1 90  ? -7.111  10.827  -3.939  1.000 21.292 ? 106 TYR AAA N   1 
ATOM   687  C CA  . TYR A 1 90  ? -6.179  9.659   -3.947  1.000 19.995 ? 106 TYR AAA CA  1 
ATOM   688  C C   . TYR A 1 90  ? -4.753  10.118  -3.636  1.000 19.855 ? 106 TYR AAA C   1 
ATOM   689  O O   . TYR A 1 90  ? -4.082  9.476   -2.800  1.000 18.985 ? 106 TYR AAA O   1 
ATOM   690  C CB  . TYR A 1 90  ? -6.219  8.873   -5.257  1.000 18.844 ? 106 TYR AAA CB  1 
ATOM   691  C CG  . TYR A 1 90  ? -7.581  8.352   -5.626  1.000 19.848 ? 106 TYR AAA CG  1 
ATOM   692  C CD1 . TYR A 1 90  ? -8.384  7.718   -4.694  1.000 18.318 ? 106 TYR AAA CD1 1 
ATOM   693  C CD2 . TYR A 1 90  ? -8.052  8.466   -6.922  1.000 19.145 ? 106 TYR AAA CD2 1 
ATOM   694  C CE1 . TYR A 1 90  ? -9.642  7.244   -5.030  1.000 19.333 ? 106 TYR AAA CE1 1 
ATOM   695  C CE2 . TYR A 1 90  ? -9.310  8.004   -7.274  1.000 20.431 ? 106 TYR AAA CE2 1 
ATOM   696  C CZ  . TYR A 1 90  ? -10.108 7.388   -6.326  1.000 19.530 ? 106 TYR AAA CZ  1 
ATOM   697  O OH  . TYR A 1 90  ? -11.335 6.914   -6.701  1.000 21.287 ? 106 TYR AAA OH  1 
ATOM   698  N N   . TYR A 1 91  ? -4.313  11.210  -4.260  1.000 19.469 ? 107 TYR AAA N   1 
ATOM   699  C CA  . TYR A 1 91  ? -2.966  11.796  -4.062  1.000 18.795 ? 107 TYR AAA CA  1 
ATOM   700  C C   . TYR A 1 91  ? -2.802  12.216  -2.599  1.000 19.055 ? 107 TYR AAA C   1 
ATOM   701  O O   . TYR A 1 91  ? -1.793  11.868  -1.972  1.000 17.327 ? 107 TYR AAA O   1 
ATOM   702  C CB  . TYR A 1 91  ? -2.755  12.982  -5.009  1.000 19.490 ? 107 TYR AAA CB  1 
ATOM   703  C CG  . TYR A 1 91  ? -1.403  13.632  -4.857  1.000 20.862 ? 107 TYR AAA CG  1 
ATOM   704  C CD1 . TYR A 1 91  ? -1.095  14.365  -3.722  1.000 23.251 ? 107 TYR AAA CD1 1 
ATOM   705  C CD2 . TYR A 1 91  ? -0.422  13.482  -5.824  1.000 21.052 ? 107 TYR AAA CD2 1 
ATOM   706  C CE1 . TYR A 1 91  ? 0.153   14.945  -3.554  1.000 24.463 ? 107 TYR AAA CE1 1 
ATOM   707  C CE2 . TYR A 1 91  ? 0.832   14.055  -5.670  1.000 22.414 ? 107 TYR AAA CE2 1 
ATOM   708  C CZ  . TYR A 1 91  ? 1.117   14.792  -4.534  1.000 23.162 ? 107 TYR AAA CZ  1 
ATOM   709  O OH  . TYR A 1 91  ? 2.341   15.372  -4.366  1.000 25.955 ? 107 TYR AAA OH  1 
ATOM   710  N N   . LYS A 1 92  ? -3.754  12.997  -2.087  1.000 20.927 ? 108 LYS AAA N   1 
ATOM   711  C CA  . LYS A 1 92  ? -3.687  13.592  -0.728  1.000 21.600 ? 108 LYS AAA CA  1 
ATOM   712  C C   . LYS A 1 92  ? -3.680  12.470  0.310   1.000 19.156 ? 108 LYS AAA C   1 
ATOM   713  O O   . LYS A 1 92  ? -2.873  12.548  1.256   1.000 21.025 ? 108 LYS AAA O   1 
ATOM   714  C CB  . LYS A 1 92  ? -4.848  14.561  -0.491  1.000 27.371 ? 108 LYS AAA CB  1 
ATOM   715  C CG  . LYS A 1 92  ? -4.752  15.870  -1.260  1.000 32.445 ? 108 LYS AAA CG  1 
ATOM   716  C CD  . LYS A 1 92  ? -6.011  16.699  -1.152  1.000 35.060 ? 108 LYS AAA CD  1 
ATOM   717  C CE  . LYS A 1 92  ? -6.059  17.820  -2.167  1.000 40.352 ? 108 LYS AAA CE  1 
ATOM   718  N NZ  . LYS A 1 92  ? -7.292  18.631  -2.022  1.000 43.157 ? 108 LYS AAA NZ  1 
ATOM   719  N N   . LEU A 1 93  ? -4.525  11.448  0.138   1.000 17.890 ? 109 LEU AAA N   1 
ATOM   720  C CA  . LEU A 1 93  ? -4.558  10.330  1.114   1.000 15.478 ? 109 LEU AAA CA  1 
ATOM   721  C C   . LEU A 1 93  ? -3.264  9.520   0.991   1.000 13.769 ? 109 LEU AAA C   1 
ATOM   722  O O   . LEU A 1 93  ? -2.747  9.136   2.042   1.000 14.061 ? 109 LEU AAA O   1 
ATOM   723  C CB  . LEU A 1 93  ? -5.787  9.436   0.912   1.000 15.984 ? 109 LEU AAA CB  1 
ATOM   724  C CG  . LEU A 1 93  ? -5.942  8.329   1.957   1.000 15.936 ? 109 LEU AAA CG  1 
ATOM   725  C CD1 . LEU A 1 93  ? -6.131  8.899   3.356   1.000 16.748 ? 109 LEU AAA CD1 1 
ATOM   726  C CD2 . LEU A 1 93  ? -7.100  7.405   1.619   1.000 15.945 ? 109 LEU AAA CD2 1 
ATOM   727  N N   . ALA A 1 94  ? -2.782  9.261   -0.224  1.000 14.266 ? 110 ALA AAA N   1 
ATOM   728  C CA  . ALA A 1 94  ? -1.523  8.499   -0.442  1.000 13.560 ? 110 ALA AAA CA  1 
ATOM   729  C C   . ALA A 1 94  ? -0.383  9.189   0.320   1.000 15.074 ? 110 ALA AAA C   1 
ATOM   730  O O   . ALA A 1 94  ? 0.406   8.515   1.010   1.000 13.912 ? 110 ALA AAA O   1 
ATOM   731  C CB  . ALA A 1 94  ? -1.198  8.388   -1.903  1.000 12.499 ? 110 ALA AAA CB  1 
ATOM   732  N N   . LYS A 1 95  ? -0.284  10.510  0.188   1.000 16.503 ? 111 LYS AAA N   1 
ATOM   733  C CA  . LYS A 1 95  ? 0.802   11.278  0.850   1.000 17.527 ? 111 LYS AAA CA  1 
ATOM   734  C C   . LYS A 1 95  ? 0.664   11.165  2.372   1.000 16.145 ? 111 LYS AAA C   1 
ATOM   735  O O   . LYS A 1 95  ? 1.678   10.842  3.046   1.000 17.500 ? 111 LYS AAA O   1 
ATOM   736  C CB  . LYS A 1 95  ? 0.761   12.728  0.369   1.000 19.180 ? 111 LYS AAA CB  1 
ATOM   737  C CG  . LYS A 1 95  ? 1.898   13.603  0.875   1.000 22.790 ? 111 LYS AAA CG  1 
ATOM   738  C CD  . LYS A 1 95  ? 1.657   15.059  0.553   1.000 26.142 ? 111 LYS AAA CD  1 
ATOM   739  C CE  . LYS A 1 95  ? 2.746   15.971  1.070   1.000 31.217 ? 111 LYS AAA CE  1 
ATOM   740  N NZ  . LYS A 1 95  ? 2.521   17.367  0.631   1.000 30.261 ? 111 LYS AAA NZ  1 
ATOM   741  N N   . LYS A 1 96  ? -0.540  11.415  2.900   1.000 16.573 ? 112 LYS AAA N   1 
ATOM   742  C CA  . LYS A 1 96  ? -0.842  11.357  4.350   1.000 19.872 ? 112 LYS AAA CA  1 
ATOM   743  C C   . LYS A 1 96  ? -0.470  9.983   4.903   1.000 16.722 ? 112 LYS AAA C   1 
ATOM   744  O O   . LYS A 1 96  ? 0.244   9.931   5.915   1.000 16.934 ? 112 LYS AAA O   1 
ATOM   745  C CB  . LYS A 1 96  ? -2.320  11.651  4.632   1.000 23.108 ? 112 LYS AAA CB  1 
ATOM   746  C CG  . LYS A 1 96  ? -2.669  11.709  6.113   1.000 28.998 ? 112 LYS AAA CG  1 
ATOM   747  C CD  . LYS A 1 96  ? -4.131  11.957  6.412   1.000 34.371 ? 112 LYS AAA CD  1 
ATOM   748  C CE  . LYS A 1 96  ? -4.396  12.127  7.895   1.000 39.312 ? 112 LYS AAA CE  1 
ATOM   749  N NZ  . LYS A 1 96  ? -5.831  11.964  8.224   1.000 44.221 ? 112 LYS AAA NZ  1 
ATOM   750  N N   . ILE A 1 97  ? -0.948  8.893   4.281   1.000 15.632 ? 113 ILE AAA N   1 
ATOM   751  C CA  . ILE A 1 97  ? -0.771  7.537   4.861   1.000 15.325 ? 113 ILE AAA CA  1 
ATOM   752  C C   . ILE A 1 97  ? 0.681   7.090   4.659   1.000 12.776 ? 113 ILE AAA C   1 
ATOM   753  O O   . ILE A 1 97  ? 1.166   6.355   5.521   1.000 12.802 ? 113 ILE AAA O   1 
ATOM   754  C CB  . ILE A 1 97  ? -1.814  6.518   4.348   1.000 16.898 ? 113 ILE AAA CB  1 
ATOM   755  C CG1 . ILE A 1 97  ? -1.626  6.123   2.883   1.000 16.566 ? 113 ILE AAA CG1 1 
ATOM   756  C CG2 . ILE A 1 97  ? -3.222  7.026   4.641   1.000 19.334 ? 113 ILE AAA CG2 1 
ATOM   757  C CD1 . ILE A 1 97  ? -2.519  4.962   2.456   1.000 16.035 ? 113 ILE AAA CD1 1 
ATOM   758  N N   . LEU A 1 98  ? 1.368   7.557   3.608   1.000 12.863 ? 114 LEU AAA N   1 
ATOM   759  C CA  . LEU A 1 98  ? 2.808   7.231   3.411   1.000 13.025 ? 114 LEU AAA CA  1 
ATOM   760  C C   . LEU A 1 98  ? 3.609   7.706   4.637   1.000 12.932 ? 114 LEU AAA C   1 
ATOM   761  O O   . LEU A 1 98  ? 4.350   6.919   5.217   1.000 13.522 ? 114 LEU AAA O   1 
ATOM   762  C CB  . LEU A 1 98  ? 3.351   7.859   2.124   1.000 12.830 ? 114 LEU AAA CB  1 
ATOM   763  C CG  . LEU A 1 98  ? 4.853   7.657   1.899   1.000 12.895 ? 114 LEU AAA CG  1 
ATOM   764  C CD1 . LEU A 1 98  ? 5.195   6.184   1.788   1.000 14.144 ? 114 LEU AAA CD1 1 
ATOM   765  C CD2 . LEU A 1 98  ? 5.349   8.419   0.677   1.000 13.566 ? 114 LEU AAA CD2 1 
ATOM   766  N N   . HIS A 1 99  ? 3.461   8.973   5.008   1.000 15.897 ? 115 HIS AAA N   1 
ATOM   767  C CA  . HIS A 1 99  ? 4.225   9.569   6.132   1.000 16.288 ? 115 HIS AAA CA  1 
ATOM   768  C C   . HIS A 1 99  ? 3.771   8.947   7.456   1.000 16.031 ? 115 HIS AAA C   1 
ATOM   769  O O   . HIS A 1 99  ? 4.642   8.541   8.224   1.000 16.270 ? 115 HIS AAA O   1 
ATOM   770  C CB  . HIS A 1 99  ? 4.107   11.095  6.089   1.000 17.197 ? 115 HIS AAA CB  1 
ATOM   771  C CG  . HIS A 1 99  ? 4.998   11.709  5.062   1.000 16.436 ? 115 HIS AAA CG  1 
ATOM   772  N ND1 . HIS A 1 99  ? 4.610   11.892  3.753   1.000 19.764 ? 115 HIS AAA ND1 1 
ATOM   773  C CD2 . HIS A 1 99  ? 6.267   12.154  5.150   1.000 15.226 ? 115 HIS AAA CD2 1 
ATOM   774  C CE1 . HIS A 1 99  ? 5.600   12.454  3.081   1.000 17.532 ? 115 HIS AAA CE1 1 
ATOM   775  N NE2 . HIS A 1 99  ? 6.630   12.619  3.922   1.000 18.027 ? 115 HIS AAA NE2 1 
ATOM   776  N N   . ALA A 1 100 ? 2.460   8.865   7.699   1.000 16.978 ? 116 ALA AAA N   1 
ATOM   777  C CA  . ALA A 1 100 ? 1.891   8.347   8.966   1.000 18.155 ? 116 ALA AAA CA  1 
ATOM   778  C C   . ALA A 1 100 ? 2.262   6.869   9.132   1.000 17.304 ? 116 ALA AAA C   1 
ATOM   779  O O   . ALA A 1 100 ? 2.626   6.457   10.247  1.000 17.575 ? 116 ALA AAA O   1 
ATOM   780  C CB  . ALA A 1 100 ? 0.397   8.561   8.999   1.000 19.181 ? 116 ALA AAA CB  1 
ATOM   781  N N   . GLY A 1 101 ? 2.192   6.097   8.045   1.000 16.611 ? 117 GLY AAA N   1 
ATOM   782  C CA  . GLY A 1 101 ? 2.535   4.670   8.030   1.000 15.594 ? 117 GLY AAA CA  1 
ATOM   783  C C   . GLY A 1 101 ? 3.993   4.434   8.366   1.000 15.328 ? 117 GLY AAA C   1 
ATOM   784  O O   . GLY A 1 101 ? 4.263   3.548   9.177   1.000 18.702 ? 117 GLY AAA O   1 
ATOM   785  N N   . PHE A 1 102 ? 4.911   5.184   7.750   1.000 15.330 ? 118 PHE AAA N   1 
ATOM   786  C CA  . PHE A 1 102 ? 6.368   5.066   8.013   1.000 16.613 ? 118 PHE AAA CA  1 
ATOM   787  C C   . PHE A 1 102 ? 6.652   5.464   9.474   1.000 18.847 ? 118 PHE AAA C   1 
ATOM   788  O O   . PHE A 1 102 ? 7.429   4.750   10.108  1.000 21.176 ? 118 PHE AAA O   1 
ATOM   789  C CB  . PHE A 1 102 ? 7.201   5.825   6.974   1.000 16.743 ? 118 PHE AAA CB  1 
ATOM   790  C CG  . PHE A 1 102 ? 7.659   4.967   5.820   1.000 16.154 ? 118 PHE AAA CG  1 
ATOM   791  C CD1 . PHE A 1 102 ? 6.776   4.621   4.803   1.000 16.172 ? 118 PHE AAA CD1 1 
ATOM   792  C CD2 . PHE A 1 102 ? 8.958   4.491   5.747   1.000 16.649 ? 118 PHE AAA CD2 1 
ATOM   793  C CE1 . PHE A 1 102 ? 7.181   3.796   3.766   1.000 15.493 ? 118 PHE AAA CE1 1 
ATOM   794  C CE2 . PHE A 1 102 ? 9.365   3.685   4.695   1.000 16.462 ? 118 PHE AAA CE2 1 
ATOM   795  C CZ  . PHE A 1 102 ? 8.474   3.338   3.706   1.000 14.857 ? 118 PHE AAA CZ  1 
ATOM   796  N N   . LYS A 1 103 ? 6.000   6.506   9.992   1.000 22.435 ? 119 LYS AAA N   1 
ATOM   797  C CA  . LYS A 1 103 ? 6.153   6.934   11.414  1.000 25.318 ? 119 LYS AAA CA  1 
ATOM   798  C C   . LYS A 1 103 ? 5.654   5.813   12.328  1.000 26.022 ? 119 LYS AAA C   1 
ATOM   799  O O   . LYS A 1 103 ? 6.390   5.425   13.261  1.000 26.989 ? 119 LYS AAA O   1 
ATOM   800  C CB  . LYS A 1 103 ? 5.370   8.212   11.707  1.000 29.395 ? 119 LYS AAA CB  1 
ATOM   801  C CG  . LYS A 1 103 ? 5.964   9.484   11.124  1.000 36.424 ? 119 LYS AAA CG  1 
ATOM   802  C CD  . LYS A 1 103 ? 5.300   10.731  11.658  1.000 41.040 ? 119 LYS AAA CD  1 
ATOM   803  C CE  . LYS A 1 103 ? 5.795   11.994  10.992  1.000 44.497 ? 119 LYS AAA CE  1 
ATOM   804  N NZ  . LYS A 1 103 ? 5.233   12.149  9.629   1.000 47.738 ? 119 LYS AAA NZ  1 
ATOM   805  N N   . MET A 1 104 ? 4.463   5.290   12.025  1.000 24.795 ? 120 MET AAA N   1 
ATOM   806  C CA  A MET A 1 104 ? 3.777   4.206   12.782  0.700 25.013 ? 120 MET AAA CA  1 
ATOM   807  C CA  B MET A 1 104 ? 3.809   4.232   12.834  0.300 24.664 ? 120 MET AAA CA  1 
ATOM   808  C C   . MET A 1 104 ? 4.699   2.984   12.874  1.000 26.505 ? 120 MET AAA C   1 
ATOM   809  O O   . MET A 1 104 ? 4.773   2.376   13.962  1.000 29.501 ? 120 MET AAA O   1 
ATOM   810  C CB  A MET A 1 104 ? 2.473   3.820   12.073  0.700 25.608 ? 120 MET AAA CB  1 
ATOM   811  C CB  B MET A 1 104 ? 2.441   3.865   12.262  0.300 23.695 ? 120 MET AAA CB  1 
ATOM   812  C CG  A MET A 1 104 ? 1.600   2.828   12.823  0.700 25.690 ? 120 MET AAA CG  1 
ATOM   813  C CG  B MET A 1 104 ? 1.627   3.001   13.187  0.300 22.907 ? 120 MET AAA CG  1 
ATOM   814  S SD  A MET A 1 104 ? 1.873   1.090   12.379  0.700 21.952 ? 120 MET AAA SD  1 
ATOM   815  S SD  B MET A 1 104 ? 0.416   2.060   12.256  0.300 20.132 ? 120 MET AAA SD  1 
ATOM   816  C CE  A MET A 1 104 ? 1.375   1.045   10.659  0.700 21.449 ? 120 MET AAA CE  1 
ATOM   817  C CE  B MET A 1 104 ? 1.490   1.011   11.275  0.300 20.476 ? 120 MET AAA CE  1 
ATOM   818  N N   . MET A 1 105 ? 5.351   2.637   11.755  1.000 27.525 ? 121 MET AAA N   1 
ATOM   819  C CA  . MET A 1 105 ? 6.255   1.460   11.639  1.000 26.937 ? 121 MET AAA CA  1 
ATOM   820  C C   . MET A 1 105 ? 7.647   1.834   12.170  1.000 33.754 ? 121 MET AAA C   1 
ATOM   821  O O   . MET A 1 105 ? 8.513   0.944   12.205  1.000 35.333 ? 121 MET AAA O   1 
ATOM   822  C CB  . MET A 1 105 ? 6.340   0.935   10.198  1.000 24.605 ? 121 MET AAA CB  1 
ATOM   823  C CG  . MET A 1 105 ? 5.007   0.373   9.703   1.000 19.541 ? 121 MET AAA CG  1 
ATOM   824  S SD  . MET A 1 105 ? 5.040   -0.447  8.085   1.000 16.890 ? 121 MET AAA SD  1 
ATOM   825  C CE  . MET A 1 105 ? 4.984   0.957   6.978   1.000 18.162 ? 121 MET AAA CE  1 
ATOM   826  N N   . SER A 1 106 ? 7.832   3.099   12.570  1.000 38.793 ? 122 SER AAA N   1 
ATOM   827  C CA  . SER A 1 106 ? 8.957   3.605   13.404  1.000 44.344 ? 122 SER AAA CA  1 
ATOM   828  C C   . SER A 1 106 ? 10.258  3.596   12.593  1.000 45.558 ? 122 SER AAA C   1 
ATOM   829  O O   . SER A 1 106 ? 10.407  4.413   11.685  1.000 48.521 ? 122 SER AAA O   1 
ATOM   830  C CB  . SER A 1 106 ? 9.079   2.808   14.681  1.000 46.524 ? 122 SER AAA CB  1 
ATOM   831  O OG  . SER A 1 106 ? 9.576   3.617   15.732  1.000 49.206 ? 122 SER AAA OG  1 
HETATM 832  N N12 . P8Z B 2 .   ? -12.601 3.115   -7.059  1.000 20.283 ? 201 P8Z AAA N12 1 
HETATM 833  C C13 . P8Z B 2 .   ? -13.332 3.279   -5.802  1.000 18.923 ? 201 P8Z AAA C13 1 
HETATM 834  C C20 . P8Z B 2 .   ? -11.928 0.895   -7.873  1.000 18.137 ? 201 P8Z AAA C20 1 
HETATM 835  C C22 . P8Z B 2 .   ? -10.982 -0.115  -7.928  1.000 18.008 ? 201 P8Z AAA C22 1 
HETATM 836  C C24 . P8Z B 2 .   ? -9.772  0.025   -7.287  1.000 17.726 ? 201 P8Z AAA C24 1 
HETATM 837  C C26 . P8Z B 2 .   ? -9.490  1.175   -6.556  1.000 17.481 ? 201 P8Z AAA C26 1 
HETATM 838  C C28 . P8Z B 2 .   ? -10.417 2.212   -6.466  1.000 16.585 ? 201 P8Z AAA C28 1 
HETATM 839  C C01 . P8Z B 2 .   ? -15.462 6.223   -6.853  1.000 25.343 ? 201 P8Z AAA C01 1 
HETATM 840  N N05 . P8Z B 2 .   ? -14.865 4.880   -6.913  1.000 22.544 ? 201 P8Z AAA N05 1 
HETATM 841  C C06 . P8Z B 2 .   ? -14.107 4.707   -8.150  1.000 23.261 ? 201 P8Z AAA C06 1 
HETATM 842  C C09 . P8Z B 2 .   ? -13.484 3.330   -8.217  1.000 22.971 ? 201 P8Z AAA C09 1 
HETATM 843  C C16 . P8Z B 2 .   ? -13.976 4.650   -5.740  1.000 22.308 ? 201 P8Z AAA C16 1 
HETATM 844  C C19 . P8Z B 2 .   ? -11.667 2.059   -7.148  1.000 17.310 ? 201 P8Z AAA C19 1 
HETATM 845  C C29 . P8Z B 2 .   ? -10.094 3.453   -5.672  1.000 15.405 ? 201 P8Z AAA C29 1 
HETATM 846  N N32 . P8Z B 2 .   ? -8.687  3.827   -5.709  1.000 13.905 ? 201 P8Z AAA N32 1 
HETATM 847  C C34 . P8Z B 2 .   ? -8.055  4.368   -6.765  1.000 14.015 ? 201 P8Z AAA C34 1 
HETATM 848  C C35 . P8Z B 2 .   ? -8.732  4.573   -8.011  1.000 15.034 ? 201 P8Z AAA C35 1 
HETATM 849  N N37 . P8Z B 2 .   ? -8.200  5.093   -9.057  1.000 16.041 ? 201 P8Z AAA N37 1 
HETATM 850  N N38 . P8Z B 2 .   ? -6.895  5.474   -8.953  1.000 16.241 ? 201 P8Z AAA N38 1 
HETATM 851  C C39 . P8Z B 2 .   ? -6.333  6.071   -10.166 1.000 15.617 ? 201 P8Z AAA C39 1 
HETATM 852  C C43 . P8Z B 2 .   ? -6.107  5.342   -7.835  1.000 15.252 ? 201 P8Z AAA C43 1 
HETATM 853  O O44 . P8Z B 2 .   ? -4.949  5.720   -7.835  1.000 15.703 ? 201 P8Z AAA O44 1 
HETATM 854  C C45 . P8Z B 2 .   ? -6.773  4.759   -6.681  1.000 14.869 ? 201 P8Z AAA C45 1 
HETATM 855  C C46 . P8Z B 2 .   ? -5.965  4.601   -5.420  1.000 15.731 ? 201 P8Z AAA C46 1 
HETATM 856  O O   . HOH C 3 .   ? 9.079   3.314   9.509   1.000 35.102 ? 301 HOH AAA O   1 
HETATM 857  O O   . HOH C 3 .   ? -3.434  -2.043  -10.662 1.000 25.845 ? 302 HOH AAA O   1 
HETATM 858  O O   . HOH C 3 .   ? 12.483  3.401   6.404   1.000 40.454 ? 303 HOH AAA O   1 
HETATM 859  O O   . HOH C 3 .   ? -4.457  -9.783  8.815   1.000 39.418 ? 304 HOH AAA O   1 
HETATM 860  O O   . HOH C 3 .   ? 4.285   14.213  -5.393  1.000 38.643 ? 305 HOH AAA O   1 
HETATM 861  O O   . HOH C 3 .   ? 0.846   -2.083  -14.446 1.000 35.111 ? 306 HOH AAA O   1 
HETATM 862  O O   . HOH C 3 .   ? 14.189  -4.916  7.433   1.000 18.337 ? 307 HOH AAA O   1 
HETATM 863  O O   . HOH C 3 .   ? -2.913  -8.933  -6.687  1.000 39.010 ? 308 HOH AAA O   1 
HETATM 864  O O   . HOH C 3 .   ? -0.316  -10.030 14.359  1.000 32.658 ? 309 HOH AAA O   1 
HETATM 865  O O   . HOH C 3 .   ? 3.559   -4.845  -8.915  1.000 28.346 ? 310 HOH AAA O   1 
HETATM 866  O O   . HOH C 3 .   ? -2.464  2.602   14.424  1.000 39.672 ? 311 HOH AAA O   1 
HETATM 867  O O   . HOH C 3 .   ? -17.010 3.456   -6.854  1.000 25.525 ? 312 HOH AAA O   1 
HETATM 868  O O   . HOH C 3 .   ? 3.165   -12.564 -5.190  1.000 45.451 ? 313 HOH AAA O   1 
HETATM 869  O O   . HOH C 3 .   ? -2.004  -6.963  16.498  1.000 49.596 ? 314 HOH AAA O   1 
HETATM 870  O O   . HOH C 3 .   ? -2.659  4.407   -7.552  1.000 13.547 ? 315 HOH AAA O   1 
HETATM 871  O O   . HOH C 3 .   ? -9.859  6.356   -11.229 1.000 27.550 ? 316 HOH AAA O   1 
HETATM 872  O O   . HOH C 3 .   ? -6.932  -12.615 0.018   1.000 29.251 ? 317 HOH AAA O   1 
HETATM 873  O O   . HOH C 3 .   ? -9.591  -4.561  -8.156  1.000 17.324 ? 318 HOH AAA O   1 
HETATM 874  O O   . HOH C 3 .   ? 1.524   -14.302 -3.898  1.000 43.708 ? 319 HOH AAA O   1 
HETATM 875  O O   . HOH C 3 .   ? -5.554  -6.533  3.156   1.000 31.509 ? 320 HOH AAA O   1 
HETATM 876  O O   . HOH C 3 .   ? -10.527 3.375   10.372  1.000 24.876 ? 321 HOH AAA O   1 
HETATM 877  O O   . HOH C 3 .   ? 0.735   11.961  7.515   1.000 23.442 ? 322 HOH AAA O   1 
HETATM 878  O O   . HOH C 3 .   ? 5.960   -10.882 15.557  1.000 23.346 ? 323 HOH AAA O   1 
HETATM 879  O O   . HOH C 3 .   ? 3.917   13.247  -8.054  1.000 31.142 ? 324 HOH AAA O   1 
HETATM 880  O O   . HOH C 3 .   ? -7.230  11.324  6.071   1.000 41.557 ? 325 HOH AAA O   1 
HETATM 881  O O   . HOH C 3 .   ? -2.104  -3.696  -7.177  1.000 15.311 ? 326 HOH AAA O   1 
HETATM 882  O O   . HOH C 3 .   ? 15.237  -10.229 2.412   1.000 29.591 ? 327 HOH AAA O   1 
HETATM 883  O O   . HOH C 3 .   ? 16.068  -1.087  5.632   1.000 22.686 ? 328 HOH AAA O   1 
HETATM 884  O O   . HOH C 3 .   ? -12.126 7.421   -9.202  1.000 31.052 ? 329 HOH AAA O   1 
HETATM 885  O O   . HOH C 3 .   ? -6.152  0.735   -4.876  1.000 11.585 ? 330 HOH AAA O   1 
HETATM 886  O O   . HOH C 3 .   ? 1.690   7.553   12.500  1.000 47.542 ? 331 HOH AAA O   1 
HETATM 887  O O   . HOH C 3 .   ? -7.506  10.925  -10.392 1.000 27.607 ? 332 HOH AAA O   1 
HETATM 888  O O   . HOH C 3 .   ? 0.784   14.155  -9.654  1.000 30.895 ? 333 HOH AAA O   1 
HETATM 889  O O   . HOH C 3 .   ? -12.195 0.169   4.672   1.000 27.846 ? 334 HOH AAA O   1 
HETATM 890  O O   . HOH C 3 .   ? 9.120   1.309   -3.008  1.000 14.872 ? 335 HOH AAA O   1 
HETATM 891  O O   . HOH C 3 .   ? -12.803 -2.501  -12.957 1.000 37.172 ? 336 HOH AAA O   1 
HETATM 892  O O   . HOH C 3 .   ? -0.878  0.760   -7.522  1.000 10.914 ? 337 HOH AAA O   1 
HETATM 893  O O   . HOH C 3 .   ? -2.694  -11.320 13.148  1.000 38.907 ? 338 HOH AAA O   1 
HETATM 894  O O   . HOH C 3 .   ? -1.831  14.961  1.861   1.000 29.174 ? 339 HOH AAA O   1 
HETATM 895  O O   . HOH C 3 .   ? 0.292   -18.199 6.129   1.000 47.844 ? 340 HOH AAA O   1 
HETATM 896  O O   . HOH C 3 .   ? -16.821 4.727   1.288   1.000 35.382 ? 341 HOH AAA O   1 
HETATM 897  O O   . HOH C 3 .   ? 15.515  -6.573  3.176   1.000 32.845 ? 342 HOH AAA O   1 
HETATM 898  O O   . HOH C 3 .   ? -1.587  17.775  -2.442  1.000 33.921 ? 343 HOH AAA O   1 
HETATM 899  O O   . HOH C 3 .   ? 9.200   -5.164  -1.548  1.000 18.835 ? 344 HOH AAA O   1 
HETATM 900  O O   . HOH C 3 .   ? -15.550 3.153   -0.389  1.000 46.685 ? 345 HOH AAA O   1 
HETATM 901  O O   . HOH C 3 .   ? 8.328   3.372   -4.753  1.000 19.322 ? 346 HOH AAA O   1 
HETATM 902  O O   . HOH C 3 .   ? 14.931  -8.053  -0.972  1.000 34.991 ? 347 HOH AAA O   1 
HETATM 903  O O   . HOH C 3 .   ? -4.499  -1.764  -14.135 1.000 35.040 ? 348 HOH AAA O   1 
HETATM 904  O O   . HOH C 3 .   ? -2.733  8.304   10.529  1.000 33.858 ? 349 HOH AAA O   1 
HETATM 905  O O   . HOH C 3 .   ? 6.632   -5.938  -5.091  1.000 21.817 ? 350 HOH AAA O   1 
HETATM 906  O O   . HOH C 3 .   ? 8.461   -3.150  -3.498  1.000 19.610 ? 351 HOH AAA O   1 
HETATM 907  O O   . HOH C 3 .   ? -5.992  8.748   7.067   1.000 30.395 ? 352 HOH AAA O   1 
HETATM 908  O O   . HOH C 3 .   ? -1.795  2.762   -5.487  1.000 13.314 ? 353 HOH AAA O   1 
HETATM 909  O O   . HOH C 3 .   ? -10.809 3.497   -18.643 1.000 39.348 ? 354 HOH AAA O   1 
HETATM 910  O O   . HOH C 3 .   ? -2.596  -11.308 -4.814  1.000 28.828 ? 355 HOH AAA O   1 
HETATM 911  O O   . HOH C 3 .   ? -0.208  5.784   13.505  1.000 38.187 ? 356 HOH AAA O   1 
HETATM 912  O O   . HOH C 3 .   ? 7.864   9.122   -1.946  1.000 21.551 ? 357 HOH AAA O   1 
HETATM 913  O O   . HOH C 3 .   ? -7.689  -2.594  9.554   1.000 22.672 ? 358 HOH AAA O   1 
HETATM 914  O O   . HOH C 3 .   ? -1.644  -15.632 -0.441  1.000 21.692 ? 359 HOH AAA O   1 
HETATM 915  O O   . HOH C 3 .   ? 11.909  4.621   -2.687  1.000 23.585 ? 360 HOH AAA O   1 
HETATM 916  O O   . HOH C 3 .   ? 5.989   -12.766 5.045   1.000 22.792 ? 361 HOH AAA O   1 
HETATM 917  O O   . HOH C 3 .   ? -3.153  -4.730  14.992  1.000 30.363 ? 362 HOH AAA O   1 
HETATM 918  O O   . HOH C 3 .   ? 1.926   -15.333 19.002  1.000 28.952 ? 363 HOH AAA O   1 
HETATM 919  O O   . HOH C 3 .   ? 9.098   -9.590  -1.026  1.000 46.810 ? 364 HOH AAA O   1 
HETATM 920  O O   . HOH C 3 .   ? -3.605  3.462   12.253  1.000 23.978 ? 365 HOH AAA O   1 
HETATM 921  O O   . HOH C 3 .   ? -10.030 6.129   3.026   1.000 12.984 ? 366 HOH AAA O   1 
HETATM 922  O O   . HOH C 3 .   ? -7.670  -5.085  1.340   1.000 15.547 ? 367 HOH AAA O   1 
HETATM 923  O O   . HOH C 3 .   ? -6.444  14.403  6.991   1.000 34.961 ? 368 HOH AAA O   1 
HETATM 924  O O   . HOH C 3 .   ? -3.538  -7.583  8.399   1.000 24.854 ? 369 HOH AAA O   1 
HETATM 925  O O   . HOH C 3 .   ? 5.081   1.499   -10.475 1.000 16.373 ? 370 HOH AAA O   1 
HETATM 926  O O   . HOH C 3 .   ? -9.572  -0.125  5.295   1.000 22.552 ? 371 HOH AAA O   1 
HETATM 927  O O   . HOH C 3 .   ? -13.694 1.460   7.298   1.000 37.488 ? 372 HOH AAA O   1 
HETATM 928  O O   . HOH C 3 .   ? 2.463   11.621  9.760   1.000 27.145 ? 373 HOH AAA O   1 
HETATM 929  O O   . HOH C 3 .   ? -7.906  -0.266  2.946   1.000 15.163 ? 374 HOH AAA O   1 
HETATM 930  O O   . HOH C 3 .   ? 9.429   -14.631 6.257   1.000 43.231 ? 375 HOH AAA O   1 
HETATM 931  O O   . HOH C 3 .   ? -5.336  -5.795  7.289   1.000 26.456 ? 376 HOH AAA O   1 
HETATM 932  O O   . HOH C 3 .   ? -5.812  -13.671 -3.901  1.000 31.243 ? 377 HOH AAA O   1 
HETATM 933  O O   . HOH C 3 .   ? 5.726   4.541   -8.302  1.000 29.236 ? 378 HOH AAA O   1 
HETATM 934  O O   . HOH C 3 .   ? 13.653  -0.121  8.004   1.000 44.671 ? 379 HOH AAA O   1 
HETATM 935  O O   . HOH C 3 .   ? 11.815  -0.054  2.606   1.000 24.538 ? 380 HOH AAA O   1 
HETATM 936  O O   . HOH C 3 .   ? 5.710   2.998   -12.669 1.000 49.703 ? 381 HOH AAA O   1 
HETATM 937  O O   . HOH C 3 .   ? -9.693  -0.382  -3.624  1.000 15.976 ? 382 HOH AAA O   1 
HETATM 938  O O   . HOH C 3 .   ? -3.498  0.913   -4.562  1.000 11.886 ? 383 HOH AAA O   1 
HETATM 939  O O   . HOH C 3 .   ? 7.411   11.954  7.782   1.000 24.875 ? 384 HOH AAA O   1 
HETATM 940  O O   . HOH C 3 .   ? -6.896  -3.323  -15.722 1.000 30.338 ? 385 HOH AAA O   1 
HETATM 941  O O   . HOH C 3 .   ? 4.844   17.907  2.225   1.000 45.265 ? 386 HOH AAA O   1 
HETATM 942  O O   . HOH C 3 .   ? -6.410  -9.713  -0.156  1.000 25.201 ? 387 HOH AAA O   1 
HETATM 943  O O   . HOH C 3 .   ? 11.165  -17.818 5.069   1.000 27.678 ? 388 HOH AAA O   1 
HETATM 944  O O   . HOH C 3 .   ? 12.868  -7.496  9.125   1.000 18.898 ? 389 HOH AAA O   1 
HETATM 945  O O   . HOH C 3 .   ? 0.495   -1.953  -19.801 1.000 53.500 ? 390 HOH AAA O   1 
HETATM 946  O O   . HOH C 3 .   ? -9.636  16.653  -3.120  1.000 36.426 ? 391 HOH AAA O   1 
HETATM 947  O O   . HOH C 3 .   ? -9.967  2.682   12.928  1.000 41.235 ? 392 HOH AAA O   1 
HETATM 948  O O   . HOH C 3 .   ? 4.767   -8.392  -5.812  1.000 30.048 ? 393 HOH AAA O   1 
HETATM 949  O O   . HOH C 3 .   ? 8.442   -7.626  -2.262  1.000 28.354 ? 394 HOH AAA O   1 
HETATM 950  O O   . HOH C 3 .   ? 3.770   -9.809  15.675  1.000 50.649 ? 395 HOH AAA O   1 
HETATM 951  O O   . HOH C 3 .   ? 13.115  4.841   10.638  1.000 45.236 ? 396 HOH AAA O   1 
HETATM 952  O O   . HOH C 3 .   ? 2.306   -19.090 7.728   1.000 57.669 ? 397 HOH AAA O   1 
HETATM 953  O O   . HOH C 3 .   ? -0.271  -14.936 7.954   1.000 52.612 ? 398 HOH AAA O   1 
HETATM 954  O O   . HOH C 3 .   ? -1.347  10.242  -15.190 1.000 49.369 ? 399 HOH AAA O   1 
HETATM 955  O O   . HOH C 3 .   ? -2.569  16.011  -15.952 1.000 52.376 ? 400 HOH AAA O   1 
HETATM 956  O O   . HOH C 3 .   ? 10.126  -14.296 11.469  1.000 29.079 ? 401 HOH AAA O   1 
HETATM 957  O O   . HOH C 3 .   ? 6.227   6.125   -10.090 1.000 38.950 ? 402 HOH AAA O   1 
HETATM 958  O O   . HOH C 3 .   ? -3.135  -1.221  -7.950  1.000 12.839 ? 403 HOH AAA O   1 
HETATM 959  O O   . HOH C 3 .   ? -7.946  12.536  0.778   1.000 29.764 ? 404 HOH AAA O   1 
HETATM 960  O O   . HOH C 3 .   ? 9.338   7.246   -6.056  1.000 46.517 ? 405 HOH AAA O   1 
HETATM 961  O O   . HOH C 3 .   ? -13.145 2.410   -2.382  1.000 22.825 ? 406 HOH AAA O   1 
HETATM 962  O O   . HOH C 3 .   ? 7.678   -19.650 3.119   1.000 35.955 ? 407 HOH AAA O   1 
HETATM 963  O O   . HOH C 3 .   ? -10.313 13.447  -6.465  1.000 33.992 ? 408 HOH AAA O   1 
HETATM 964  O O   . HOH C 3 .   ? 7.495   -17.994 0.662   1.000 46.925 ? 409 HOH AAA O   1 
HETATM 965  O O   . HOH C 3 .   ? 0.639   -6.406  -7.846  1.000 39.591 ? 410 HOH AAA O   1 
HETATM 966  O O   . HOH C 3 .   ? 11.233  4.504   8.752   1.000 44.722 ? 411 HOH AAA O   1 
HETATM 967  O O   . HOH C 3 .   ? 4.159   14.689  8.293   1.000 38.224 ? 412 HOH AAA O   1 
HETATM 968  O O   . HOH C 3 .   ? 0.343   18.139  2.651   1.000 43.905 ? 413 HOH AAA O   1 
HETATM 969  O O   . HOH C 3 .   ? -15.953 1.248   0.937   1.000 47.340 ? 414 HOH AAA O   1 
HETATM 970  O O   . HOH C 3 .   ? -16.817 6.558   -0.478  1.000 60.862 ? 415 HOH AAA O   1 
HETATM 971  O O   . HOH C 3 .   ? -8.174  9.010   5.897   1.000 40.955 ? 416 HOH AAA O   1 
HETATM 972  O O   . HOH C 3 .   ? -3.731  -4.020  -17.344 1.000 41.893 ? 417 HOH AAA O   1 
HETATM 973  O O   . HOH C 3 .   ? 5.800   -18.096 -1.589  1.000 41.017 ? 418 HOH AAA O   1 
HETATM 974  O O   . HOH C 3 .   ? -5.834  12.892  -11.620 1.000 29.315 ? 419 HOH AAA O   1 
HETATM 975  O O   . HOH C 3 .   ? -6.159  12.239  11.382  1.000 53.658 ? 420 HOH AAA O   1 
HETATM 976  O O   . HOH C 3 .   ? 3.983   11.702  -12.617 1.000 38.300 ? 421 HOH AAA O   1 
HETATM 977  O O   . HOH C 3 .   ? -3.557  19.612  -9.244  1.000 52.294 ? 422 HOH AAA O   1 
HETATM 978  O O   . HOH C 3 .   ? 6.432   4.007   16.415  1.000 50.248 ? 423 HOH AAA O   1 
HETATM 979  O O   . HOH C 3 .   ? 2.579   0.030   15.839  1.000 43.336 ? 424 HOH AAA O   1 
HETATM 980  O O   . HOH C 3 .   ? 5.963   9.768   -5.547  1.000 38.335 ? 425 HOH AAA O   1 
HETATM 981  O O   . HOH C 3 .   ? 9.703   -17.708 -0.406  1.000 30.855 ? 426 HOH AAA O   1 
HETATM 982  O O   . HOH C 3 .   ? 11.643  7.152   -5.017  1.000 40.138 ? 427 HOH AAA O   1 
HETATM 983  O O   . HOH C 3 .   ? 0.173   -19.171 14.129  1.000 43.719 ? 428 HOH AAA O   1 
HETATM 984  O O   . HOH C 3 .   ? 10.842  4.473   -5.085  1.000 52.190 ? 429 HOH AAA O   1 
HETATM 985  O O   . HOH C 3 .   ? -6.352  12.732  2.717   1.000 35.745 ? 430 HOH AAA O   1 
HETATM 986  O O   . HOH C 3 .   ? 14.722  -9.404  8.434   1.000 40.692 ? 431 HOH AAA O   1 
HETATM 987  O O   . HOH C 3 .   ? 9.676   7.299   9.613   1.000 29.806 ? 432 HOH AAA O   1 
HETATM 988  O O   . HOH C 3 .   ? -9.758  -0.941  7.992   1.000 37.965 ? 433 HOH AAA O   1 
HETATM 989  O O   . HOH C 3 .   ? -7.797  15.995  -11.173 1.000 42.920 ? 434 HOH AAA O   1 
HETATM 990  O O   . HOH C 3 .   ? 7.252   8.206   -7.349  1.000 53.624 ? 435 HOH AAA O   1 
HETATM 991  O O   . HOH C 3 .   ? 6.732   13.557  0.443   1.000 31.128 ? 436 HOH AAA O   1 
HETATM 992  O O   . HOH C 3 .   ? 7.934   1.367   -9.240  1.000 49.520 ? 437 HOH AAA O   1 
HETATM 993  O O   . HOH C 3 .   ? -5.954  -5.223  -11.904 1.000 39.510 ? 438 HOH AAA O   1 
HETATM 994  O O   . HOH C 3 .   ? -6.076  -8.112  -4.255  1.000 39.138 ? 439 HOH AAA O   1 
HETATM 995  O O   . HOH C 3 .   ? 8.004   9.814   7.576   1.000 36.980 ? 440 HOH AAA O   1 
HETATM 996  O O   . HOH C 3 .   ? 11.489  6.724   16.041  1.000 52.635 ? 441 HOH AAA O   1 
HETATM 997  O O   . HOH C 3 .   ? 8.319   -3.337  -7.801  1.000 49.918 ? 442 HOH AAA O   1 
HETATM 998  O O   . HOH C 3 .   ? 10.659  1.993   1.297   1.000 19.753 ? 443 HOH AAA O   1 
HETATM 999  O O   . HOH C 3 .   ? -13.221 9.314   -4.535  1.000 46.031 ? 444 HOH AAA O   1 
HETATM 1000 O O   . HOH C 3 .   ? -0.925  -18.310 0.414   1.000 28.961 ? 445 HOH AAA O   1 
HETATM 1001 O O   . HOH C 3 .   ? 9.690   -0.928  -4.535  1.000 20.598 ? 446 HOH AAA O   1 
HETATM 1002 O O   . HOH C 3 .   ? 13.186  -9.016  -2.948  1.000 41.738 ? 447 HOH AAA O   1 
HETATM 1003 O O   . HOH C 3 .   ? -13.158 0.628   -19.759 1.000 54.358 ? 448 HOH AAA O   1 
HETATM 1004 O O   . HOH C 3 .   ? -1.304  16.948  0.236   1.000 40.898 ? 449 HOH AAA O   1 
HETATM 1005 O O   . HOH C 3 .   ? 13.371  -3.827  0.032   1.000 23.192 ? 450 HOH AAA O   1 
HETATM 1006 O O   . HOH C 3 .   ? -3.185  9.032   7.989   1.000 37.725 ? 451 HOH AAA O   1 
HETATM 1007 O O   . HOH C 3 .   ? -5.198  8.257   9.470   1.000 45.767 ? 452 HOH AAA O   1 
HETATM 1008 O O   . HOH C 3 .   ? 9.049   -7.606  -5.074  1.000 37.917 ? 453 HOH AAA O   1 
HETATM 1009 O O   . HOH C 3 .   ? 16.804  -6.151  5.927   1.000 40.214 ? 454 HOH AAA O   1 
HETATM 1010 O O   . HOH C 3 .   ? 9.297   -0.725  -7.463  1.000 33.462 ? 455 HOH AAA O   1 
HETATM 1011 O O   . HOH C 3 .   ? 2.622   19.128  -5.805  1.000 47.388 ? 456 HOH AAA O   1 
HETATM 1012 O O   . HOH C 3 .   ? -5.668  5.305   12.218  1.000 45.536 ? 457 HOH AAA O   1 
HETATM 1013 O O   . HOH C 3 .   ? 0.878   18.891  -2.851  1.000 31.496 ? 458 HOH AAA O   1 
HETATM 1014 O O   . HOH C 3 .   ? -3.176  -4.846  -11.015 1.000 38.529 ? 459 HOH AAA O   1 
HETATM 1015 O O   . HOH C 3 .   ? -9.843  17.903  1.179   1.000 58.704 ? 460 HOH AAA O   1 
HETATM 1016 O O   . HOH C 3 .   ? 1.463   13.962  5.793   1.000 45.168 ? 461 HOH AAA O   1 
HETATM 1017 O O   . HOH C 3 .   ? -2.158  -2.064  -13.263 1.000 30.565 ? 462 HOH AAA O   1 
HETATM 1018 O O   . HOH C 3 .   ? -11.351 1.155   8.824   1.000 34.349 ? 463 HOH AAA O   1 
HETATM 1019 O O   . HOH C 3 .   ? 15.376  -5.502  0.734   1.000 40.945 ? 464 HOH AAA O   1 
HETATM 1020 O O   . HOH C 3 .   ? 0.400   -12.085 -4.226  1.000 43.194 ? 465 HOH AAA O   1 
HETATM 1021 O O   . HOH C 3 .   ? -1.891  11.320  9.697   1.000 46.513 ? 466 HOH AAA O   1 
HETATM 1022 O O   . HOH C 3 .   ? -1.904  -5.693  -8.998  1.000 24.960 ? 467 HOH AAA O   1 
HETATM 1023 O O   . HOH C 3 .   ? -8.864  8.762   -12.125 1.000 34.187 ? 468 HOH AAA O   1 
HETATM 1024 O O   . HOH C 3 .   ? 0.651   16.624  -16.120 1.000 51.173 ? 469 HOH AAA O   1 
HETATM 1025 O O   . HOH C 3 .   ? -4.222  -15.637 -4.482  1.000 47.103 ? 470 HOH AAA O   1 
HETATM 1026 O O   . HOH C 3 .   ? 8.116   3.535   -7.617  1.000 28.433 ? 471 HOH AAA O   1 
HETATM 1027 O O   . HOH C 3 .   ? 9.915   8.733   11.804  1.000 36.423 ? 472 HOH AAA O   1 
HETATM 1028 O O   . HOH C 3 .   ? -8.814  -2.706  12.304  1.000 52.266 ? 473 HOH AAA O   1 
HETATM 1029 O O   . HOH C 3 .   ? 11.239  1.962   -1.630  1.000 18.026 ? 474 HOH AAA O   1 
HETATM 1030 O O   . HOH C 3 .   ? 17.177  -11.277 0.465   1.000 23.339 ? 475 HOH AAA O   1 
HETATM 1031 O O   . HOH C 3 .   ? 1.173   10.218  12.166  1.000 43.664 ? 476 HOH AAA O   1 
HETATM 1032 O O   . HOH C 3 .   ? -7.340  -7.875  1.939   1.000 26.203 ? 477 HOH AAA O   1 
HETATM 1033 O O   . HOH C 3 .   ? -9.660  11.419  -8.954  1.000 34.237 ? 478 HOH AAA O   1 
HETATM 1034 O O   . HOH C 3 .   ? -8.144  12.599  4.420   1.000 39.721 ? 479 HOH AAA O   1 
HETATM 1035 O O   . HOH C 3 .   ? 6.275   -5.035  -7.422  1.000 37.339 ? 480 HOH AAA O   1 
HETATM 1036 O O   . HOH C 3 .   ? -7.882  -8.994  -2.515  1.000 32.902 ? 481 HOH AAA O   1 
HETATM 1037 O O   . HOH C 3 .   ? -1.825  -15.848 -3.081  1.000 35.930 ? 482 HOH AAA O   1 
HETATM 1038 O O   . HOH C 3 .   ? 17.338  -9.299  -1.227  1.000 25.751 ? 483 HOH AAA O   1 
HETATM 1039 O O   . HOH C 3 .   ? 9.572   -4.792  -5.812  1.000 46.556 ? 484 HOH AAA O   1 
HETATM 1040 O O   . HOH C 3 .   ? 1.960   -10.497 -5.949  1.000 34.626 ? 485 HOH AAA O   1 
HETATM 1041 O O   . HOH C 3 .   ? 1.666   -18.827 -3.403  1.000 38.638 ? 486 HOH AAA O   1 
HETATM 1042 O O   . HOH C 3 .   ? -0.239  -10.303 -7.613  1.000 44.999 ? 487 HOH AAA O   1 
HETATM 1043 O O   . HOH C 3 .   ? 12.070  -4.544  -1.993  1.000 25.710 ? 488 HOH AAA O   1 
HETATM 1044 O O   . HOH C 3 .   ? 11.477  -15.640 7.150   1.000 44.110 ? 489 HOH AAA O   1 
HETATM 1045 O O   . HOH C 3 .   ? 2.478   -8.159  -7.167  1.000 44.384 ? 490 HOH AAA O   1 
HETATM 1046 O O   . HOH C 3 .   ? -12.297 4.973   11.363  1.000 42.269 ? 491 HOH AAA O   1 
HETATM 1047 O O   . HOH C 3 .   ? 5.806   11.984  -4.445  1.000 42.658 ? 492 HOH AAA O   1 
HETATM 1048 O O   . HOH C 3 .   ? 9.055   -10.888 -4.959  1.000 44.214 ? 493 HOH AAA O   1 
HETATM 1049 O O   . HOH C 3 .   ? -0.819  -3.982  -14.422 1.000 61.005 ? 494 HOH AAA O   1 
HETATM 1050 O O   . HOH C 3 .   ? -8.963  14.825  0.818   1.000 37.938 ? 495 HOH AAA O   1 
HETATM 1051 O O   . HOH C 3 .   ? -2.336  -19.808 5.927   1.000 41.889 ? 496 HOH AAA O   1 
HETATM 1052 O O   . HOH C 3 .   ? -5.233  -9.187  -8.262  1.000 37.589 ? 497 HOH AAA O   1 
HETATM 1053 O O   . HOH C 3 .   ? -0.101  -5.039  -20.485 1.000 38.488 ? 498 HOH AAA O   1 
HETATM 1054 O O   . HOH C 3 .   ? 15.284  -5.770  -2.232  1.000 52.543 ? 499 HOH AAA O   1 
HETATM 1055 O O   . HOH C 3 .   ? -6.500  -13.457 -6.743  1.000 27.999 ? 500 HOH AAA O   1 
HETATM 1056 O O   . HOH C 3 .   ? 9.354   7.429   -8.698  1.000 69.882 ? 501 HOH AAA O   1 
HETATM 1057 O O   . HOH C 3 .   ? 0.595   -6.147  -13.145 1.000 40.074 ? 502 HOH AAA O   1 
HETATM 1058 O O   . HOH C 3 .   ? 12.198  -1.840  -3.380  1.000 38.795 ? 503 HOH AAA O   1 
HETATM 1059 O O   . HOH C 3 .   ? -12.227 10.741  -12.687 1.000 46.752 ? 504 HOH AAA O   1 
# 
